data_1OQK
#
_entry.id   1OQK
#
_entity_poly.entity_id   1
_entity_poly.type   'polypeptide(L)'
_entity_poly.pdbx_seq_one_letter_code
;GSHMLITPRNIFRHELIGLSVRIARSVHRDIQGISGRVVDETRNTLRIEMDDGREITVPKGIAVFHFRTPQGELVEIDGR
ALVARPEERIKKKFRKP
;
_entity_poly.pdbx_strand_id   A
#
# COMPACT_ATOMS: atom_id res chain seq x y z
N ARG A 13 9.31 3.87 14.49
CA ARG A 13 8.49 3.80 13.30
C ARG A 13 8.38 2.37 12.78
N HIS A 14 9.52 1.74 12.55
CA HIS A 14 9.55 0.36 12.07
C HIS A 14 8.92 0.26 10.67
N GLU A 15 9.63 -0.39 9.75
CA GLU A 15 9.13 -0.55 8.39
C GLU A 15 7.70 -1.08 8.36
N LEU A 16 7.20 -1.34 7.16
CA LEU A 16 5.84 -1.85 7.01
C LEU A 16 5.81 -3.11 6.14
N ILE A 17 6.91 -3.87 6.18
CA ILE A 17 7.00 -5.10 5.40
C ILE A 17 6.32 -6.25 6.12
N GLY A 18 5.11 -6.60 5.67
CA GLY A 18 4.38 -7.69 6.29
C GLY A 18 3.08 -7.22 6.92
N LEU A 19 3.01 -5.93 7.25
CA LEU A 19 1.81 -5.36 7.86
C LEU A 19 0.60 -5.55 6.95
N SER A 20 -0.59 -5.33 7.51
CA SER A 20 -1.82 -5.45 6.74
C SER A 20 -2.17 -4.11 6.12
N VAL A 21 -2.78 -4.14 4.94
CA VAL A 21 -3.15 -2.91 4.25
C VAL A 21 -4.44 -3.08 3.45
N ARG A 22 -5.32 -2.09 3.55
CA ARG A 22 -6.60 -2.13 2.84
C ARG A 22 -6.75 -0.92 1.94
N ILE A 23 -7.20 -1.16 0.70
CA ILE A 23 -7.39 -0.09 -0.27
C ILE A 23 -8.85 0.32 -0.34
N ALA A 24 -9.10 1.63 -0.39
CA ALA A 24 -10.45 2.16 -0.47
C ALA A 24 -10.81 2.52 -1.91
N ARG A 25 -9.80 2.91 -2.66
CA ARG A 25 -9.98 3.28 -4.07
C ARG A 25 -8.62 3.40 -4.76
N SER A 26 -8.50 2.77 -5.92
CA SER A 26 -7.25 2.79 -6.68
C SER A 26 -7.49 3.20 -8.13
N VAL A 27 -6.41 3.56 -8.81
CA VAL A 27 -6.47 3.98 -10.21
C VAL A 27 -7.19 2.94 -11.07
N HIS A 28 -6.83 1.67 -10.89
CA HIS A 28 -7.44 0.59 -11.65
C HIS A 28 -8.55 -0.09 -10.85
N ARG A 29 -9.66 -0.37 -11.52
CA ARG A 29 -10.80 -1.00 -10.87
C ARG A 29 -10.48 -2.44 -10.47
N ASP A 30 -9.55 -3.05 -11.19
CA ASP A 30 -9.15 -4.42 -10.92
C ASP A 30 -8.54 -4.55 -9.53
N ILE A 31 -7.99 -3.44 -9.04
CA ILE A 31 -7.37 -3.41 -7.74
C ILE A 31 -8.16 -2.52 -6.77
N GLN A 32 -9.00 -1.66 -7.32
CA GLN A 32 -9.82 -0.75 -6.52
C GLN A 32 -10.57 -1.50 -5.42
N GLY A 33 -10.40 -1.04 -4.18
CA GLY A 33 -11.07 -1.67 -3.07
C GLY A 33 -10.44 -2.98 -2.65
N ILE A 34 -9.20 -3.21 -3.08
CA ILE A 34 -8.48 -4.43 -2.74
C ILE A 34 -8.03 -4.41 -1.28
N SER A 35 -7.80 -5.60 -0.73
CA SER A 35 -7.34 -5.72 0.66
C SER A 35 -6.35 -6.86 0.77
N GLY A 36 -5.29 -6.66 1.55
CA GLY A 36 -4.29 -7.68 1.72
C GLY A 36 -3.16 -7.26 2.64
N ARG A 37 -2.04 -7.97 2.54
CA ARG A 37 -0.87 -7.68 3.37
C ARG A 37 0.20 -6.92 2.59
N VAL A 38 1.21 -6.49 3.30
CA VAL A 38 2.28 -5.66 2.71
C VAL A 38 3.55 -6.46 2.39
N VAL A 39 4.32 -5.96 1.43
CA VAL A 39 5.59 -6.59 1.06
C VAL A 39 6.66 -5.53 0.86
N ASP A 40 6.32 -4.49 0.10
CA ASP A 40 7.25 -3.41 -0.17
C ASP A 40 6.50 -2.14 -0.58
N GLU A 41 7.17 -1.00 -0.51
CA GLU A 41 6.57 0.27 -0.89
C GLU A 41 7.43 1.02 -1.89
N THR A 42 6.82 1.50 -2.97
CA THR A 42 7.55 2.23 -4.01
C THR A 42 6.95 3.62 -4.21
N ARG A 43 7.77 4.54 -4.73
CA ARG A 43 7.35 5.91 -4.97
C ARG A 43 5.98 5.97 -5.64
N ASN A 44 5.77 5.12 -6.64
CA ASN A 44 4.50 5.10 -7.36
C ASN A 44 3.94 3.69 -7.50
N THR A 45 4.25 2.83 -6.53
CA THR A 45 3.77 1.45 -6.57
C THR A 45 3.77 0.84 -5.17
N LEU A 46 2.65 0.23 -4.81
CA LEU A 46 2.52 -0.41 -3.51
C LEU A 46 2.58 -1.93 -3.66
N ARG A 47 3.49 -2.56 -2.94
CA ARG A 47 3.63 -4.00 -3.02
C ARG A 47 2.97 -4.65 -1.79
N ILE A 48 2.08 -5.60 -2.05
CA ILE A 48 1.29 -6.28 -1.00
C ILE A 48 1.65 -7.75 -0.79
N GLU A 49 2.18 -8.09 0.40
CA GLU A 49 2.48 -9.47 0.72
C GLU A 49 1.93 -9.83 2.09
N MET A 50 1.46 -11.09 2.17
CA MET A 50 0.91 -11.66 3.39
C MET A 50 1.74 -12.87 3.84
N ASP A 51 2.01 -12.91 5.14
CA ASP A 51 2.81 -13.98 5.76
C ASP A 51 2.46 -15.35 5.21
N ASP A 52 1.24 -15.51 4.74
CA ASP A 52 0.80 -16.78 4.18
C ASP A 52 1.70 -17.18 3.01
N GLY A 53 2.45 -16.20 2.50
CA GLY A 53 3.34 -16.43 1.38
C GLY A 53 2.75 -15.96 0.08
N ARG A 54 1.73 -15.11 0.18
CA ARG A 54 1.07 -14.58 -1.01
C ARG A 54 1.45 -13.12 -1.25
N GLU A 55 1.94 -12.84 -2.45
CA GLU A 55 2.35 -11.47 -2.79
C GLU A 55 1.53 -10.94 -3.98
N ILE A 56 1.33 -9.63 -4.00
CA ILE A 56 0.56 -8.98 -5.07
C ILE A 56 0.91 -7.49 -5.13
N THR A 57 1.06 -6.96 -6.35
CA THR A 57 1.40 -5.55 -6.53
C THR A 57 0.16 -4.68 -6.68
N VAL A 58 0.30 -3.39 -6.33
CA VAL A 58 -0.80 -2.44 -6.42
C VAL A 58 -0.28 -1.01 -6.63
N PRO A 59 -0.39 -0.48 -7.86
CA PRO A 59 0.08 0.88 -8.19
C PRO A 59 -0.36 1.94 -7.18
N LYS A 60 0.55 2.88 -6.89
CA LYS A 60 0.27 3.97 -5.95
C LYS A 60 -0.07 5.28 -6.66
N GLY A 61 -0.05 5.29 -7.99
CA GLY A 61 -0.34 6.50 -8.73
C GLY A 61 -1.60 7.20 -8.25
N ILE A 62 -2.61 6.41 -7.88
CA ILE A 62 -3.87 6.95 -7.39
C ILE A 62 -4.57 5.91 -6.53
N ALA A 63 -3.94 5.54 -5.42
CA ALA A 63 -4.52 4.52 -4.54
C ALA A 63 -4.41 4.84 -3.05
N VAL A 64 -5.54 5.14 -2.42
CA VAL A 64 -5.57 5.43 -0.99
C VAL A 64 -5.78 4.14 -0.20
N PHE A 65 -4.98 3.94 0.83
CA PHE A 65 -5.09 2.73 1.64
C PHE A 65 -4.52 2.94 3.05
N HIS A 66 -5.08 2.20 4.00
CA HIS A 66 -4.65 2.28 5.39
C HIS A 66 -4.07 0.95 5.83
N PHE A 67 -3.05 1.00 6.68
CA PHE A 67 -2.40 -0.22 7.16
C PHE A 67 -2.87 -0.56 8.57
N ARG A 68 -2.78 -1.84 8.92
CA ARG A 68 -3.18 -2.31 10.24
C ARG A 68 -2.10 -3.18 10.85
N THR A 69 -1.72 -2.88 12.08
CA THR A 69 -0.70 -3.65 12.78
C THR A 69 -1.32 -4.52 13.86
N PRO A 70 -0.98 -5.83 13.90
CA PRO A 70 -1.51 -6.76 14.90
C PRO A 70 -1.38 -6.22 16.31
N GLN A 71 -0.35 -5.42 16.54
CA GLN A 71 -0.12 -4.83 17.85
C GLN A 71 -1.28 -3.92 18.25
N GLY A 72 -2.10 -3.55 17.27
CA GLY A 72 -3.24 -2.69 17.55
C GLY A 72 -3.00 -1.27 17.11
N GLU A 73 -2.49 -1.08 15.89
CA GLU A 73 -2.21 0.24 15.37
C GLU A 73 -2.99 0.50 14.09
N LEU A 74 -3.30 1.77 13.83
CA LEU A 74 -4.04 2.16 12.64
C LEU A 74 -3.27 3.22 11.85
N VAL A 75 -2.76 2.84 10.68
CA VAL A 75 -2.01 3.76 9.84
C VAL A 75 -2.76 4.05 8.54
N GLU A 76 -2.59 5.25 8.00
CA GLU A 76 -3.25 5.63 6.76
C GLU A 76 -2.25 6.16 5.74
N ILE A 77 -2.46 5.80 4.47
CA ILE A 77 -1.60 6.24 3.39
C ILE A 77 -2.43 6.62 2.17
N ASP A 78 -2.05 7.70 1.50
CA ASP A 78 -2.79 8.16 0.33
C ASP A 78 -1.99 7.95 -0.96
N GLY A 79 -2.59 7.21 -1.87
CA GLY A 79 -1.96 6.94 -3.15
C GLY A 79 -2.35 7.94 -4.21
N ARG A 80 -3.37 8.76 -3.92
CA ARG A 80 -3.86 9.73 -4.87
C ARG A 80 -3.30 11.14 -4.60
N ALA A 81 -3.37 11.57 -3.36
CA ALA A 81 -2.91 12.90 -2.99
C ALA A 81 -1.54 12.91 -2.31
N LEU A 82 -1.06 11.76 -1.85
CA LEU A 82 0.23 11.70 -1.18
C LEU A 82 1.28 10.94 -1.99
N VAL A 83 1.18 11.03 -3.31
CA VAL A 83 2.16 10.36 -4.17
C VAL A 83 3.48 11.12 -4.13
N ALA A 84 4.43 10.61 -3.35
CA ALA A 84 5.74 11.26 -3.21
C ALA A 84 6.84 10.45 -3.88
N ARG A 85 7.89 11.16 -4.31
CA ARG A 85 9.03 10.55 -4.96
C ARG A 85 10.31 10.76 -4.14
N PRO A 86 10.66 9.79 -3.27
CA PRO A 86 11.85 9.89 -2.41
C PRO A 86 13.17 9.84 -3.17
N GLU A 87 13.69 8.64 -3.38
CA GLU A 87 14.96 8.44 -4.07
C GLU A 87 15.01 9.18 -5.40
N GLU A 88 13.85 9.42 -6.00
CA GLU A 88 13.77 10.11 -7.28
C GLU A 88 13.79 11.63 -7.09
N ARG A 89 13.91 12.08 -5.83
CA ARG A 89 13.95 13.51 -5.53
C ARG A 89 12.65 14.18 -5.91
N ILE A 90 12.31 15.26 -5.21
CA ILE A 90 11.09 16.01 -5.47
C ILE A 90 11.32 17.06 -6.55
N ARG A 13 15.28 -3.07 6.59
CA ARG A 13 15.18 -3.96 7.74
C ARG A 13 13.83 -3.79 8.43
N HIS A 14 13.40 -2.55 8.57
CA HIS A 14 12.12 -2.26 9.21
C HIS A 14 11.71 -0.81 8.97
N GLU A 15 10.66 -0.62 8.17
CA GLU A 15 10.16 0.72 7.87
C GLU A 15 8.64 0.72 7.79
N LEU A 16 8.10 0.08 6.75
CA LEU A 16 6.66 0.01 6.57
C LEU A 16 6.21 -1.38 6.11
N ILE A 17 7.13 -2.33 6.13
CA ILE A 17 6.83 -3.70 5.70
C ILE A 17 6.36 -4.54 6.90
N GLY A 18 5.66 -5.63 6.60
CA GLY A 18 5.15 -6.50 7.65
C GLY A 18 3.85 -6.02 8.24
N LEU A 19 3.27 -4.98 7.64
CA LEU A 19 2.01 -4.42 8.10
C LEU A 19 0.87 -4.79 7.17
N SER A 20 -0.37 -4.59 7.63
CA SER A 20 -1.54 -4.88 6.82
C SER A 20 -1.99 -3.63 6.09
N VAL A 21 -2.75 -3.82 5.00
CA VAL A 21 -3.22 -2.68 4.22
C VAL A 21 -4.62 -2.95 3.65
N ARG A 22 -5.40 -1.88 3.51
CA ARG A 22 -6.75 -1.99 2.98
C ARG A 22 -6.98 -0.95 1.88
N ILE A 23 -7.26 -1.42 0.68
CA ILE A 23 -7.51 -0.53 -0.46
C ILE A 23 -8.94 -0.01 -0.46
N ALA A 24 -9.08 1.31 -0.37
CA ALA A 24 -10.40 1.93 -0.37
C ALA A 24 -10.75 2.44 -1.77
N ARG A 25 -9.72 2.84 -2.50
CA ARG A 25 -9.90 3.33 -3.86
C ARG A 25 -8.66 3.00 -4.70
N SER A 26 -8.87 2.72 -5.98
CA SER A 26 -7.76 2.38 -6.86
C SER A 26 -7.93 3.03 -8.23
N VAL A 27 -6.84 3.07 -8.99
CA VAL A 27 -6.86 3.66 -10.33
C VAL A 27 -7.59 2.75 -11.31
N HIS A 28 -7.43 1.44 -11.13
CA HIS A 28 -8.08 0.45 -12.00
C HIS A 28 -9.08 -0.39 -11.22
N ARG A 29 -10.24 -0.62 -11.81
CA ARG A 29 -11.29 -1.41 -11.18
C ARG A 29 -10.82 -2.84 -10.93
N ASP A 30 -9.88 -3.30 -11.75
CA ASP A 30 -9.35 -4.65 -11.62
C ASP A 30 -8.55 -4.82 -10.32
N ILE A 31 -8.21 -3.70 -9.69
CA ILE A 31 -7.45 -3.72 -8.45
C ILE A 31 -8.18 -2.97 -7.33
N GLN A 32 -9.50 -2.83 -7.48
CA GLN A 32 -10.31 -2.12 -6.50
C GLN A 32 -10.78 -3.06 -5.39
N GLY A 33 -10.94 -2.52 -4.19
CA GLY A 33 -11.40 -3.31 -3.07
C GLY A 33 -10.40 -4.34 -2.60
N ILE A 34 -9.13 -4.18 -2.99
CA ILE A 34 -8.09 -5.12 -2.60
C ILE A 34 -7.69 -4.93 -1.14
N SER A 35 -7.62 -6.04 -0.41
CA SER A 35 -7.25 -6.00 1.00
C SER A 35 -6.24 -7.10 1.31
N GLY A 36 -5.12 -6.71 1.93
CA GLY A 36 -4.10 -7.69 2.24
C GLY A 36 -2.92 -7.09 2.98
N ARG A 37 -1.81 -7.81 2.98
CA ARG A 37 -0.60 -7.37 3.66
C ARG A 37 0.40 -6.73 2.67
N VAL A 38 1.44 -6.16 3.23
CA VAL A 38 2.45 -5.42 2.45
C VAL A 38 3.73 -6.20 2.15
N VAL A 39 4.42 -5.80 1.07
CA VAL A 39 5.70 -6.41 0.70
C VAL A 39 6.74 -5.31 0.56
N ASP A 40 6.36 -4.29 -0.21
CA ASP A 40 7.22 -3.14 -0.45
C ASP A 40 6.38 -1.94 -0.92
N GLU A 41 6.95 -0.74 -0.82
CA GLU A 41 6.25 0.47 -1.25
C GLU A 41 7.14 1.28 -2.19
N THR A 42 6.66 1.48 -3.42
CA THR A 42 7.42 2.24 -4.40
C THR A 42 6.61 3.43 -4.92
N ARG A 43 7.32 4.41 -5.47
CA ARG A 43 6.69 5.61 -6.01
C ARG A 43 5.49 5.26 -6.90
N ASN A 44 5.70 4.37 -7.86
CA ASN A 44 4.64 4.00 -8.79
C ASN A 44 4.09 2.58 -8.56
N THR A 45 4.35 1.99 -7.39
CA THR A 45 3.83 0.65 -7.13
C THR A 45 3.75 0.36 -5.64
N LEU A 46 2.89 -0.59 -5.30
CA LEU A 46 2.68 -0.98 -3.91
C LEU A 46 2.62 -2.50 -3.80
N ARG A 47 3.70 -3.08 -3.27
CA ARG A 47 3.78 -4.53 -3.11
C ARG A 47 2.99 -4.96 -1.86
N ILE A 48 2.08 -5.92 -2.07
CA ILE A 48 1.22 -6.45 -1.01
C ILE A 48 1.59 -7.88 -0.61
N GLU A 49 2.28 -8.03 0.53
CA GLU A 49 2.68 -9.34 1.02
C GLU A 49 2.10 -9.61 2.39
N MET A 50 1.74 -10.89 2.57
CA MET A 50 1.17 -11.42 3.80
C MET A 50 2.09 -12.49 4.38
N ASP A 51 2.40 -12.34 5.66
CA ASP A 51 3.29 -13.27 6.38
C ASP A 51 3.02 -14.74 6.04
N ASP A 52 1.78 -15.05 5.67
CA ASP A 52 1.43 -16.43 5.33
C ASP A 52 2.13 -16.88 4.04
N GLY A 53 2.80 -15.96 3.36
CA GLY A 53 3.52 -16.29 2.14
C GLY A 53 2.77 -15.89 0.89
N ARG A 54 1.83 -14.96 1.03
CA ARG A 54 1.04 -14.50 -0.11
C ARG A 54 1.50 -13.11 -0.55
N GLU A 55 1.90 -12.99 -1.81
CA GLU A 55 2.36 -11.71 -2.34
C GLU A 55 1.57 -11.30 -3.58
N ILE A 56 1.29 -10.00 -3.69
CA ILE A 56 0.55 -9.45 -4.82
C ILE A 56 0.88 -7.98 -5.03
N THR A 57 1.08 -7.58 -6.28
CA THR A 57 1.42 -6.19 -6.61
C THR A 57 0.18 -5.37 -6.97
N VAL A 58 0.18 -4.11 -6.56
CA VAL A 58 -0.93 -3.20 -6.85
C VAL A 58 -0.44 -1.74 -6.90
N PRO A 59 -0.72 -1.02 -8.00
CA PRO A 59 -0.31 0.38 -8.15
C PRO A 59 -0.98 1.31 -7.14
N LYS A 60 -0.15 2.01 -6.35
CA LYS A 60 -0.66 2.93 -5.33
C LYS A 60 -0.60 4.39 -5.80
N GLY A 61 -0.08 4.63 -7.00
CA GLY A 61 0.03 5.99 -7.50
C GLY A 61 -1.27 6.76 -7.36
N ILE A 62 -2.39 6.05 -7.30
CA ILE A 62 -3.69 6.67 -7.14
C ILE A 62 -4.62 5.72 -6.40
N ALA A 63 -4.25 5.37 -5.18
CA ALA A 63 -5.06 4.45 -4.39
C ALA A 63 -5.03 4.72 -2.88
N VAL A 64 -6.17 5.18 -2.35
CA VAL A 64 -6.28 5.44 -0.92
C VAL A 64 -6.36 4.12 -0.16
N PHE A 65 -5.58 4.01 0.91
CA PHE A 65 -5.58 2.79 1.70
C PHE A 65 -5.11 3.03 3.12
N HIS A 66 -5.66 2.27 4.05
CA HIS A 66 -5.30 2.37 5.45
C HIS A 66 -4.53 1.13 5.89
N PHE A 67 -3.35 1.32 6.46
CA PHE A 67 -2.54 0.17 6.88
C PHE A 67 -2.52 0.04 8.40
N ARG A 68 -2.70 -1.18 8.87
CA ARG A 68 -2.70 -1.47 10.30
C ARG A 68 -1.35 -2.01 10.76
N THR A 69 -1.08 -1.86 12.06
CA THR A 69 0.16 -2.35 12.63
C THR A 69 -0.12 -3.45 13.65
N PRO A 70 0.68 -4.54 13.63
CA PRO A 70 0.51 -5.67 14.54
C PRO A 70 0.28 -5.25 15.98
N GLN A 71 0.97 -4.19 16.40
CA GLN A 71 0.83 -3.69 17.76
C GLN A 71 -0.58 -3.18 18.02
N GLY A 72 -1.33 -2.96 16.94
CA GLY A 72 -2.69 -2.48 17.07
C GLY A 72 -2.80 -1.01 16.74
N GLU A 73 -2.26 -0.61 15.61
CA GLU A 73 -2.31 0.80 15.19
C GLU A 73 -2.97 0.96 13.83
N LEU A 74 -3.50 2.15 13.59
CA LEU A 74 -4.17 2.47 12.33
C LEU A 74 -3.54 3.70 11.68
N VAL A 75 -3.20 3.57 10.40
CA VAL A 75 -2.59 4.69 9.66
C VAL A 75 -3.29 4.90 8.32
N GLU A 76 -3.30 6.15 7.87
CA GLU A 76 -3.94 6.50 6.60
C GLU A 76 -2.91 6.99 5.59
N ILE A 77 -3.02 6.51 4.36
CA ILE A 77 -2.12 6.89 3.29
C ILE A 77 -2.88 6.97 1.97
N ASP A 78 -3.19 8.19 1.54
CA ASP A 78 -3.93 8.37 0.29
C ASP A 78 -3.04 8.17 -0.93
N GLY A 79 -3.14 6.97 -1.50
CA GLY A 79 -2.38 6.64 -2.70
C GLY A 79 -2.60 7.61 -3.83
N ARG A 80 -3.61 8.47 -3.72
CA ARG A 80 -3.91 9.43 -4.76
C ARG A 80 -2.86 10.53 -4.81
N ALA A 81 -2.79 11.31 -3.75
CA ALA A 81 -1.85 12.41 -3.67
C ALA A 81 -0.62 12.10 -2.83
N LEU A 82 -0.75 11.14 -1.91
CA LEU A 82 0.36 10.77 -1.04
C LEU A 82 1.55 10.27 -1.86
N VAL A 83 1.27 9.69 -3.02
CA VAL A 83 2.31 9.18 -3.88
C VAL A 83 3.37 10.23 -4.17
N ALA A 84 4.49 10.15 -3.46
CA ALA A 84 5.58 11.11 -3.63
C ALA A 84 6.78 10.45 -4.31
N ARG A 85 7.54 11.24 -5.07
CA ARG A 85 8.72 10.74 -5.76
C ARG A 85 9.70 10.12 -4.77
N PRO A 86 10.55 9.18 -5.24
CA PRO A 86 11.54 8.51 -4.39
C PRO A 86 12.32 9.50 -3.53
N GLU A 87 12.74 9.06 -2.36
CA GLU A 87 13.51 9.90 -1.44
C GLU A 87 14.90 10.19 -1.99
N GLU A 88 15.32 9.44 -3.01
CA GLU A 88 16.63 9.63 -3.60
C GLU A 88 16.58 10.64 -4.74
N ARG A 89 15.60 10.48 -5.64
CA ARG A 89 15.44 11.37 -6.77
C ARG A 89 13.98 11.76 -6.99
N ILE A 90 13.74 12.68 -7.91
CA ILE A 90 12.40 13.15 -8.23
C ILE A 90 12.03 12.78 -9.67
N ARG A 13 13.33 -3.17 10.73
CA ARG A 13 12.40 -2.49 11.64
C ARG A 13 10.99 -3.03 11.45
N HIS A 14 10.13 -2.80 12.43
CA HIS A 14 8.75 -3.26 12.35
C HIS A 14 7.77 -2.10 12.49
N GLU A 15 6.97 -1.88 11.45
CA GLU A 15 5.98 -0.80 11.45
C GLU A 15 5.02 -0.96 10.28
N LEU A 16 5.57 -1.21 9.09
CA LEU A 16 4.75 -1.40 7.90
C LEU A 16 4.90 -2.80 7.33
N ILE A 17 6.11 -3.36 7.46
CA ILE A 17 6.38 -4.70 6.96
C ILE A 17 5.87 -5.76 7.92
N GLY A 18 4.97 -6.61 7.44
CA GLY A 18 4.41 -7.65 8.28
C GLY A 18 2.94 -7.47 8.56
N LEU A 19 2.47 -6.21 8.49
CA LEU A 19 1.08 -5.90 8.74
C LEU A 19 0.27 -5.93 7.44
N SER A 20 -1.06 -5.94 7.58
CA SER A 20 -1.94 -5.98 6.41
C SER A 20 -2.27 -4.56 5.93
N VAL A 21 -2.67 -4.45 4.68
CA VAL A 21 -3.01 -3.15 4.09
C VAL A 21 -4.34 -3.22 3.35
N ARG A 22 -5.28 -2.36 3.74
CA ARG A 22 -6.59 -2.33 3.11
C ARG A 22 -6.74 -1.12 2.20
N ILE A 23 -7.06 -1.37 0.93
CA ILE A 23 -7.22 -0.31 -0.05
C ILE A 23 -8.69 0.09 -0.18
N ALA A 24 -8.97 1.37 0.07
CA ALA A 24 -10.33 1.88 -0.02
C ALA A 24 -10.62 2.41 -1.42
N ARG A 25 -9.57 2.72 -2.17
CA ARG A 25 -9.70 3.21 -3.53
C ARG A 25 -8.40 3.03 -4.29
N SER A 26 -8.52 2.85 -5.61
CA SER A 26 -7.34 2.67 -6.45
C SER A 26 -7.48 3.42 -7.77
N VAL A 27 -6.37 3.59 -8.47
CA VAL A 27 -6.35 4.30 -9.75
C VAL A 27 -7.30 3.63 -10.75
N HIS A 28 -7.24 2.31 -10.83
CA HIS A 28 -8.09 1.56 -11.74
C HIS A 28 -9.17 0.79 -10.97
N ARG A 29 -10.39 0.83 -11.49
CA ARG A 29 -11.51 0.15 -10.85
C ARG A 29 -11.27 -1.35 -10.73
N ASP A 30 -10.38 -1.86 -11.57
CA ASP A 30 -10.06 -3.28 -11.57
C ASP A 30 -9.14 -3.65 -10.41
N ILE A 31 -8.68 -2.65 -9.65
CA ILE A 31 -7.79 -2.89 -8.53
C ILE A 31 -8.21 -2.09 -7.29
N GLN A 32 -9.38 -1.44 -7.35
CA GLN A 32 -9.85 -0.64 -6.23
C GLN A 32 -10.65 -1.50 -5.25
N GLY A 33 -10.55 -1.16 -3.97
CA GLY A 33 -11.27 -1.90 -2.94
C GLY A 33 -10.63 -3.24 -2.63
N ILE A 34 -9.50 -3.52 -3.27
CA ILE A 34 -8.81 -4.79 -3.06
C ILE A 34 -7.85 -4.69 -1.87
N SER A 35 -8.06 -5.56 -0.88
CA SER A 35 -7.22 -5.56 0.31
C SER A 35 -6.08 -6.56 0.13
N GLY A 36 -5.01 -6.40 0.90
CA GLY A 36 -3.88 -7.31 0.78
C GLY A 36 -2.84 -7.10 1.85
N ARG A 37 -1.69 -7.70 1.67
CA ARG A 37 -0.58 -7.60 2.61
C ARG A 37 0.54 -6.70 2.07
N VAL A 38 1.50 -6.41 2.92
CA VAL A 38 2.59 -5.49 2.55
C VAL A 38 3.91 -6.19 2.22
N VAL A 39 4.68 -5.60 1.29
CA VAL A 39 6.00 -6.13 0.96
C VAL A 39 7.00 -4.99 0.78
N ASP A 40 6.61 -3.97 -0.02
CA ASP A 40 7.47 -2.83 -0.27
C ASP A 40 6.65 -1.63 -0.74
N GLU A 41 7.29 -0.45 -0.77
CA GLU A 41 6.62 0.76 -1.22
C GLU A 41 7.48 1.47 -2.27
N THR A 42 6.87 1.90 -3.36
CA THR A 42 7.59 2.58 -4.43
C THR A 42 7.00 3.97 -4.70
N ARG A 43 7.85 4.87 -5.18
CA ARG A 43 7.43 6.23 -5.49
C ARG A 43 6.13 6.27 -6.27
N ASN A 44 5.99 5.36 -7.23
CA ASN A 44 4.79 5.31 -8.06
C ASN A 44 4.17 3.91 -8.10
N THR A 45 4.47 3.09 -7.10
CA THR A 45 3.91 1.74 -7.05
C THR A 45 3.93 1.20 -5.64
N LEU A 46 3.04 0.24 -5.39
CA LEU A 46 2.93 -0.37 -4.07
C LEU A 46 3.11 -1.87 -4.16
N ARG A 47 4.06 -2.40 -3.41
CA ARG A 47 4.34 -3.82 -3.43
C ARG A 47 3.64 -4.48 -2.24
N ILE A 48 3.05 -5.66 -2.48
CA ILE A 48 2.29 -6.38 -1.44
C ILE A 48 2.86 -7.76 -1.12
N GLU A 49 3.08 -8.03 0.17
CA GLU A 49 3.53 -9.35 0.60
C GLU A 49 2.66 -9.82 1.75
N MET A 50 2.25 -11.08 1.63
CA MET A 50 1.41 -11.75 2.61
C MET A 50 2.25 -12.70 3.46
N ASP A 51 2.13 -12.56 4.78
CA ASP A 51 2.88 -13.39 5.73
C ASP A 51 2.88 -14.86 5.32
N ASP A 52 1.84 -15.28 4.63
CA ASP A 52 1.74 -16.66 4.17
C ASP A 52 2.85 -17.01 3.19
N GLY A 53 3.55 -15.99 2.71
CA GLY A 53 4.63 -16.20 1.77
C GLY A 53 4.21 -15.91 0.34
N ARG A 54 3.17 -15.09 0.20
CA ARG A 54 2.67 -14.72 -1.12
C ARG A 54 3.07 -13.29 -1.48
N GLU A 55 3.37 -13.06 -2.75
CA GLU A 55 3.79 -11.73 -3.20
C GLU A 55 2.94 -11.25 -4.38
N ILE A 56 2.60 -9.96 -4.34
CA ILE A 56 1.80 -9.34 -5.41
C ILE A 56 2.02 -7.82 -5.42
N THR A 57 1.82 -7.18 -6.58
CA THR A 57 2.02 -5.74 -6.70
C THR A 57 0.73 -5.00 -7.02
N VAL A 58 0.66 -3.72 -6.64
CA VAL A 58 -0.51 -2.89 -6.89
C VAL A 58 -0.12 -1.40 -7.00
N PRO A 59 -0.73 -0.66 -7.94
CA PRO A 59 -0.44 0.77 -8.15
C PRO A 59 -1.05 1.67 -7.08
N LYS A 60 -0.20 2.37 -6.33
CA LYS A 60 -0.65 3.28 -5.28
C LYS A 60 -0.63 4.74 -5.73
N GLY A 61 -0.17 5.00 -6.95
CA GLY A 61 -0.10 6.37 -7.44
C GLY A 61 -1.40 7.12 -7.21
N ILE A 62 -2.50 6.38 -7.14
CA ILE A 62 -3.80 6.96 -6.91
C ILE A 62 -4.68 5.96 -6.16
N ALA A 63 -4.24 5.56 -4.97
CA ALA A 63 -4.98 4.57 -4.19
C ALA A 63 -4.95 4.83 -2.69
N VAL A 64 -6.10 5.21 -2.13
CA VAL A 64 -6.20 5.44 -0.69
C VAL A 64 -6.24 4.11 0.05
N PHE A 65 -5.38 3.95 1.05
CA PHE A 65 -5.34 2.70 1.81
C PHE A 65 -4.79 2.91 3.21
N HIS A 66 -5.25 2.07 4.13
CA HIS A 66 -4.82 2.14 5.52
C HIS A 66 -4.11 0.86 5.93
N PHE A 67 -3.02 1.00 6.69
CA PHE A 67 -2.25 -0.15 7.15
C PHE A 67 -2.72 -0.61 8.53
N ARG A 68 -3.12 -1.88 8.61
CA ARG A 68 -3.60 -2.45 9.87
C ARG A 68 -2.56 -3.40 10.46
N THR A 69 -1.99 -3.02 11.59
CA THR A 69 -0.97 -3.84 12.25
C THR A 69 -1.62 -4.83 13.23
N PRO A 70 -1.24 -6.12 13.14
CA PRO A 70 -1.78 -7.16 14.04
C PRO A 70 -1.71 -6.77 15.51
N GLN A 71 -0.70 -5.98 15.87
CA GLN A 71 -0.53 -5.54 17.25
C GLN A 71 -1.71 -4.67 17.69
N GLY A 72 -2.52 -4.22 16.74
CA GLY A 72 -3.66 -3.40 17.06
C GLY A 72 -3.44 -1.93 16.75
N GLU A 73 -2.87 -1.66 15.58
CA GLU A 73 -2.61 -0.28 15.17
C GLU A 73 -3.30 0.03 13.84
N LEU A 74 -3.78 1.26 13.69
CA LEU A 74 -4.46 1.67 12.48
C LEU A 74 -3.77 2.87 11.83
N VAL A 75 -3.13 2.62 10.69
CA VAL A 75 -2.43 3.68 9.97
C VAL A 75 -3.12 3.97 8.64
N GLU A 76 -3.08 5.23 8.21
CA GLU A 76 -3.71 5.63 6.96
C GLU A 76 -2.71 6.25 5.99
N ILE A 77 -2.95 6.03 4.70
CA ILE A 77 -2.07 6.56 3.66
C ILE A 77 -2.90 6.85 2.40
N ASP A 78 -2.81 8.08 1.91
CA ASP A 78 -3.57 8.47 0.72
C ASP A 78 -2.76 8.26 -0.56
N GLY A 79 -3.03 7.15 -1.23
CA GLY A 79 -2.35 6.84 -2.48
C GLY A 79 -2.64 7.85 -3.57
N ARG A 80 -3.64 8.69 -3.35
CA ARG A 80 -4.04 9.69 -4.34
C ARG A 80 -3.26 10.99 -4.18
N ALA A 81 -3.51 11.68 -3.07
CA ALA A 81 -2.87 12.96 -2.81
C ALA A 81 -1.51 12.83 -2.11
N LEU A 82 -1.20 11.63 -1.62
CA LEU A 82 0.10 11.43 -0.93
C LEU A 82 1.05 10.62 -1.80
N VAL A 83 0.96 10.80 -3.11
CA VAL A 83 1.84 10.08 -4.04
C VAL A 83 3.30 10.43 -3.78
N ALA A 84 4.16 9.41 -3.83
CA ALA A 84 5.58 9.61 -3.60
C ALA A 84 6.31 10.00 -4.88
N ARG A 85 7.22 10.96 -4.77
CA ARG A 85 7.98 11.43 -5.92
C ARG A 85 9.48 11.15 -5.74
N PRO A 86 10.22 11.01 -6.86
CA PRO A 86 11.66 10.74 -6.82
C PRO A 86 12.41 11.78 -6.01
N GLU A 87 13.69 11.50 -5.73
CA GLU A 87 14.52 12.42 -4.97
C GLU A 87 14.93 13.63 -5.82
N GLU A 88 14.85 13.47 -7.14
CA GLU A 88 15.20 14.54 -8.06
C GLU A 88 14.27 15.74 -7.90
N ARG A 89 12.97 15.47 -7.85
CA ARG A 89 11.98 16.52 -7.68
C ARG A 89 11.00 16.19 -6.56
N ILE A 90 11.19 16.81 -5.41
CA ILE A 90 10.33 16.59 -4.25
C ILE A 90 9.55 17.86 -3.91
N ARG A 13 9.74 -11.32 6.89
CA ARG A 13 8.83 -10.18 6.76
C ARG A 13 7.97 -10.32 5.51
N HIS A 14 6.65 -10.36 5.70
CA HIS A 14 5.72 -10.48 4.59
C HIS A 14 4.65 -9.40 4.65
N GLU A 15 3.75 -9.49 5.62
CA GLU A 15 2.69 -8.50 5.78
C GLU A 15 3.27 -7.10 5.73
N LEU A 16 2.84 -6.29 4.73
CA LEU A 16 3.34 -4.92 4.55
C LEU A 16 4.76 -4.88 5.05
N ILE A 17 5.20 -3.80 5.67
CA ILE A 17 6.50 -3.89 6.23
C ILE A 17 6.15 -4.37 7.63
N GLY A 18 6.19 -5.68 7.83
CA GLY A 18 5.77 -6.25 9.09
C GLY A 18 4.27 -5.93 9.39
N LEU A 19 3.61 -5.16 8.49
CA LEU A 19 2.20 -4.77 8.66
C LEU A 19 1.29 -5.38 7.59
N SER A 20 -0.02 -5.27 7.76
CA SER A 20 -0.96 -5.75 6.75
C SER A 20 -1.71 -4.53 6.20
N VAL A 21 -2.31 -4.61 5.00
CA VAL A 21 -2.98 -3.45 4.44
C VAL A 21 -4.42 -3.70 4.04
N ARG A 22 -5.18 -2.62 3.98
CA ARG A 22 -6.58 -2.63 3.59
C ARG A 22 -6.90 -1.38 2.78
N ILE A 23 -7.15 -1.56 1.49
CA ILE A 23 -7.43 -0.44 0.60
C ILE A 23 -8.93 -0.09 0.58
N ALA A 24 -9.22 1.20 0.52
CA ALA A 24 -10.60 1.66 0.50
C ALA A 24 -10.94 2.34 -0.83
N ARG A 25 -9.91 2.86 -1.51
CA ARG A 25 -10.10 3.53 -2.78
C ARG A 25 -8.80 3.54 -3.59
N SER A 26 -8.90 3.19 -4.87
CA SER A 26 -7.75 3.17 -5.75
C SER A 26 -8.10 3.72 -7.14
N VAL A 27 -7.07 4.05 -7.91
CA VAL A 27 -7.29 4.59 -9.26
C VAL A 27 -7.94 3.55 -10.16
N HIS A 28 -7.41 2.33 -10.12
CA HIS A 28 -7.94 1.24 -10.94
C HIS A 28 -8.98 0.44 -10.16
N ARG A 29 -10.08 0.10 -10.81
CA ARG A 29 -11.16 -0.64 -10.18
C ARG A 29 -10.76 -2.08 -9.84
N ASP A 30 -9.80 -2.62 -10.58
CA ASP A 30 -9.34 -3.99 -10.34
C ASP A 30 -8.48 -4.08 -9.08
N ILE A 31 -8.15 -2.93 -8.49
CA ILE A 31 -7.34 -2.90 -7.30
C ILE A 31 -8.00 -2.08 -6.18
N GLN A 32 -9.18 -1.55 -6.45
CA GLN A 32 -9.90 -0.74 -5.48
C GLN A 32 -10.69 -1.62 -4.51
N GLY A 33 -10.81 -1.14 -3.27
CA GLY A 33 -11.55 -1.87 -2.26
C GLY A 33 -10.97 -3.23 -1.96
N ILE A 34 -9.72 -3.45 -2.37
CA ILE A 34 -9.06 -4.71 -2.14
C ILE A 34 -8.05 -4.62 -1.00
N SER A 35 -8.12 -5.57 -0.08
CA SER A 35 -7.20 -5.61 1.05
C SER A 35 -6.00 -6.48 0.70
N GLY A 36 -4.92 -6.38 1.47
CA GLY A 36 -3.76 -7.18 1.17
C GLY A 36 -2.55 -6.74 1.95
N ARG A 37 -1.42 -7.37 1.70
CA ARG A 37 -0.21 -7.03 2.40
C ARG A 37 0.83 -6.42 1.46
N VAL A 38 1.83 -5.81 2.06
CA VAL A 38 2.92 -5.11 1.31
C VAL A 38 4.23 -5.90 1.24
N VAL A 39 5.06 -5.58 0.25
CA VAL A 39 6.37 -6.21 0.14
C VAL A 39 7.43 -5.11 0.11
N ASP A 40 7.21 -4.10 -0.74
CA ASP A 40 8.10 -2.97 -0.85
C ASP A 40 7.39 -1.78 -1.51
N GLU A 41 7.96 -0.59 -1.39
CA GLU A 41 7.37 0.61 -1.99
C GLU A 41 8.09 0.99 -3.27
N THR A 42 7.34 1.52 -4.24
CA THR A 42 7.91 1.92 -5.52
C THR A 42 7.61 3.40 -5.81
N ARG A 43 8.46 4.02 -6.62
CA ARG A 43 8.30 5.43 -6.98
C ARG A 43 6.84 5.81 -7.23
N ASN A 44 6.14 5.00 -8.00
CA ASN A 44 4.74 5.27 -8.31
C ASN A 44 3.86 4.04 -8.13
N THR A 45 4.30 3.10 -7.30
CA THR A 45 3.53 1.89 -7.04
C THR A 45 3.93 1.24 -5.72
N LEU A 46 3.16 0.24 -5.32
CA LEU A 46 3.43 -0.48 -4.09
C LEU A 46 3.33 -1.98 -4.32
N ARG A 47 4.46 -2.67 -4.16
CA ARG A 47 4.46 -4.11 -4.35
C ARG A 47 3.88 -4.74 -3.08
N ILE A 48 2.81 -5.50 -3.25
CA ILE A 48 2.08 -6.11 -2.13
C ILE A 48 2.49 -7.55 -1.84
N GLU A 49 3.06 -7.78 -0.65
CA GLU A 49 3.38 -9.14 -0.24
C GLU A 49 2.53 -9.50 0.95
N MET A 50 2.00 -10.74 0.91
CA MET A 50 1.13 -11.29 1.95
C MET A 50 1.76 -12.53 2.59
N ASP A 51 1.78 -12.54 3.92
CA ASP A 51 2.35 -13.65 4.70
C ASP A 51 1.88 -15.00 4.18
N ASP A 52 0.71 -15.03 3.58
CA ASP A 52 0.16 -16.27 3.03
C ASP A 52 1.09 -16.86 1.97
N GLY A 53 2.06 -16.06 1.54
CA GLY A 53 3.00 -16.51 0.52
C GLY A 53 2.61 -15.99 -0.85
N ARG A 54 1.83 -14.91 -0.85
CA ARG A 54 1.38 -14.30 -2.09
C ARG A 54 2.13 -13.01 -2.38
N GLU A 55 2.12 -12.58 -3.63
CA GLU A 55 2.80 -11.36 -4.03
C GLU A 55 2.14 -10.74 -5.25
N ILE A 56 1.80 -9.46 -5.16
CA ILE A 56 1.15 -8.75 -6.25
C ILE A 56 1.40 -7.25 -6.15
N THR A 57 1.37 -6.56 -7.29
CA THR A 57 1.61 -5.10 -7.31
C THR A 57 0.30 -4.33 -7.25
N VAL A 58 0.38 -3.09 -6.73
CA VAL A 58 -0.80 -2.24 -6.62
C VAL A 58 -0.43 -0.74 -6.67
N PRO A 59 -0.80 -0.04 -7.75
CA PRO A 59 -0.50 1.40 -7.90
C PRO A 59 -1.12 2.25 -6.79
N LYS A 60 -0.26 2.91 -6.01
CA LYS A 60 -0.73 3.75 -4.90
C LYS A 60 -0.71 5.23 -5.27
N GLY A 61 -0.27 5.57 -6.48
CA GLY A 61 -0.21 6.96 -6.88
C GLY A 61 -1.50 7.70 -6.59
N ILE A 62 -2.60 6.95 -6.54
CA ILE A 62 -3.90 7.50 -6.23
C ILE A 62 -4.74 6.44 -5.53
N ALA A 63 -4.25 5.98 -4.37
CA ALA A 63 -4.95 4.92 -3.63
C ALA A 63 -4.86 5.06 -2.11
N VAL A 64 -6.00 5.25 -1.46
CA VAL A 64 -6.04 5.36 -0.01
C VAL A 64 -5.74 4.00 0.63
N PHE A 65 -4.72 3.96 1.47
CA PHE A 65 -4.32 2.72 2.15
C PHE A 65 -4.59 2.77 3.65
N HIS A 66 -4.91 1.60 4.20
CA HIS A 66 -5.17 1.48 5.63
C HIS A 66 -4.52 0.19 6.15
N PHE A 67 -3.38 0.34 6.83
CA PHE A 67 -2.66 -0.82 7.33
C PHE A 67 -2.82 -1.00 8.84
N ARG A 68 -2.97 -2.25 9.26
CA ARG A 68 -3.12 -2.58 10.67
C ARG A 68 -1.87 -3.27 11.19
N THR A 69 -1.58 -3.08 12.47
CA THR A 69 -0.41 -3.68 13.10
C THR A 69 -0.83 -4.84 14.01
N PRO A 70 -0.10 -5.96 13.97
CA PRO A 70 -0.40 -7.15 14.79
C PRO A 70 -0.72 -6.79 16.24
N GLN A 71 -0.03 -5.78 16.77
CA GLN A 71 -0.25 -5.34 18.14
C GLN A 71 -1.68 -4.86 18.35
N GLY A 72 -2.37 -4.59 17.25
CA GLY A 72 -3.75 -4.12 17.34
C GLY A 72 -3.86 -2.63 17.09
N GLU A 73 -3.20 -2.15 16.03
CA GLU A 73 -3.24 -0.74 15.69
C GLU A 73 -3.67 -0.52 14.25
N LEU A 74 -4.20 0.66 13.96
CA LEU A 74 -4.65 1.00 12.62
C LEU A 74 -4.03 2.32 12.15
N VAL A 75 -3.65 2.36 10.88
CA VAL A 75 -3.03 3.56 10.32
C VAL A 75 -3.63 3.89 8.95
N GLU A 76 -3.94 5.17 8.75
CA GLU A 76 -4.52 5.62 7.49
C GLU A 76 -3.43 6.11 6.53
N ILE A 77 -3.70 5.96 5.24
CA ILE A 77 -2.77 6.38 4.20
C ILE A 77 -3.53 6.92 2.99
N ASP A 78 -3.09 8.07 2.48
CA ASP A 78 -3.75 8.66 1.33
C ASP A 78 -2.89 8.52 0.07
N GLY A 79 -3.23 7.53 -0.73
CA GLY A 79 -2.51 7.27 -1.96
C GLY A 79 -2.73 8.33 -3.01
N ARG A 80 -3.71 9.20 -2.81
CA ARG A 80 -4.00 10.25 -3.78
C ARG A 80 -2.90 11.30 -3.79
N ALA A 81 -2.45 11.66 -2.60
CA ALA A 81 -1.40 12.65 -2.43
C ALA A 81 -0.04 12.01 -2.16
N LEU A 82 -0.01 10.68 -2.10
CA LEU A 82 1.24 9.96 -1.83
C LEU A 82 2.14 9.95 -3.06
N VAL A 83 1.67 10.54 -4.17
CA VAL A 83 2.46 10.58 -5.40
C VAL A 83 3.88 11.06 -5.14
N ALA A 84 4.81 10.11 -5.08
CA ALA A 84 6.22 10.44 -4.84
C ALA A 84 7.02 10.37 -6.14
N ARG A 85 7.31 11.53 -6.72
CA ARG A 85 8.07 11.57 -7.97
C ARG A 85 9.38 12.33 -7.77
N PRO A 86 10.47 11.88 -8.42
CA PRO A 86 11.78 12.52 -8.31
C PRO A 86 11.75 14.01 -8.63
N GLU A 87 10.87 14.41 -9.53
CA GLU A 87 10.77 15.81 -9.95
C GLU A 87 9.48 16.49 -9.47
N GLU A 88 8.47 15.71 -9.12
CA GLU A 88 7.20 16.29 -8.68
C GLU A 88 7.20 16.61 -7.18
N ARG A 89 7.60 15.63 -6.36
CA ARG A 89 7.62 15.84 -4.92
C ARG A 89 8.86 15.22 -4.28
N ILE A 90 8.84 13.90 -4.08
CA ILE A 90 9.97 13.22 -3.46
C ILE A 90 11.18 13.23 -4.38
N ARG A 13 13.71 3.07 11.81
CA ARG A 13 13.91 2.26 10.61
C ARG A 13 12.78 2.47 9.62
N HIS A 14 13.04 2.12 8.36
CA HIS A 14 12.04 2.27 7.30
C HIS A 14 11.55 0.90 6.81
N GLU A 15 10.60 0.32 7.55
CA GLU A 15 10.05 -0.98 7.19
C GLU A 15 8.53 -0.95 7.23
N LEU A 16 7.90 -1.66 6.29
CA LEU A 16 6.44 -1.70 6.22
C LEU A 16 5.94 -3.13 6.00
N ILE A 17 6.85 -4.11 6.12
CA ILE A 17 6.48 -5.51 5.93
C ILE A 17 6.05 -6.15 7.26
N GLY A 18 5.29 -7.22 7.16
CA GLY A 18 4.83 -7.91 8.36
C GLY A 18 3.40 -7.55 8.73
N LEU A 19 2.97 -6.36 8.33
CA LEU A 19 1.62 -5.89 8.62
C LEU A 19 0.72 -6.00 7.40
N SER A 20 -0.59 -5.88 7.62
CA SER A 20 -1.56 -5.96 6.54
C SER A 20 -1.92 -4.58 6.01
N VAL A 21 -2.43 -4.54 4.78
CA VAL A 21 -2.82 -3.28 4.16
C VAL A 21 -4.23 -3.36 3.57
N ARG A 22 -4.89 -2.22 3.49
CA ARG A 22 -6.25 -2.16 2.94
C ARG A 22 -6.42 -0.92 2.07
N ILE A 23 -6.96 -1.12 0.88
CA ILE A 23 -7.18 -0.02 -0.06
C ILE A 23 -8.65 0.39 -0.10
N ALA A 24 -8.95 1.57 0.44
CA ALA A 24 -10.32 2.06 0.44
C ALA A 24 -10.69 2.66 -0.92
N ARG A 25 -9.68 2.98 -1.71
CA ARG A 25 -9.88 3.54 -3.03
C ARG A 25 -8.65 3.34 -3.90
N SER A 26 -8.86 3.11 -5.18
CA SER A 26 -7.76 2.90 -6.12
C SER A 26 -8.03 3.62 -7.45
N VAL A 27 -6.97 3.76 -8.24
CA VAL A 27 -7.07 4.41 -9.54
C VAL A 27 -8.09 3.70 -10.43
N HIS A 28 -8.06 2.37 -10.41
CA HIS A 28 -8.97 1.56 -11.21
C HIS A 28 -9.91 0.76 -10.31
N ARG A 29 -11.19 0.73 -10.68
CA ARG A 29 -12.19 0.00 -9.91
C ARG A 29 -11.87 -1.49 -9.86
N ASP A 30 -11.13 -1.97 -10.85
CA ASP A 30 -10.76 -3.37 -10.92
C ASP A 30 -9.79 -3.75 -9.81
N ILE A 31 -9.08 -2.75 -9.28
CA ILE A 31 -8.13 -2.97 -8.22
C ILE A 31 -8.58 -2.33 -6.91
N GLN A 32 -9.53 -1.39 -7.01
CA GLN A 32 -10.05 -0.71 -5.83
C GLN A 32 -10.62 -1.70 -4.83
N GLY A 33 -10.34 -1.46 -3.55
CA GLY A 33 -10.84 -2.35 -2.51
C GLY A 33 -9.99 -3.60 -2.37
N ILE A 34 -8.76 -3.55 -2.89
CA ILE A 34 -7.86 -4.68 -2.82
C ILE A 34 -7.22 -4.80 -1.44
N SER A 35 -7.70 -5.76 -0.66
CA SER A 35 -7.18 -5.98 0.68
C SER A 35 -6.12 -7.09 0.64
N GLY A 36 -5.03 -6.88 1.37
CA GLY A 36 -3.97 -7.87 1.39
C GLY A 36 -2.81 -7.46 2.25
N ARG A 37 -1.67 -8.10 2.05
CA ARG A 37 -0.46 -7.81 2.81
C ARG A 37 0.53 -6.95 2.02
N VAL A 38 1.54 -6.48 2.72
CA VAL A 38 2.54 -5.57 2.15
C VAL A 38 3.89 -6.21 1.82
N VAL A 39 4.61 -5.62 0.86
CA VAL A 39 5.96 -6.09 0.53
C VAL A 39 6.89 -4.90 0.33
N ASP A 40 6.47 -3.93 -0.49
CA ASP A 40 7.25 -2.74 -0.76
C ASP A 40 6.36 -1.63 -1.30
N GLU A 41 6.77 -0.38 -1.11
CA GLU A 41 6.01 0.75 -1.62
C GLU A 41 6.92 1.69 -2.39
N THR A 42 6.59 1.95 -3.65
CA THR A 42 7.40 2.84 -4.48
C THR A 42 6.67 4.14 -4.78
N ARG A 43 7.45 5.17 -5.08
CA ARG A 43 6.90 6.49 -5.39
C ARG A 43 5.92 6.45 -6.57
N ASN A 44 6.00 5.39 -7.38
CA ASN A 44 5.12 5.25 -8.54
C ASN A 44 4.30 3.96 -8.49
N THR A 45 4.50 3.15 -7.46
CA THR A 45 3.76 1.90 -7.33
C THR A 45 3.74 1.41 -5.89
N LEU A 46 3.02 0.32 -5.66
CA LEU A 46 2.90 -0.27 -4.33
C LEU A 46 2.88 -1.79 -4.45
N ARG A 47 3.91 -2.45 -3.94
CA ARG A 47 4.00 -3.89 -4.00
C ARG A 47 3.40 -4.51 -2.74
N ILE A 48 2.77 -5.67 -2.90
CA ILE A 48 2.10 -6.35 -1.78
C ILE A 48 2.65 -7.76 -1.50
N GLU A 49 2.98 -8.02 -0.23
CA GLU A 49 3.43 -9.34 0.17
C GLU A 49 2.68 -9.80 1.40
N MET A 50 2.41 -11.11 1.41
CA MET A 50 1.70 -11.79 2.47
C MET A 50 2.62 -12.81 3.13
N ASP A 51 2.78 -12.70 4.45
CA ASP A 51 3.63 -13.61 5.22
C ASP A 51 3.41 -15.06 4.83
N ASP A 52 2.21 -15.37 4.35
CA ASP A 52 1.88 -16.73 3.94
C ASP A 52 2.72 -17.17 2.74
N GLY A 53 3.47 -16.24 2.16
CA GLY A 53 4.32 -16.56 1.01
C GLY A 53 3.72 -16.13 -0.31
N ARG A 54 2.76 -15.22 -0.25
CA ARG A 54 2.12 -14.70 -1.47
C ARG A 54 2.63 -13.31 -1.79
N GLU A 55 2.56 -12.92 -3.07
CA GLU A 55 3.03 -11.61 -3.50
C GLU A 55 2.29 -11.11 -4.72
N ILE A 56 1.86 -9.84 -4.66
CA ILE A 56 1.15 -9.21 -5.77
C ILE A 56 1.40 -7.70 -5.78
N THR A 57 1.33 -7.08 -6.96
CA THR A 57 1.59 -5.65 -7.08
C THR A 57 0.29 -4.86 -7.25
N VAL A 58 0.33 -3.58 -6.84
CA VAL A 58 -0.84 -2.70 -6.95
C VAL A 58 -0.41 -1.24 -7.08
N PRO A 59 -1.01 -0.48 -8.03
CA PRO A 59 -0.67 0.93 -8.24
C PRO A 59 -1.23 1.85 -7.15
N LYS A 60 -0.34 2.55 -6.45
CA LYS A 60 -0.75 3.46 -5.38
C LYS A 60 -0.75 4.92 -5.83
N GLY A 61 -0.35 5.16 -7.07
CA GLY A 61 -0.30 6.54 -7.57
C GLY A 61 -1.58 7.30 -7.31
N ILE A 62 -2.67 6.59 -7.11
CA ILE A 62 -3.96 7.21 -6.83
C ILE A 62 -4.78 6.30 -5.93
N ALA A 63 -4.24 5.98 -4.75
CA ALA A 63 -4.95 5.09 -3.84
C ALA A 63 -4.74 5.43 -2.36
N VAL A 64 -5.81 5.38 -1.59
CA VAL A 64 -5.74 5.66 -0.16
C VAL A 64 -5.23 4.43 0.58
N PHE A 65 -4.34 4.64 1.55
CA PHE A 65 -3.76 3.54 2.31
C PHE A 65 -4.38 3.39 3.70
N HIS A 66 -4.68 2.14 4.06
CA HIS A 66 -5.24 1.81 5.36
C HIS A 66 -4.66 0.49 5.86
N PHE A 67 -3.64 0.57 6.71
CA PHE A 67 -2.97 -0.61 7.21
C PHE A 67 -3.48 -1.02 8.58
N ARG A 68 -3.23 -2.28 8.94
CA ARG A 68 -3.65 -2.82 10.22
C ARG A 68 -2.56 -3.73 10.79
N THR A 69 -2.27 -3.57 12.08
CA THR A 69 -1.25 -4.37 12.73
C THR A 69 -1.87 -5.31 13.77
N PRO A 70 -1.58 -6.62 13.68
CA PRO A 70 -2.12 -7.61 14.62
C PRO A 70 -1.97 -7.19 16.07
N GLN A 71 -0.93 -6.41 16.35
CA GLN A 71 -0.68 -5.93 17.71
C GLN A 71 -1.82 -5.04 18.19
N GLY A 72 -2.66 -4.58 17.26
CA GLY A 72 -3.77 -3.73 17.62
C GLY A 72 -3.52 -2.28 17.27
N GLU A 73 -2.91 -2.05 16.10
CA GLU A 73 -2.61 -0.69 15.66
C GLU A 73 -3.18 -0.43 14.28
N LEU A 74 -3.48 0.84 14.00
CA LEU A 74 -4.04 1.22 12.70
C LEU A 74 -3.22 2.35 12.09
N VAL A 75 -2.77 2.15 10.85
CA VAL A 75 -1.98 3.16 10.15
C VAL A 75 -2.70 3.63 8.90
N GLU A 76 -2.77 4.94 8.72
CA GLU A 76 -3.46 5.51 7.56
C GLU A 76 -2.54 6.45 6.78
N ILE A 77 -2.60 6.35 5.46
CA ILE A 77 -1.81 7.18 4.58
C ILE A 77 -2.59 7.49 3.31
N ASP A 78 -2.24 8.57 2.62
CA ASP A 78 -2.94 8.95 1.41
C ASP A 78 -2.09 8.69 0.17
N GLY A 79 -2.36 7.57 -0.50
CA GLY A 79 -1.63 7.23 -1.71
C GLY A 79 -2.23 7.89 -2.94
N ARG A 80 -3.42 8.46 -2.77
CA ARG A 80 -4.10 9.10 -3.88
C ARG A 80 -3.38 10.36 -4.35
N ALA A 81 -3.21 11.31 -3.44
CA ALA A 81 -2.59 12.58 -3.77
C ALA A 81 -1.12 12.68 -3.32
N LEU A 82 -0.78 12.01 -2.23
CA LEU A 82 0.59 12.07 -1.70
C LEU A 82 1.62 11.53 -2.69
N VAL A 83 1.15 10.83 -3.73
CA VAL A 83 2.07 10.27 -4.72
C VAL A 83 3.08 11.31 -5.20
N ALA A 84 4.28 11.24 -4.66
CA ALA A 84 5.34 12.18 -5.02
C ALA A 84 6.42 11.48 -5.85
N ARG A 85 6.75 12.06 -7.00
CA ARG A 85 7.76 11.50 -7.87
C ARG A 85 9.05 12.34 -7.82
N PRO A 86 10.20 11.73 -8.13
CA PRO A 86 11.49 12.42 -8.11
C PRO A 86 11.52 13.65 -9.01
N GLU A 87 12.71 14.12 -9.33
CA GLU A 87 12.88 15.29 -10.19
C GLU A 87 12.19 15.11 -11.53
N GLU A 88 11.90 13.86 -11.88
CA GLU A 88 11.23 13.55 -13.15
C GLU A 88 9.90 14.30 -13.27
N ARG A 89 9.39 14.79 -12.14
CA ARG A 89 8.12 15.51 -12.12
C ARG A 89 6.93 14.56 -12.27
N ILE A 90 5.79 14.96 -11.73
CA ILE A 90 4.58 14.14 -11.79
C ILE A 90 3.76 14.47 -13.03
N ARG A 13 9.14 -9.87 6.30
CA ARG A 13 8.24 -11.00 6.10
C ARG A 13 7.46 -10.85 4.80
N HIS A 14 6.45 -11.70 4.62
CA HIS A 14 5.62 -11.67 3.44
C HIS A 14 4.59 -10.53 3.49
N GLU A 15 3.84 -10.48 4.59
CA GLU A 15 2.82 -9.44 4.76
C GLU A 15 3.41 -8.06 4.49
N LEU A 16 2.57 -7.00 4.55
CA LEU A 16 3.09 -5.64 4.33
C LEU A 16 4.26 -5.46 5.23
N ILE A 17 5.32 -4.83 4.73
CA ILE A 17 6.52 -4.72 5.51
C ILE A 17 6.14 -4.65 6.99
N GLY A 18 6.23 -5.79 7.66
CA GLY A 18 5.85 -5.88 9.06
C GLY A 18 4.37 -5.54 9.33
N LEU A 19 3.70 -4.86 8.38
CA LEU A 19 2.30 -4.46 8.52
C LEU A 19 1.40 -5.15 7.50
N SER A 20 0.09 -4.98 7.65
CA SER A 20 -0.90 -5.52 6.71
C SER A 20 -1.67 -4.34 6.11
N VAL A 21 -2.33 -4.49 4.95
CA VAL A 21 -3.01 -3.35 4.34
C VAL A 21 -4.49 -3.59 4.07
N ARG A 22 -5.23 -2.49 3.96
CA ARG A 22 -6.66 -2.51 3.68
C ARG A 22 -7.03 -1.33 2.77
N ILE A 23 -7.18 -1.61 1.48
CA ILE A 23 -7.51 -0.57 0.49
C ILE A 23 -8.95 -0.08 0.64
N ALA A 24 -9.13 1.23 0.45
CA ALA A 24 -10.44 1.85 0.53
C ALA A 24 -10.85 2.40 -0.83
N ARG A 25 -9.87 2.92 -1.56
CA ARG A 25 -10.09 3.47 -2.88
C ARG A 25 -8.80 3.43 -3.70
N SER A 26 -8.91 2.99 -4.95
CA SER A 26 -7.74 2.89 -5.82
C SER A 26 -8.06 3.35 -7.23
N VAL A 27 -7.03 3.62 -8.02
CA VAL A 27 -7.20 4.06 -9.40
C VAL A 27 -7.55 2.89 -10.30
N HIS A 28 -6.84 1.77 -10.12
CA HIS A 28 -7.08 0.57 -10.93
C HIS A 28 -8.17 -0.29 -10.28
N ARG A 29 -9.07 -0.80 -11.11
CA ARG A 29 -10.20 -1.62 -10.64
C ARG A 29 -9.74 -2.94 -10.04
N ASP A 30 -8.79 -3.59 -10.68
CA ASP A 30 -8.29 -4.88 -10.21
C ASP A 30 -7.77 -4.81 -8.77
N ILE A 31 -7.45 -3.61 -8.32
CA ILE A 31 -6.93 -3.41 -6.97
C ILE A 31 -7.94 -2.68 -6.10
N GLN A 32 -8.85 -1.95 -6.73
CA GLN A 32 -9.86 -1.19 -6.00
C GLN A 32 -10.65 -2.07 -5.03
N GLY A 33 -10.83 -1.57 -3.81
CA GLY A 33 -11.57 -2.30 -2.80
C GLY A 33 -10.91 -3.62 -2.41
N ILE A 34 -9.65 -3.79 -2.81
CA ILE A 34 -8.92 -5.01 -2.50
C ILE A 34 -7.91 -4.77 -1.38
N SER A 35 -8.12 -5.45 -0.25
CA SER A 35 -7.22 -5.33 0.88
C SER A 35 -6.16 -6.42 0.81
N GLY A 36 -5.09 -6.30 1.59
CA GLY A 36 -4.06 -7.29 1.55
C GLY A 36 -2.79 -6.82 2.18
N ARG A 37 -1.72 -7.56 1.98
CA ARG A 37 -0.44 -7.24 2.56
C ARG A 37 0.52 -6.64 1.51
N VAL A 38 1.64 -6.12 2.00
CA VAL A 38 2.65 -5.48 1.14
C VAL A 38 3.85 -6.37 0.86
N VAL A 39 4.54 -6.07 -0.23
CA VAL A 39 5.76 -6.79 -0.58
C VAL A 39 6.90 -5.79 -0.51
N ASP A 40 6.67 -4.62 -1.11
CA ASP A 40 7.63 -3.53 -1.11
C ASP A 40 6.92 -2.21 -1.40
N GLU A 41 7.41 -1.12 -0.83
CA GLU A 41 6.79 0.19 -1.03
C GLU A 41 7.73 1.14 -1.76
N THR A 42 7.26 1.70 -2.87
CA THR A 42 8.05 2.64 -3.66
C THR A 42 7.32 3.97 -3.80
N ARG A 43 8.06 5.05 -3.95
CA ARG A 43 7.49 6.38 -4.08
C ARG A 43 6.58 6.51 -5.30
N ASN A 44 6.58 5.50 -6.17
CA ASN A 44 5.73 5.55 -7.37
C ASN A 44 4.84 4.31 -7.51
N THR A 45 4.97 3.35 -6.60
CA THR A 45 4.15 2.14 -6.66
C THR A 45 4.08 1.43 -5.31
N LEU A 46 3.11 0.55 -5.18
CA LEU A 46 2.91 -0.22 -3.97
C LEU A 46 2.60 -1.67 -4.31
N ARG A 47 3.56 -2.55 -4.12
CA ARG A 47 3.36 -3.96 -4.43
C ARG A 47 2.95 -4.71 -3.15
N ILE A 48 1.82 -5.39 -3.24
CA ILE A 48 1.21 -6.10 -2.11
C ILE A 48 1.61 -7.58 -1.99
N GLU A 49 2.24 -7.93 -0.85
CA GLU A 49 2.57 -9.30 -0.57
C GLU A 49 1.98 -9.68 0.78
N MET A 50 1.31 -10.84 0.80
CA MET A 50 0.66 -11.36 2.00
C MET A 50 1.21 -12.73 2.40
N ASP A 51 1.25 -12.95 3.72
CA ASP A 51 1.75 -14.20 4.31
C ASP A 51 1.25 -15.43 3.55
N ASP A 52 0.11 -15.31 2.91
CA ASP A 52 -0.45 -16.42 2.15
C ASP A 52 0.39 -16.70 0.90
N GLY A 53 1.56 -16.08 0.82
CA GLY A 53 2.43 -16.26 -0.33
C GLY A 53 1.82 -15.65 -1.58
N ARG A 54 0.92 -14.70 -1.38
CA ARG A 54 0.28 -14.04 -2.51
C ARG A 54 0.83 -12.64 -2.73
N GLU A 55 1.51 -12.46 -3.84
CA GLU A 55 2.09 -11.17 -4.18
C GLU A 55 1.38 -10.55 -5.37
N ILE A 56 1.19 -9.24 -5.33
CA ILE A 56 0.52 -8.51 -6.41
C ILE A 56 0.91 -7.04 -6.41
N THR A 57 0.81 -6.39 -7.56
CA THR A 57 1.18 -4.98 -7.67
C THR A 57 -0.05 -4.08 -7.49
N VAL A 58 0.19 -2.85 -7.00
CA VAL A 58 -0.88 -1.90 -6.78
C VAL A 58 -0.36 -0.45 -6.90
N PRO A 59 -0.66 0.23 -8.02
CA PRO A 59 -0.22 1.61 -8.25
C PRO A 59 -0.53 2.55 -7.09
N LYS A 60 0.41 3.45 -6.81
CA LYS A 60 0.24 4.43 -5.73
C LYS A 60 -0.19 5.80 -6.25
N GLY A 61 -0.31 5.93 -7.57
CA GLY A 61 -0.68 7.20 -8.14
C GLY A 61 -1.91 7.82 -7.48
N ILE A 62 -2.91 7.00 -7.19
CA ILE A 62 -4.13 7.46 -6.55
C ILE A 62 -4.79 6.31 -5.80
N ALA A 63 -4.11 5.77 -4.79
CA ALA A 63 -4.67 4.65 -4.04
C ALA A 63 -4.63 4.86 -2.53
N VAL A 64 -5.80 5.05 -1.93
CA VAL A 64 -5.89 5.23 -0.49
C VAL A 64 -6.07 3.88 0.20
N PHE A 65 -5.23 3.62 1.20
CA PHE A 65 -5.30 2.38 1.93
C PHE A 65 -4.78 2.52 3.36
N HIS A 66 -5.42 1.83 4.29
CA HIS A 66 -5.04 1.88 5.68
C HIS A 66 -4.25 0.63 6.07
N PHE A 67 -3.17 0.84 6.82
CA PHE A 67 -2.32 -0.27 7.25
C PHE A 67 -2.69 -0.72 8.66
N ARG A 68 -2.39 -1.98 8.97
CA ARG A 68 -2.68 -2.54 10.28
C ARG A 68 -1.47 -3.28 10.83
N THR A 69 -1.24 -3.16 12.13
CA THR A 69 -0.11 -3.83 12.78
C THR A 69 -0.60 -4.77 13.87
N PRO A 70 -0.23 -6.06 13.80
CA PRO A 70 -0.64 -7.07 14.79
C PRO A 70 -0.44 -6.59 16.23
N GLN A 71 0.53 -5.69 16.42
CA GLN A 71 0.81 -5.16 17.75
C GLN A 71 -0.38 -4.34 18.28
N GLY A 72 -1.31 -4.00 17.39
CA GLY A 72 -2.47 -3.23 17.78
C GLY A 72 -2.36 -1.78 17.38
N GLU A 73 -1.80 -1.53 16.19
CA GLU A 73 -1.65 -0.17 15.70
C GLU A 73 -2.32 -0.01 14.34
N LEU A 74 -2.80 1.20 14.07
CA LEU A 74 -3.48 1.48 12.80
C LEU A 74 -2.83 2.69 12.11
N VAL A 75 -2.41 2.51 10.87
CA VAL A 75 -1.78 3.58 10.11
C VAL A 75 -2.54 3.84 8.81
N GLU A 76 -2.35 5.04 8.25
CA GLU A 76 -3.03 5.41 7.01
C GLU A 76 -2.02 5.87 5.95
N ILE A 77 -2.36 5.64 4.69
CA ILE A 77 -1.49 6.03 3.59
C ILE A 77 -2.33 6.43 2.38
N ASP A 78 -2.46 7.73 2.15
CA ASP A 78 -3.25 8.24 1.03
C ASP A 78 -2.49 8.16 -0.29
N GLY A 79 -2.79 7.12 -1.06
CA GLY A 79 -2.16 6.94 -2.35
C GLY A 79 -2.52 8.04 -3.34
N ARG A 80 -3.51 8.84 -3.00
CA ARG A 80 -3.94 9.91 -3.88
C ARG A 80 -3.35 11.26 -3.49
N ALA A 81 -3.43 11.57 -2.19
CA ALA A 81 -2.93 12.84 -1.69
C ALA A 81 -1.58 12.74 -0.98
N LEU A 82 -1.13 11.52 -0.68
CA LEU A 82 0.15 11.35 0.02
C LEU A 82 1.29 11.00 -0.93
N VAL A 83 0.97 10.22 -1.95
CA VAL A 83 1.99 9.81 -2.92
C VAL A 83 2.76 11.01 -3.47
N ALA A 84 3.96 11.23 -2.92
CA ALA A 84 4.80 12.34 -3.36
C ALA A 84 6.01 11.85 -4.13
N ARG A 85 6.03 12.12 -5.42
CA ARG A 85 7.14 11.69 -6.28
C ARG A 85 8.25 12.75 -6.26
N PRO A 86 9.41 12.44 -5.66
CA PRO A 86 10.53 13.38 -5.59
C PRO A 86 11.25 13.54 -6.93
N GLU A 87 10.94 12.64 -7.87
CA GLU A 87 11.55 12.69 -9.19
C GLU A 87 10.86 13.71 -10.09
N GLU A 88 9.60 13.96 -9.82
CA GLU A 88 8.82 14.92 -10.60
C GLU A 88 8.57 16.20 -9.81
N ARG A 89 8.98 16.22 -8.53
CA ARG A 89 8.79 17.39 -7.69
C ARG A 89 7.30 17.67 -7.48
N ILE A 90 6.92 17.89 -6.22
CA ILE A 90 5.53 18.17 -5.87
C ILE A 90 5.18 19.62 -6.19
N ARG A 13 15.47 2.36 1.14
CA ARG A 13 14.66 1.51 0.28
C ARG A 13 13.32 1.18 0.93
N HIS A 14 13.36 0.35 1.97
CA HIS A 14 12.14 -0.04 2.68
C HIS A 14 12.23 0.31 4.16
N GLU A 15 11.08 0.40 4.81
CA GLU A 15 11.03 0.74 6.24
C GLU A 15 9.59 0.75 6.75
N LEU A 16 8.77 -0.16 6.23
CA LEU A 16 7.37 -0.25 6.66
C LEU A 16 6.73 -1.54 6.15
N ILE A 17 7.54 -2.57 5.95
CA ILE A 17 7.04 -3.86 5.47
C ILE A 17 6.66 -4.77 6.63
N GLY A 18 5.89 -5.81 6.33
CA GLY A 18 5.47 -6.75 7.35
C GLY A 18 4.15 -6.35 8.00
N LEU A 19 3.50 -5.35 7.43
CA LEU A 19 2.22 -4.87 7.96
C LEU A 19 1.08 -5.23 7.00
N SER A 20 -0.15 -5.11 7.50
CA SER A 20 -1.33 -5.41 6.68
C SER A 20 -1.89 -4.12 6.10
N VAL A 21 -2.35 -4.17 4.86
CA VAL A 21 -2.90 -2.99 4.19
C VAL A 21 -4.30 -3.25 3.67
N ARG A 22 -5.17 -2.25 3.80
CA ARG A 22 -6.54 -2.35 3.33
C ARG A 22 -6.84 -1.27 2.30
N ILE A 23 -6.78 -1.64 1.03
CA ILE A 23 -7.03 -0.70 -0.06
C ILE A 23 -8.52 -0.40 -0.20
N ALA A 24 -8.87 0.88 -0.12
CA ALA A 24 -10.26 1.30 -0.25
C ALA A 24 -10.63 1.44 -1.72
N ARG A 25 -9.76 2.13 -2.45
CA ARG A 25 -9.96 2.34 -3.88
C ARG A 25 -8.71 2.96 -4.50
N SER A 26 -8.27 2.38 -5.61
CA SER A 26 -7.08 2.87 -6.30
C SER A 26 -7.43 3.41 -7.68
N VAL A 27 -6.50 4.15 -8.27
CA VAL A 27 -6.69 4.76 -9.60
C VAL A 27 -7.50 3.85 -10.53
N HIS A 28 -7.15 2.57 -10.57
CA HIS A 28 -7.85 1.61 -11.41
C HIS A 28 -9.08 1.06 -10.69
N ARG A 29 -10.19 0.96 -11.42
CA ARG A 29 -11.45 0.48 -10.84
C ARG A 29 -11.47 -1.02 -10.58
N ASP A 30 -10.59 -1.77 -11.25
CA ASP A 30 -10.54 -3.21 -11.06
C ASP A 30 -9.64 -3.60 -9.89
N ILE A 31 -9.19 -2.62 -9.12
CA ILE A 31 -8.32 -2.90 -7.99
C ILE A 31 -8.77 -2.15 -6.72
N GLN A 32 -9.96 -1.56 -6.76
CA GLN A 32 -10.46 -0.82 -5.60
C GLN A 32 -11.13 -1.75 -4.60
N GLY A 33 -10.60 -1.76 -3.38
CA GLY A 33 -11.16 -2.60 -2.34
C GLY A 33 -10.30 -3.81 -2.02
N ILE A 34 -9.02 -3.76 -2.42
CA ILE A 34 -8.12 -4.87 -2.17
C ILE A 34 -7.61 -4.86 -0.74
N SER A 35 -7.68 -6.00 -0.08
CA SER A 35 -7.21 -6.13 1.30
C SER A 35 -6.19 -7.25 1.41
N GLY A 36 -5.03 -6.95 1.99
CA GLY A 36 -4.00 -7.96 2.12
C GLY A 36 -2.78 -7.42 2.84
N ARG A 37 -1.66 -8.12 2.69
CA ARG A 37 -0.41 -7.72 3.33
C ARG A 37 0.50 -6.96 2.36
N VAL A 38 1.58 -6.42 2.90
CA VAL A 38 2.52 -5.57 2.16
C VAL A 38 3.80 -6.30 1.72
N VAL A 39 4.44 -5.79 0.67
CA VAL A 39 5.72 -6.36 0.20
C VAL A 39 6.75 -5.24 0.13
N ASP A 40 6.37 -4.15 -0.52
CA ASP A 40 7.24 -2.99 -0.69
C ASP A 40 6.44 -1.73 -1.01
N GLU A 41 7.10 -0.58 -0.92
CA GLU A 41 6.47 0.71 -1.24
C GLU A 41 7.21 1.38 -2.39
N THR A 42 6.48 1.76 -3.44
CA THR A 42 7.10 2.39 -4.60
C THR A 42 6.50 3.76 -4.91
N ARG A 43 7.30 4.60 -5.57
CA ARG A 43 6.89 5.95 -5.97
C ARG A 43 5.46 6.00 -6.48
N ASN A 44 5.09 5.02 -7.31
CA ASN A 44 3.74 4.97 -7.86
C ASN A 44 3.18 3.55 -7.87
N THR A 45 3.62 2.72 -6.93
CA THR A 45 3.14 1.35 -6.84
C THR A 45 3.25 0.82 -5.42
N LEU A 46 2.32 -0.04 -5.05
CA LEU A 46 2.29 -0.61 -3.71
C LEU A 46 2.32 -2.13 -3.77
N ARG A 47 3.43 -2.70 -3.34
CA ARG A 47 3.59 -4.14 -3.33
C ARG A 47 2.90 -4.73 -2.11
N ILE A 48 1.96 -5.65 -2.36
CA ILE A 48 1.16 -6.30 -1.31
C ILE A 48 1.57 -7.76 -1.07
N GLU A 49 2.29 -8.01 0.02
CA GLU A 49 2.73 -9.36 0.37
C GLU A 49 2.28 -9.76 1.76
N MET A 50 1.93 -11.05 1.85
CA MET A 50 1.48 -11.68 3.10
C MET A 50 2.55 -12.63 3.62
N ASP A 51 2.82 -12.56 4.92
CA ASP A 51 3.83 -13.41 5.54
C ASP A 51 3.63 -14.88 5.16
N ASP A 52 2.41 -15.23 4.81
CA ASP A 52 2.09 -16.59 4.40
C ASP A 52 2.83 -16.99 3.13
N GLY A 53 3.45 -16.01 2.47
CA GLY A 53 4.17 -16.27 1.24
C GLY A 53 3.38 -15.87 0.01
N ARG A 54 2.44 -14.96 0.18
CA ARG A 54 1.62 -14.47 -0.92
C ARG A 54 2.07 -13.07 -1.33
N GLU A 55 1.94 -12.75 -2.62
CA GLU A 55 2.35 -11.44 -3.11
C GLU A 55 1.46 -10.95 -4.25
N ILE A 56 1.21 -9.64 -4.27
CA ILE A 56 0.39 -9.02 -5.30
C ILE A 56 0.68 -7.53 -5.39
N THR A 57 0.75 -6.98 -6.59
CA THR A 57 1.04 -5.56 -6.77
C THR A 57 -0.24 -4.72 -6.83
N VAL A 58 -0.14 -3.47 -6.39
CA VAL A 58 -1.28 -2.56 -6.40
C VAL A 58 -0.83 -1.10 -6.50
N PRO A 59 -1.18 -0.40 -7.61
CA PRO A 59 -0.81 1.01 -7.81
C PRO A 59 -1.31 1.94 -6.71
N LYS A 60 -0.37 2.62 -6.05
CA LYS A 60 -0.71 3.54 -4.97
C LYS A 60 -0.71 5.00 -5.41
N GLY A 61 -0.37 5.25 -6.67
CA GLY A 61 -0.32 6.63 -7.14
C GLY A 61 -1.58 7.41 -6.79
N ILE A 62 -2.69 6.69 -6.64
CA ILE A 62 -3.96 7.30 -6.28
C ILE A 62 -4.83 6.26 -5.59
N ALA A 63 -4.37 5.77 -4.43
CA ALA A 63 -5.12 4.73 -3.72
C ALA A 63 -5.22 4.97 -2.20
N VAL A 64 -6.42 5.29 -1.73
CA VAL A 64 -6.63 5.49 -0.30
C VAL A 64 -6.68 4.15 0.40
N PHE A 65 -5.91 4.01 1.48
CA PHE A 65 -5.89 2.76 2.22
C PHE A 65 -5.46 2.98 3.66
N HIS A 66 -5.67 1.95 4.48
CA HIS A 66 -5.30 2.02 5.89
C HIS A 66 -4.63 0.71 6.28
N PHE A 67 -3.39 0.80 6.77
CA PHE A 67 -2.65 -0.40 7.16
C PHE A 67 -2.75 -0.67 8.65
N ARG A 68 -2.81 -1.95 9.00
CA ARG A 68 -2.90 -2.37 10.39
C ARG A 68 -1.60 -3.01 10.84
N THR A 69 -0.94 -2.41 11.82
CA THR A 69 0.32 -2.93 12.33
C THR A 69 0.07 -4.05 13.35
N PRO A 70 0.73 -5.21 13.17
CA PRO A 70 0.59 -6.36 14.07
C PRO A 70 0.60 -5.97 15.54
N GLN A 71 1.23 -4.85 15.85
CA GLN A 71 1.30 -4.37 17.23
C GLN A 71 -0.09 -4.10 17.78
N GLY A 72 -1.07 -4.02 16.89
CA GLY A 72 -2.44 -3.78 17.30
C GLY A 72 -2.88 -2.35 17.05
N GLU A 73 -2.27 -1.71 16.06
CA GLU A 73 -2.61 -0.33 15.72
C GLU A 73 -2.97 -0.18 14.25
N LEU A 74 -3.79 0.81 13.96
CA LEU A 74 -4.21 1.09 12.58
C LEU A 74 -3.71 2.45 12.11
N VAL A 75 -3.46 2.57 10.82
CA VAL A 75 -2.96 3.82 10.26
C VAL A 75 -3.65 4.13 8.93
N GLU A 76 -3.98 5.41 8.73
CA GLU A 76 -4.64 5.83 7.51
C GLU A 76 -3.65 6.48 6.55
N ILE A 77 -3.71 6.08 5.29
CA ILE A 77 -2.81 6.62 4.27
C ILE A 77 -3.59 7.01 3.03
N ASP A 78 -3.26 8.17 2.46
CA ASP A 78 -3.94 8.64 1.26
C ASP A 78 -3.11 8.38 0.02
N GLY A 79 -3.46 7.32 -0.70
CA GLY A 79 -2.75 6.95 -1.90
C GLY A 79 -2.74 8.05 -2.95
N ARG A 80 -3.57 9.07 -2.76
CA ARG A 80 -3.65 10.16 -3.71
C ARG A 80 -2.38 11.03 -3.65
N ALA A 81 -1.69 10.94 -2.51
CA ALA A 81 -0.47 11.70 -2.31
C ALA A 81 0.77 10.85 -2.58
N LEU A 82 0.57 9.59 -2.95
CA LEU A 82 1.68 8.68 -3.23
C LEU A 82 2.02 8.66 -4.71
N VAL A 83 1.70 9.75 -5.40
CA VAL A 83 1.98 9.88 -6.83
C VAL A 83 3.42 9.51 -7.14
N ALA A 84 3.70 9.25 -8.42
CA ALA A 84 5.04 8.89 -8.87
C ALA A 84 6.09 9.83 -8.26
N ARG A 85 7.36 9.42 -8.28
CA ARG A 85 8.42 10.23 -7.69
C ARG A 85 9.43 10.70 -8.73
N PRO A 86 9.52 12.03 -8.96
CA PRO A 86 10.45 12.61 -9.93
C PRO A 86 11.88 12.68 -9.42
N GLU A 87 12.10 12.17 -8.21
CA GLU A 87 13.45 12.18 -7.62
C GLU A 87 14.12 10.82 -7.74
N GLU A 88 13.35 9.79 -8.10
CA GLU A 88 13.90 8.45 -8.24
C GLU A 88 13.99 8.04 -9.71
N ARG A 89 13.08 8.54 -10.54
CA ARG A 89 13.08 8.20 -11.96
C ARG A 89 11.98 8.93 -12.73
N ILE A 90 10.89 9.27 -12.06
CA ILE A 90 9.79 9.97 -12.71
C ILE A 90 10.25 11.30 -13.31
N ARG A 13 10.65 4.03 15.18
CA ARG A 13 10.02 3.37 14.04
C ARG A 13 10.81 2.12 13.63
N HIS A 14 10.07 1.03 13.38
CA HIS A 14 10.69 -0.24 12.99
C HIS A 14 10.04 -0.76 11.71
N GLU A 15 10.49 -0.23 10.57
CA GLU A 15 9.96 -0.62 9.26
C GLU A 15 8.43 -0.66 9.27
N LEU A 16 7.84 -1.13 8.17
CA LEU A 16 6.40 -1.20 8.05
C LEU A 16 5.95 -2.52 7.41
N ILE A 17 6.86 -3.48 7.36
CA ILE A 17 6.56 -4.78 6.77
C ILE A 17 6.04 -5.76 7.82
N GLY A 18 5.15 -6.66 7.39
CA GLY A 18 4.59 -7.63 8.32
C GLY A 18 3.13 -7.38 8.63
N LEU A 19 2.62 -6.22 8.24
CA LEU A 19 1.23 -5.87 8.49
C LEU A 19 0.41 -5.85 7.21
N SER A 20 -0.91 -5.82 7.35
CA SER A 20 -1.82 -5.80 6.22
C SER A 20 -2.09 -4.38 5.75
N VAL A 21 -2.52 -4.23 4.51
CA VAL A 21 -2.81 -2.92 3.94
C VAL A 21 -4.16 -2.94 3.21
N ARG A 22 -5.15 -2.27 3.80
CA ARG A 22 -6.49 -2.22 3.21
C ARG A 22 -6.65 -0.98 2.32
N ILE A 23 -6.98 -1.21 1.05
CA ILE A 23 -7.17 -0.13 0.11
C ILE A 23 -8.65 0.26 0.01
N ALA A 24 -8.95 1.53 0.26
CA ALA A 24 -10.32 2.02 0.21
C ALA A 24 -10.68 2.47 -1.20
N ARG A 25 -9.67 2.79 -2.00
CA ARG A 25 -9.88 3.23 -3.37
C ARG A 25 -8.56 3.20 -4.14
N SER A 26 -8.66 2.95 -5.45
CA SER A 26 -7.48 2.89 -6.30
C SER A 26 -7.73 3.55 -7.64
N VAL A 27 -6.66 3.85 -8.36
CA VAL A 27 -6.75 4.48 -9.68
C VAL A 27 -7.69 3.70 -10.61
N HIS A 28 -7.51 2.38 -10.65
CA HIS A 28 -8.33 1.53 -11.50
C HIS A 28 -9.36 0.77 -10.67
N ARG A 29 -10.58 0.70 -11.18
CA ARG A 29 -11.67 0.02 -10.46
C ARG A 29 -11.40 -1.48 -10.28
N ASP A 30 -10.44 -2.01 -11.02
CA ASP A 30 -10.12 -3.43 -10.92
C ASP A 30 -9.20 -3.73 -9.75
N ILE A 31 -8.77 -2.69 -9.04
CA ILE A 31 -7.89 -2.86 -7.90
C ILE A 31 -8.32 -2.01 -6.69
N GLN A 32 -9.44 -1.29 -6.84
CA GLN A 32 -9.93 -0.45 -5.76
C GLN A 32 -10.74 -1.25 -4.75
N GLY A 33 -10.78 -0.77 -3.51
CA GLY A 33 -11.52 -1.45 -2.47
C GLY A 33 -11.01 -2.86 -2.20
N ILE A 34 -9.78 -3.13 -2.64
CA ILE A 34 -9.18 -4.44 -2.44
C ILE A 34 -8.19 -4.42 -1.31
N SER A 35 -8.32 -5.38 -0.39
CA SER A 35 -7.41 -5.48 0.75
C SER A 35 -6.26 -6.42 0.41
N GLY A 36 -5.06 -6.09 0.88
CA GLY A 36 -3.92 -6.94 0.59
C GLY A 36 -2.83 -6.82 1.63
N ARG A 37 -1.77 -7.59 1.43
CA ARG A 37 -0.64 -7.60 2.34
C ARG A 37 0.51 -6.73 1.85
N VAL A 38 1.50 -6.52 2.70
CA VAL A 38 2.63 -5.64 2.36
C VAL A 38 3.90 -6.37 1.95
N VAL A 39 4.65 -5.79 1.00
CA VAL A 39 5.94 -6.36 0.60
C VAL A 39 6.98 -5.27 0.41
N ASP A 40 6.62 -4.21 -0.34
CA ASP A 40 7.51 -3.10 -0.60
C ASP A 40 6.75 -1.84 -1.00
N GLU A 41 7.45 -0.71 -1.01
CA GLU A 41 6.85 0.56 -1.40
C GLU A 41 7.70 1.25 -2.46
N THR A 42 7.09 1.62 -3.58
CA THR A 42 7.83 2.27 -4.66
C THR A 42 7.32 3.69 -4.89
N ARG A 43 8.22 4.56 -5.33
CA ARG A 43 7.90 5.96 -5.60
C ARG A 43 6.70 6.09 -6.53
N ASN A 44 6.41 5.05 -7.31
CA ASN A 44 5.29 5.09 -8.25
C ASN A 44 4.39 3.86 -8.18
N THR A 45 4.64 2.97 -7.21
CA THR A 45 3.81 1.78 -7.07
C THR A 45 3.91 1.19 -5.68
N LEU A 46 2.95 0.33 -5.34
CA LEU A 46 2.91 -0.30 -4.03
C LEU A 46 2.96 -1.81 -4.18
N ARG A 47 3.96 -2.42 -3.56
CA ARG A 47 4.12 -3.87 -3.64
C ARG A 47 3.46 -4.53 -2.43
N ILE A 48 2.76 -5.64 -2.68
CA ILE A 48 2.02 -6.36 -1.62
C ILE A 48 2.52 -7.78 -1.37
N GLU A 49 2.86 -8.10 -0.11
CA GLU A 49 3.26 -9.46 0.25
C GLU A 49 2.49 -9.91 1.48
N MET A 50 2.05 -11.17 1.40
CA MET A 50 1.28 -11.82 2.47
C MET A 50 2.19 -12.78 3.24
N ASP A 51 2.12 -12.69 4.57
CA ASP A 51 2.93 -13.57 5.44
C ASP A 51 2.87 -15.02 4.99
N ASP A 52 1.77 -15.40 4.36
CA ASP A 52 1.58 -16.75 3.88
C ASP A 52 2.62 -17.10 2.81
N GLY A 53 3.31 -16.08 2.30
CA GLY A 53 4.32 -16.30 1.27
C GLY A 53 3.81 -15.94 -0.10
N ARG A 54 2.81 -15.06 -0.14
CA ARG A 54 2.24 -14.62 -1.41
C ARG A 54 2.70 -13.22 -1.77
N GLU A 55 2.84 -12.94 -3.05
CA GLU A 55 3.29 -11.63 -3.50
C GLU A 55 2.46 -11.11 -4.68
N ILE A 56 2.15 -9.82 -4.64
CA ILE A 56 1.37 -9.17 -5.69
C ILE A 56 1.60 -7.65 -5.66
N THR A 57 1.54 -7.01 -6.83
CA THR A 57 1.75 -5.56 -6.91
C THR A 57 0.44 -4.79 -7.06
N VAL A 58 0.45 -3.52 -6.62
CA VAL A 58 -0.74 -2.67 -6.71
C VAL A 58 -0.34 -1.19 -6.80
N PRO A 59 -0.75 -0.51 -7.90
CA PRO A 59 -0.43 0.92 -8.11
C PRO A 59 -1.01 1.82 -7.03
N LYS A 60 -0.15 2.50 -6.28
CA LYS A 60 -0.57 3.41 -5.21
C LYS A 60 -0.56 4.87 -5.65
N GLY A 61 -0.13 5.15 -6.87
CA GLY A 61 -0.08 6.53 -7.34
C GLY A 61 -1.37 7.28 -7.06
N ILE A 62 -2.46 6.54 -6.93
CA ILE A 62 -3.76 7.12 -6.63
C ILE A 62 -4.60 6.10 -5.87
N ALA A 63 -4.11 5.70 -4.69
CA ALA A 63 -4.82 4.69 -3.91
C ALA A 63 -4.78 4.94 -2.41
N VAL A 64 -5.93 5.29 -1.83
CA VAL A 64 -6.04 5.51 -0.40
C VAL A 64 -6.10 4.17 0.32
N PHE A 65 -5.25 3.99 1.34
CA PHE A 65 -5.23 2.74 2.07
C PHE A 65 -4.79 2.91 3.51
N HIS A 66 -5.23 1.98 4.35
CA HIS A 66 -4.90 2.00 5.77
C HIS A 66 -4.11 0.75 6.14
N PHE A 67 -3.05 0.91 6.94
CA PHE A 67 -2.23 -0.22 7.34
C PHE A 67 -2.69 -0.79 8.67
N ARG A 68 -3.19 -2.03 8.63
CA ARG A 68 -3.68 -2.69 9.83
C ARG A 68 -2.62 -3.63 10.38
N THR A 69 -1.99 -3.22 11.48
CA THR A 69 -0.95 -4.02 12.11
C THR A 69 -1.54 -5.13 12.98
N PRO A 70 -1.02 -6.37 12.86
CA PRO A 70 -1.50 -7.52 13.62
C PRO A 70 -1.67 -7.21 15.10
N GLN A 71 -0.84 -6.31 15.62
CA GLN A 71 -0.90 -5.91 17.03
C GLN A 71 -2.25 -5.28 17.36
N GLY A 72 -3.00 -4.90 16.33
CA GLY A 72 -4.30 -4.29 16.55
C GLY A 72 -4.26 -2.78 16.34
N GLU A 73 -3.51 -2.35 15.33
CA GLU A 73 -3.39 -0.92 15.03
C GLU A 73 -3.85 -0.64 13.60
N LEU A 74 -4.46 0.52 13.39
CA LEU A 74 -4.94 0.90 12.06
C LEU A 74 -4.41 2.27 11.66
N VAL A 75 -3.50 2.27 10.69
CA VAL A 75 -2.91 3.51 10.20
C VAL A 75 -3.56 3.95 8.89
N GLU A 76 -3.43 5.23 8.55
CA GLU A 76 -4.03 5.75 7.32
C GLU A 76 -2.99 6.35 6.39
N ILE A 77 -3.21 6.19 5.08
CA ILE A 77 -2.31 6.72 4.08
C ILE A 77 -3.10 7.10 2.82
N ASP A 78 -2.70 8.18 2.15
CA ASP A 78 -3.41 8.62 0.96
C ASP A 78 -2.59 8.38 -0.31
N GLY A 79 -2.92 7.30 -1.01
CA GLY A 79 -2.23 6.98 -2.24
C GLY A 79 -2.46 8.00 -3.34
N ARG A 80 -3.41 8.91 -3.13
CA ARG A 80 -3.73 9.92 -4.13
C ARG A 80 -2.65 11.00 -4.21
N ALA A 81 -2.45 11.71 -3.12
CA ALA A 81 -1.49 12.80 -3.08
C ALA A 81 -0.17 12.41 -2.42
N LEU A 82 -0.24 11.57 -1.41
CA LEU A 82 0.96 11.14 -0.69
C LEU A 82 2.06 10.69 -1.65
N VAL A 83 1.64 10.18 -2.80
CA VAL A 83 2.58 9.70 -3.81
C VAL A 83 3.50 10.84 -4.27
N ALA A 84 4.78 10.73 -3.91
CA ALA A 84 5.76 11.74 -4.29
C ALA A 84 6.71 11.22 -5.34
N ARG A 85 7.11 12.09 -6.26
CA ARG A 85 8.03 11.72 -7.34
C ARG A 85 9.36 12.46 -7.20
N PRO A 86 10.46 11.72 -6.97
CA PRO A 86 11.79 12.32 -6.81
C PRO A 86 12.41 12.74 -8.15
N GLU A 87 11.71 12.46 -9.24
CA GLU A 87 12.20 12.81 -10.57
C GLU A 87 11.60 14.12 -11.05
N GLU A 88 10.38 14.39 -10.62
CA GLU A 88 9.69 15.61 -11.00
C GLU A 88 9.62 16.61 -9.84
N ARG A 89 10.36 16.32 -8.77
CA ARG A 89 10.38 17.20 -7.60
C ARG A 89 8.99 17.28 -6.96
N ILE A 90 8.97 17.37 -5.63
CA ILE A 90 7.71 17.46 -4.90
C ILE A 90 7.10 18.86 -5.01
N ARG A 13 16.33 3.92 9.98
CA ARG A 13 16.11 2.68 10.72
C ARG A 13 14.61 2.48 11.00
N HIS A 14 13.94 1.76 10.10
CA HIS A 14 12.52 1.48 10.25
C HIS A 14 12.00 0.62 9.11
N GLU A 15 11.09 -0.29 9.42
CA GLU A 15 10.52 -1.18 8.42
C GLU A 15 9.00 -1.15 8.46
N LEU A 16 8.37 -1.43 7.32
CA LEU A 16 6.92 -1.43 7.22
C LEU A 16 6.41 -2.77 6.68
N ILE A 17 7.26 -3.79 6.72
CA ILE A 17 6.89 -5.11 6.23
C ILE A 17 6.28 -5.96 7.34
N GLY A 18 5.37 -6.86 6.97
CA GLY A 18 4.73 -7.72 7.95
C GLY A 18 3.40 -7.18 8.43
N LEU A 19 2.92 -6.12 7.80
CA LEU A 19 1.65 -5.52 8.18
C LEU A 19 0.58 -5.77 7.12
N SER A 20 -0.68 -5.52 7.47
CA SER A 20 -1.79 -5.71 6.55
C SER A 20 -2.25 -4.37 5.98
N VAL A 21 -2.93 -4.42 4.84
CA VAL A 21 -3.41 -3.20 4.20
C VAL A 21 -4.82 -3.33 3.68
N ARG A 22 -5.55 -2.22 3.67
CA ARG A 22 -6.93 -2.20 3.17
C ARG A 22 -7.10 -1.03 2.21
N ILE A 23 -7.19 -1.34 0.92
CA ILE A 23 -7.33 -0.31 -0.10
C ILE A 23 -8.79 0.04 -0.35
N ALA A 24 -9.06 1.33 -0.57
CA ALA A 24 -10.40 1.80 -0.84
C ALA A 24 -10.53 2.27 -2.27
N ARG A 25 -9.85 3.35 -2.58
CA ARG A 25 -9.85 3.91 -3.92
C ARG A 25 -8.48 3.74 -4.57
N SER A 26 -8.48 3.25 -5.81
CA SER A 26 -7.23 3.02 -6.54
C SER A 26 -7.35 3.46 -8.00
N VAL A 27 -6.20 3.59 -8.65
CA VAL A 27 -6.17 4.00 -10.05
C VAL A 27 -6.96 3.03 -10.94
N HIS A 28 -6.74 1.74 -10.74
CA HIS A 28 -7.44 0.73 -11.53
C HIS A 28 -8.75 0.34 -10.87
N ARG A 29 -9.83 0.41 -11.63
CA ARG A 29 -11.17 0.08 -11.12
C ARG A 29 -11.25 -1.38 -10.67
N ASP A 30 -10.28 -2.20 -11.05
CA ASP A 30 -10.28 -3.60 -10.69
C ASP A 30 -9.48 -3.89 -9.42
N ILE A 31 -8.65 -2.95 -8.99
CA ILE A 31 -7.84 -3.15 -7.81
C ILE A 31 -8.40 -2.39 -6.59
N GLN A 32 -9.17 -1.35 -6.85
CA GLN A 32 -9.75 -0.56 -5.77
C GLN A 32 -10.73 -1.38 -4.94
N GLY A 33 -10.87 -1.02 -3.68
CA GLY A 33 -11.77 -1.74 -2.79
C GLY A 33 -11.25 -3.10 -2.38
N ILE A 34 -10.03 -3.43 -2.80
CA ILE A 34 -9.44 -4.71 -2.47
C ILE A 34 -8.38 -4.57 -1.38
N SER A 35 -8.49 -5.40 -0.35
CA SER A 35 -7.53 -5.36 0.75
C SER A 35 -6.40 -6.34 0.51
N GLY A 36 -5.25 -6.10 1.10
CA GLY A 36 -4.11 -6.98 0.91
C GLY A 36 -3.01 -6.78 1.92
N ARG A 37 -1.97 -7.59 1.81
CA ARG A 37 -0.82 -7.52 2.70
C ARG A 37 0.33 -6.74 2.07
N VAL A 38 1.37 -6.49 2.85
CA VAL A 38 2.50 -5.67 2.40
C VAL A 38 3.74 -6.45 1.95
N VAL A 39 4.53 -5.82 1.07
CA VAL A 39 5.81 -6.39 0.61
C VAL A 39 6.86 -5.30 0.61
N ASP A 40 6.50 -4.18 -0.02
CA ASP A 40 7.37 -3.02 -0.12
C ASP A 40 6.58 -1.76 -0.45
N GLU A 41 7.23 -0.61 -0.30
CA GLU A 41 6.59 0.67 -0.60
C GLU A 41 7.42 1.46 -1.61
N THR A 42 6.83 1.78 -2.75
CA THR A 42 7.54 2.51 -3.80
C THR A 42 6.86 3.85 -4.09
N ARG A 43 7.66 4.79 -4.60
CA ARG A 43 7.18 6.14 -4.93
C ARG A 43 5.80 6.11 -5.58
N ASN A 44 5.60 5.21 -6.53
CA ASN A 44 4.32 5.10 -7.22
C ASN A 44 3.90 3.64 -7.40
N THR A 45 4.34 2.78 -6.48
CA THR A 45 4.00 1.37 -6.55
C THR A 45 3.91 0.76 -5.16
N LEU A 46 2.83 0.04 -4.90
CA LEU A 46 2.62 -0.58 -3.60
C LEU A 46 2.67 -2.09 -3.73
N ARG A 47 3.75 -2.69 -3.23
CA ARG A 47 3.91 -4.14 -3.31
C ARG A 47 3.17 -4.79 -2.13
N ILE A 48 2.22 -5.68 -2.47
CA ILE A 48 1.39 -6.36 -1.46
C ILE A 48 1.80 -7.82 -1.24
N GLU A 49 2.31 -8.11 -0.03
CA GLU A 49 2.71 -9.45 0.32
C GLU A 49 2.03 -9.89 1.59
N MET A 50 1.54 -11.13 1.53
CA MET A 50 0.84 -11.79 2.62
C MET A 50 1.77 -12.77 3.31
N ASP A 51 1.81 -12.70 4.64
CA ASP A 51 2.67 -13.58 5.45
C ASP A 51 2.60 -15.03 4.97
N ASP A 52 1.48 -15.41 4.39
CA ASP A 52 1.30 -16.76 3.89
C ASP A 52 2.29 -17.07 2.77
N GLY A 53 2.95 -16.05 2.26
CA GLY A 53 3.92 -16.23 1.20
C GLY A 53 3.37 -15.86 -0.17
N ARG A 54 2.33 -15.03 -0.16
CA ARG A 54 1.71 -14.59 -1.41
C ARG A 54 2.10 -13.14 -1.72
N GLU A 55 2.61 -12.91 -2.92
CA GLU A 55 3.02 -11.57 -3.31
C GLU A 55 2.22 -11.06 -4.51
N ILE A 56 1.91 -9.76 -4.49
CA ILE A 56 1.15 -9.13 -5.57
C ILE A 56 1.37 -7.62 -5.57
N THR A 57 1.69 -7.05 -6.72
CA THR A 57 1.93 -5.62 -6.83
C THR A 57 0.63 -4.83 -7.02
N VAL A 58 0.63 -3.57 -6.57
CA VAL A 58 -0.53 -2.71 -6.69
C VAL A 58 -0.11 -1.23 -6.77
N PRO A 59 -0.43 -0.55 -7.89
CA PRO A 59 -0.07 0.86 -8.09
C PRO A 59 -0.57 1.77 -6.97
N LYS A 60 0.36 2.48 -6.32
CA LYS A 60 0.01 3.40 -5.24
C LYS A 60 -0.01 4.85 -5.72
N GLY A 61 0.46 5.09 -6.95
CA GLY A 61 0.50 6.44 -7.48
C GLY A 61 -0.82 7.18 -7.33
N ILE A 62 -1.91 6.43 -7.29
CA ILE A 62 -3.23 7.02 -7.14
C ILE A 62 -4.16 6.07 -6.40
N ALA A 63 -3.78 5.71 -5.17
CA ALA A 63 -4.58 4.78 -4.39
C ALA A 63 -4.50 5.05 -2.89
N VAL A 64 -5.63 5.37 -2.28
CA VAL A 64 -5.69 5.61 -0.84
C VAL A 64 -5.89 4.30 -0.10
N PHE A 65 -5.10 4.07 0.94
CA PHE A 65 -5.21 2.84 1.70
C PHE A 65 -4.66 3.02 3.10
N HIS A 66 -5.12 2.16 4.01
CA HIS A 66 -4.69 2.22 5.40
C HIS A 66 -4.13 0.89 5.83
N PHE A 67 -3.02 0.91 6.55
CA PHE A 67 -2.38 -0.32 7.02
C PHE A 67 -2.88 -0.66 8.42
N ARG A 68 -2.95 -1.96 8.71
CA ARG A 68 -3.42 -2.42 10.02
C ARG A 68 -2.46 -3.47 10.56
N THR A 69 -1.85 -3.17 11.70
CA THR A 69 -0.90 -4.08 12.33
C THR A 69 -1.62 -4.99 13.34
N PRO A 70 -1.42 -6.31 13.25
CA PRO A 70 -2.05 -7.27 14.16
C PRO A 70 -1.94 -6.85 15.63
N GLN A 71 -0.91 -6.09 15.95
CA GLN A 71 -0.69 -5.63 17.31
C GLN A 71 -1.76 -4.61 17.73
N GLY A 72 -2.53 -4.13 16.76
CA GLY A 72 -3.58 -3.17 17.05
C GLY A 72 -3.21 -1.75 16.65
N GLU A 73 -2.70 -1.59 15.44
CA GLU A 73 -2.32 -0.27 14.95
C GLU A 73 -3.01 0.04 13.62
N LEU A 74 -3.35 1.31 13.42
CA LEU A 74 -4.02 1.74 12.20
C LEU A 74 -3.26 2.90 11.54
N VAL A 75 -2.64 2.63 10.40
CA VAL A 75 -1.89 3.65 9.67
C VAL A 75 -2.61 4.06 8.39
N GLU A 76 -2.55 5.35 8.07
CA GLU A 76 -3.19 5.88 6.86
C GLU A 76 -2.16 6.35 5.85
N ILE A 77 -2.33 5.92 4.59
CA ILE A 77 -1.40 6.31 3.53
C ILE A 77 -2.19 6.69 2.28
N ASP A 78 -2.19 7.98 1.96
CA ASP A 78 -2.90 8.47 0.79
C ASP A 78 -2.07 8.30 -0.48
N GLY A 79 -2.36 7.26 -1.23
CA GLY A 79 -1.65 6.98 -2.47
C GLY A 79 -2.13 7.87 -3.60
N ARG A 80 -3.25 8.56 -3.39
CA ARG A 80 -3.81 9.42 -4.42
C ARG A 80 -3.35 10.86 -4.26
N ALA A 81 -3.79 11.49 -3.18
CA ALA A 81 -3.47 12.88 -2.90
C ALA A 81 -2.07 13.06 -2.29
N LEU A 82 -1.43 11.96 -1.90
CA LEU A 82 -0.10 12.04 -1.30
C LEU A 82 0.87 11.05 -1.94
N VAL A 83 0.86 10.99 -3.27
CA VAL A 83 1.76 10.10 -4.00
C VAL A 83 3.21 10.49 -3.76
N ALA A 84 3.88 9.76 -2.87
CA ALA A 84 5.27 10.04 -2.54
C ALA A 84 6.15 10.13 -3.79
N ARG A 85 6.95 11.18 -3.87
CA ARG A 85 7.84 11.38 -5.01
C ARG A 85 9.30 11.38 -4.54
N PRO A 86 10.18 10.71 -5.29
CA PRO A 86 11.61 10.63 -4.95
C PRO A 86 12.35 11.94 -5.21
N GLU A 87 13.60 12.01 -4.77
CA GLU A 87 14.41 13.21 -4.95
C GLU A 87 14.81 13.38 -6.42
N GLU A 88 14.75 12.28 -7.17
CA GLU A 88 15.10 12.30 -8.59
C GLU A 88 13.95 12.84 -9.43
N ARG A 89 12.73 12.60 -8.97
CA ARG A 89 11.53 13.04 -9.68
C ARG A 89 10.44 13.47 -8.70
N ILE A 90 10.33 14.77 -8.47
CA ILE A 90 9.34 15.32 -7.56
C ILE A 90 8.12 15.81 -8.33
N ARG A 13 8.98 5.66 13.69
CA ARG A 13 8.48 4.65 12.75
C ARG A 13 9.65 3.92 12.09
N HIS A 14 9.41 2.66 11.72
CA HIS A 14 10.43 1.85 11.08
C HIS A 14 9.84 0.56 10.51
N GLU A 15 9.24 -0.24 11.38
CA GLU A 15 8.63 -1.50 10.96
C GLU A 15 7.50 -1.26 9.96
N LEU A 16 7.17 -2.29 9.18
CA LEU A 16 6.11 -2.18 8.18
C LEU A 16 5.90 -3.52 7.48
N ILE A 17 7.00 -4.21 7.19
CA ILE A 17 6.94 -5.50 6.52
C ILE A 17 6.17 -6.52 7.36
N GLY A 18 5.31 -7.29 6.70
CA GLY A 18 4.53 -8.29 7.40
C GLY A 18 3.12 -7.81 7.73
N LEU A 19 2.97 -6.51 7.89
CA LEU A 19 1.67 -5.92 8.21
C LEU A 19 0.69 -6.11 7.05
N SER A 20 -0.59 -6.00 7.36
CA SER A 20 -1.62 -6.14 6.34
C SER A 20 -2.09 -4.75 5.89
N VAL A 21 -2.60 -4.67 4.67
CA VAL A 21 -3.05 -3.39 4.14
C VAL A 21 -4.25 -3.58 3.20
N ARG A 22 -5.35 -2.92 3.52
CA ARG A 22 -6.56 -3.00 2.71
C ARG A 22 -6.77 -1.71 1.92
N ILE A 23 -7.17 -1.85 0.66
CA ILE A 23 -7.39 -0.70 -0.20
C ILE A 23 -8.81 -0.17 -0.06
N ALA A 24 -8.93 1.11 0.27
CA ALA A 24 -10.23 1.75 0.42
C ALA A 24 -10.69 2.32 -0.92
N ARG A 25 -9.74 2.71 -1.74
CA ARG A 25 -10.03 3.26 -3.05
C ARG A 25 -8.77 3.32 -3.90
N SER A 26 -8.94 3.15 -5.20
CA SER A 26 -7.82 3.17 -6.13
C SER A 26 -8.18 3.92 -7.42
N VAL A 27 -7.15 4.28 -8.18
CA VAL A 27 -7.35 5.00 -9.43
C VAL A 27 -8.24 4.21 -10.40
N HIS A 28 -7.98 2.91 -10.51
CA HIS A 28 -8.76 2.05 -11.39
C HIS A 28 -9.76 1.22 -10.60
N ARG A 29 -10.97 1.12 -11.12
CA ARG A 29 -12.02 0.35 -10.46
C ARG A 29 -11.69 -1.14 -10.40
N ASP A 30 -10.73 -1.57 -11.21
CA ASP A 30 -10.33 -2.97 -11.25
C ASP A 30 -9.31 -3.30 -10.17
N ILE A 31 -8.92 -2.31 -9.38
CA ILE A 31 -7.94 -2.52 -8.32
C ILE A 31 -8.39 -1.94 -6.98
N GLN A 32 -9.40 -1.08 -7.01
CA GLN A 32 -9.90 -0.46 -5.78
C GLN A 32 -10.69 -1.46 -4.94
N GLY A 33 -10.62 -1.29 -3.63
CA GLY A 33 -11.34 -2.18 -2.72
C GLY A 33 -10.61 -3.48 -2.45
N ILE A 34 -9.47 -3.67 -3.12
CA ILE A 34 -8.69 -4.89 -2.94
C ILE A 34 -7.92 -4.87 -1.63
N SER A 35 -7.74 -6.04 -1.03
CA SER A 35 -7.01 -6.16 0.23
C SER A 35 -5.79 -7.06 0.05
N GLY A 36 -4.79 -6.87 0.91
CA GLY A 36 -3.59 -7.68 0.81
C GLY A 36 -2.57 -7.35 1.88
N ARG A 37 -1.33 -7.76 1.66
CA ARG A 37 -0.24 -7.53 2.60
C ARG A 37 0.83 -6.62 2.01
N VAL A 38 1.77 -6.22 2.84
CA VAL A 38 2.80 -5.27 2.43
C VAL A 38 4.15 -5.90 2.10
N VAL A 39 4.92 -5.22 1.23
CA VAL A 39 6.26 -5.67 0.88
C VAL A 39 7.22 -4.49 0.80
N ASP A 40 6.80 -3.43 0.08
CA ASP A 40 7.61 -2.23 -0.08
C ASP A 40 6.73 -1.05 -0.49
N GLU A 41 7.27 0.17 -0.36
CA GLU A 41 6.53 1.38 -0.74
C GLU A 41 7.38 2.26 -1.66
N THR A 42 6.77 2.74 -2.74
CA THR A 42 7.48 3.60 -3.69
C THR A 42 6.76 4.94 -3.87
N ARG A 43 7.54 5.99 -4.12
CA ARG A 43 7.01 7.33 -4.30
C ARG A 43 5.93 7.36 -5.39
N ASN A 44 5.89 6.35 -6.24
CA ASN A 44 4.90 6.31 -7.31
C ASN A 44 4.20 4.95 -7.43
N THR A 45 4.50 4.02 -6.53
CA THR A 45 3.85 2.72 -6.59
C THR A 45 3.89 2.00 -5.25
N LEU A 46 2.99 1.05 -5.09
CA LEU A 46 2.89 0.27 -3.86
C LEU A 46 3.23 -1.19 -4.13
N ARG A 47 3.95 -1.79 -3.20
CA ARG A 47 4.34 -3.18 -3.33
C ARG A 47 3.70 -3.97 -2.18
N ILE A 48 2.97 -5.03 -2.53
CA ILE A 48 2.24 -5.83 -1.54
C ILE A 48 2.80 -7.24 -1.35
N GLU A 49 3.21 -7.56 -0.11
CA GLU A 49 3.68 -8.90 0.19
C GLU A 49 2.93 -9.45 1.40
N MET A 50 2.65 -10.75 1.30
CA MET A 50 1.93 -11.50 2.32
C MET A 50 2.85 -12.54 2.96
N ASP A 51 2.92 -12.53 4.29
CA ASP A 51 3.78 -13.46 5.03
C ASP A 51 3.65 -14.89 4.50
N ASP A 52 2.51 -15.20 3.91
CA ASP A 52 2.28 -16.53 3.35
C ASP A 52 3.26 -16.83 2.23
N GLY A 53 3.98 -15.81 1.77
CA GLY A 53 4.94 -15.99 0.70
C GLY A 53 4.41 -15.53 -0.63
N ARG A 54 3.40 -14.66 -0.59
CA ARG A 54 2.80 -14.13 -1.81
C ARG A 54 3.24 -12.68 -2.05
N GLU A 55 3.11 -12.23 -3.30
CA GLU A 55 3.51 -10.87 -3.63
C GLU A 55 2.71 -10.32 -4.80
N ILE A 56 2.35 -9.04 -4.72
CA ILE A 56 1.59 -8.37 -5.76
C ILE A 56 1.82 -6.85 -5.70
N THR A 57 1.66 -6.16 -6.83
CA THR A 57 1.87 -4.71 -6.87
C THR A 57 0.56 -3.93 -6.96
N VAL A 58 0.60 -2.67 -6.49
CA VAL A 58 -0.57 -1.80 -6.51
C VAL A 58 -0.15 -0.34 -6.73
N PRO A 59 -0.87 0.40 -7.60
CA PRO A 59 -0.56 1.81 -7.91
C PRO A 59 -0.73 2.76 -6.72
N LYS A 60 0.25 3.64 -6.55
CA LYS A 60 0.24 4.64 -5.46
C LYS A 60 -0.20 6.01 -5.95
N GLY A 61 -0.44 6.15 -7.25
CA GLY A 61 -0.82 7.44 -7.81
C GLY A 61 -1.96 8.11 -7.05
N ILE A 62 -3.02 7.36 -6.79
CA ILE A 62 -4.18 7.89 -6.07
C ILE A 62 -4.92 6.74 -5.38
N ALA A 63 -4.25 6.07 -4.46
CA ALA A 63 -4.86 4.94 -3.77
C ALA A 63 -4.87 5.06 -2.24
N VAL A 64 -6.05 5.24 -1.67
CA VAL A 64 -6.18 5.34 -0.22
C VAL A 64 -6.27 3.94 0.39
N PHE A 65 -5.43 3.65 1.37
CA PHE A 65 -5.43 2.34 2.00
C PHE A 65 -4.90 2.39 3.43
N HIS A 66 -5.45 1.55 4.29
CA HIS A 66 -5.06 1.51 5.68
C HIS A 66 -4.41 0.17 6.03
N PHE A 67 -3.43 0.20 6.93
CA PHE A 67 -2.74 -1.01 7.35
C PHE A 67 -3.35 -1.55 8.63
N ARG A 68 -3.24 -2.86 8.83
CA ARG A 68 -3.78 -3.51 10.02
C ARG A 68 -2.84 -4.61 10.49
N THR A 69 -2.38 -4.51 11.72
CA THR A 69 -1.49 -5.51 12.29
C THR A 69 -2.26 -6.50 13.16
N PRO A 70 -2.01 -7.81 12.99
CA PRO A 70 -2.69 -8.85 13.76
C PRO A 70 -2.64 -8.59 15.27
N GLN A 71 -1.62 -7.84 15.70
CA GLN A 71 -1.47 -7.50 17.10
C GLN A 71 -2.58 -6.56 17.57
N GLY A 72 -3.33 -6.01 16.62
CA GLY A 72 -4.41 -5.11 16.96
C GLY A 72 -4.05 -3.65 16.74
N GLU A 73 -3.46 -3.36 15.59
CA GLU A 73 -3.07 -1.99 15.26
C GLU A 73 -3.67 -1.55 13.93
N LEU A 74 -4.06 -0.29 13.85
CA LEU A 74 -4.66 0.25 12.63
C LEU A 74 -3.94 1.52 12.17
N VAL A 75 -3.33 1.45 10.99
CA VAL A 75 -2.62 2.59 10.42
C VAL A 75 -3.25 3.01 9.10
N GLU A 76 -3.01 4.26 8.68
CA GLU A 76 -3.57 4.77 7.44
C GLU A 76 -2.48 5.29 6.51
N ILE A 77 -2.72 5.15 5.21
CA ILE A 77 -1.77 5.63 4.20
C ILE A 77 -2.51 6.06 2.93
N ASP A 78 -2.55 7.37 2.70
CA ASP A 78 -3.26 7.91 1.54
C ASP A 78 -2.44 7.74 0.26
N GLY A 79 -3.10 7.26 -0.79
CA GLY A 79 -2.44 7.04 -2.06
C GLY A 79 -2.54 8.23 -3.02
N ARG A 80 -3.39 9.21 -2.70
CA ARG A 80 -3.55 10.36 -3.58
C ARG A 80 -2.57 11.47 -3.20
N ALA A 81 -2.35 11.61 -1.90
CA ALA A 81 -1.45 12.62 -1.37
C ALA A 81 0.02 12.20 -1.51
N LEU A 82 0.25 11.03 -2.10
CA LEU A 82 1.61 10.53 -2.31
C LEU A 82 1.86 10.28 -3.78
N VAL A 83 1.51 11.27 -4.58
CA VAL A 83 1.68 11.22 -6.04
C VAL A 83 3.08 10.73 -6.42
N ALA A 84 3.22 10.33 -7.68
CA ALA A 84 4.49 9.82 -8.20
C ALA A 84 5.66 10.73 -7.79
N ARG A 85 6.88 10.23 -7.92
CA ARG A 85 8.05 11.00 -7.52
C ARG A 85 8.29 12.17 -8.46
N PRO A 86 8.18 13.42 -7.96
CA PRO A 86 8.37 14.62 -8.76
C PRO A 86 9.71 14.69 -9.49
N GLU A 87 10.78 14.77 -8.72
CA GLU A 87 12.12 14.89 -9.29
C GLU A 87 12.94 13.61 -9.22
N GLU A 88 12.54 12.66 -8.38
CA GLU A 88 13.28 11.41 -8.26
C GLU A 88 13.40 10.70 -9.61
N ARG A 89 12.29 10.68 -10.35
CA ARG A 89 12.27 10.04 -11.67
C ARG A 89 10.98 10.35 -12.41
N ILE A 90 9.85 10.08 -11.76
CA ILE A 90 8.55 10.33 -12.37
C ILE A 90 8.38 11.80 -12.74
N ARG A 13 9.94 -6.62 13.55
CA ARG A 13 9.43 -5.78 12.47
C ARG A 13 10.51 -4.84 11.94
N HIS A 14 10.88 -5.03 10.68
CA HIS A 14 11.92 -4.20 10.06
C HIS A 14 11.37 -3.41 8.88
N GLU A 15 11.83 -2.17 8.73
CA GLU A 15 11.40 -1.31 7.65
C GLU A 15 9.91 -0.98 7.74
N LEU A 16 9.07 -1.95 7.40
CA LEU A 16 7.62 -1.76 7.44
C LEU A 16 6.87 -3.03 7.07
N ILE A 17 7.51 -3.90 6.30
CA ILE A 17 6.89 -5.15 5.87
C ILE A 17 6.43 -5.96 7.08
N GLY A 18 5.47 -6.84 6.86
CA GLY A 18 4.95 -7.67 7.94
C GLY A 18 3.61 -7.18 8.46
N LEU A 19 3.11 -6.09 7.86
CA LEU A 19 1.83 -5.51 8.26
C LEU A 19 0.78 -5.74 7.18
N SER A 20 -0.48 -5.52 7.53
CA SER A 20 -1.56 -5.67 6.58
C SER A 20 -2.00 -4.30 6.08
N VAL A 21 -2.60 -4.26 4.89
CA VAL A 21 -3.04 -2.99 4.31
C VAL A 21 -4.30 -3.16 3.48
N ARG A 22 -5.26 -2.25 3.68
CA ARG A 22 -6.52 -2.29 2.96
C ARG A 22 -6.68 -1.06 2.07
N ILE A 23 -7.04 -1.29 0.81
CA ILE A 23 -7.23 -0.21 -0.15
C ILE A 23 -8.70 0.20 -0.24
N ALA A 24 -8.99 1.45 0.11
CA ALA A 24 -10.35 1.96 0.05
C ALA A 24 -10.66 2.45 -1.35
N ARG A 25 -9.93 3.47 -1.76
CA ARG A 25 -10.08 4.06 -3.08
C ARG A 25 -8.85 3.75 -3.94
N SER A 26 -9.07 3.44 -5.21
CA SER A 26 -7.98 3.12 -6.12
C SER A 26 -8.17 3.78 -7.49
N VAL A 27 -7.10 3.83 -8.27
CA VAL A 27 -7.15 4.42 -9.60
C VAL A 27 -7.86 3.49 -10.59
N HIS A 28 -7.74 2.18 -10.37
CA HIS A 28 -8.37 1.20 -11.24
C HIS A 28 -9.37 0.34 -10.46
N ARG A 29 -10.54 0.10 -11.06
CA ARG A 29 -11.56 -0.70 -10.42
C ARG A 29 -11.09 -2.13 -10.20
N ASP A 30 -10.14 -2.57 -11.01
CA ASP A 30 -9.60 -3.92 -10.88
C ASP A 30 -8.85 -4.10 -9.57
N ILE A 31 -8.33 -2.99 -9.06
CA ILE A 31 -7.60 -3.00 -7.80
C ILE A 31 -8.43 -2.39 -6.68
N GLN A 32 -9.39 -1.56 -7.06
CA GLN A 32 -10.27 -0.90 -6.11
C GLN A 32 -10.97 -1.91 -5.19
N GLY A 33 -11.19 -1.50 -3.94
CA GLY A 33 -11.85 -2.37 -2.98
C GLY A 33 -11.07 -3.62 -2.66
N ILE A 34 -9.83 -3.71 -3.14
CA ILE A 34 -9.00 -4.88 -2.89
C ILE A 34 -7.94 -4.60 -1.83
N SER A 35 -7.98 -5.37 -0.76
CA SER A 35 -7.02 -5.21 0.33
C SER A 35 -5.97 -6.32 0.26
N GLY A 36 -5.00 -6.28 1.17
CA GLY A 36 -3.96 -7.29 1.17
C GLY A 36 -2.83 -6.97 2.11
N ARG A 37 -1.75 -7.74 1.99
CA ARG A 37 -0.58 -7.58 2.82
C ARG A 37 0.50 -6.77 2.10
N VAL A 38 1.55 -6.41 2.83
CA VAL A 38 2.62 -5.57 2.26
C VAL A 38 3.86 -6.34 1.87
N VAL A 39 4.64 -5.81 0.91
CA VAL A 39 5.90 -6.44 0.53
C VAL A 39 6.99 -5.38 0.35
N ASP A 40 6.68 -4.36 -0.46
CA ASP A 40 7.61 -3.26 -0.70
C ASP A 40 6.88 -2.04 -1.25
N GLU A 41 7.56 -0.89 -1.26
CA GLU A 41 6.99 0.34 -1.79
C GLU A 41 7.79 0.82 -3.01
N THR A 42 7.08 1.30 -4.03
CA THR A 42 7.74 1.78 -5.25
C THR A 42 7.40 3.24 -5.53
N ARG A 43 8.34 3.94 -6.15
CA ARG A 43 8.17 5.35 -6.50
C ARG A 43 6.78 5.65 -7.05
N ASN A 44 6.21 4.71 -7.81
CA ASN A 44 4.90 4.92 -8.40
C ASN A 44 4.04 3.65 -8.35
N THR A 45 4.36 2.74 -7.44
CA THR A 45 3.59 1.51 -7.32
C THR A 45 3.77 0.88 -5.95
N LEU A 46 2.94 -0.12 -5.67
CA LEU A 46 3.00 -0.83 -4.39
C LEU A 46 2.83 -2.31 -4.59
N ARG A 47 3.65 -3.09 -3.91
CA ARG A 47 3.57 -4.53 -4.00
C ARG A 47 3.13 -5.10 -2.66
N ILE A 48 2.06 -5.86 -2.69
CA ILE A 48 1.44 -6.44 -1.51
C ILE A 48 1.88 -7.88 -1.23
N GLU A 49 2.43 -8.12 -0.04
CA GLU A 49 2.81 -9.47 0.32
C GLU A 49 2.27 -9.82 1.70
N MET A 50 1.82 -11.07 1.81
CA MET A 50 1.27 -11.62 3.04
C MET A 50 2.11 -12.80 3.52
N ASP A 51 2.45 -12.78 4.81
CA ASP A 51 3.26 -13.83 5.44
C ASP A 51 2.85 -15.22 4.99
N ASP A 52 1.60 -15.39 4.58
CA ASP A 52 1.13 -16.68 4.11
C ASP A 52 1.95 -17.16 2.92
N GLY A 53 2.72 -16.24 2.33
CA GLY A 53 3.56 -16.59 1.20
C GLY A 53 2.95 -16.15 -0.11
N ARG A 54 1.97 -15.26 -0.03
CA ARG A 54 1.30 -14.75 -1.23
C ARG A 54 1.75 -13.33 -1.56
N GLU A 55 1.58 -12.94 -2.81
CA GLU A 55 1.98 -11.60 -3.23
C GLU A 55 1.13 -11.08 -4.40
N ILE A 56 0.68 -9.84 -4.29
CA ILE A 56 -0.12 -9.20 -5.33
C ILE A 56 0.28 -7.73 -5.47
N THR A 57 0.07 -7.16 -6.66
CA THR A 57 0.44 -5.75 -6.90
C THR A 57 -0.76 -4.79 -6.81
N VAL A 58 -0.46 -3.53 -6.48
CA VAL A 58 -1.49 -2.50 -6.37
C VAL A 58 -0.93 -1.12 -6.72
N PRO A 59 -1.62 -0.36 -7.61
CA PRO A 59 -1.18 0.97 -8.04
C PRO A 59 -1.40 2.04 -6.96
N LYS A 60 -0.35 2.79 -6.65
CA LYS A 60 -0.44 3.85 -5.63
C LYS A 60 -0.58 5.25 -6.24
N GLY A 61 -0.56 5.34 -7.57
CA GLY A 61 -0.67 6.65 -8.21
C GLY A 61 -1.82 7.46 -7.66
N ILE A 62 -2.88 6.76 -7.28
CA ILE A 62 -4.07 7.39 -6.71
C ILE A 62 -4.82 6.37 -5.88
N ALA A 63 -4.19 5.89 -4.81
CA ALA A 63 -4.81 4.88 -3.97
C ALA A 63 -4.66 5.12 -2.47
N VAL A 64 -5.76 5.46 -1.82
CA VAL A 64 -5.76 5.67 -0.37
C VAL A 64 -5.90 4.32 0.34
N PHE A 65 -5.07 4.09 1.35
CA PHE A 65 -5.11 2.83 2.07
C PHE A 65 -4.57 2.96 3.48
N HIS A 66 -5.08 2.11 4.37
CA HIS A 66 -4.64 2.11 5.75
C HIS A 66 -4.03 0.77 6.12
N PHE A 67 -3.00 0.79 6.96
CA PHE A 67 -2.35 -0.45 7.38
C PHE A 67 -2.76 -0.81 8.80
N ARG A 68 -2.73 -2.10 9.10
CA ARG A 68 -3.10 -2.58 10.42
C ARG A 68 -1.98 -3.42 11.02
N THR A 69 -1.74 -3.23 12.32
CA THR A 69 -0.70 -3.97 13.02
C THR A 69 -1.30 -4.83 14.13
N PRO A 70 -0.91 -6.12 14.21
CA PRO A 70 -1.42 -7.05 15.22
C PRO A 70 -1.48 -6.45 16.62
N GLN A 71 -0.48 -5.62 16.94
CA GLN A 71 -0.43 -4.98 18.26
C GLN A 71 -1.66 -4.10 18.49
N GLY A 72 -2.37 -3.78 17.41
CA GLY A 72 -3.55 -2.94 17.52
C GLY A 72 -3.29 -1.52 17.09
N GLU A 73 -2.59 -1.36 15.97
CA GLU A 73 -2.27 -0.03 15.46
C GLU A 73 -2.97 0.22 14.12
N LEU A 74 -3.24 1.49 13.83
CA LEU A 74 -3.90 1.86 12.59
C LEU A 74 -3.09 2.93 11.86
N VAL A 75 -2.47 2.55 10.75
CA VAL A 75 -1.67 3.48 9.96
C VAL A 75 -2.50 4.04 8.80
N GLU A 76 -2.10 5.21 8.29
CA GLU A 76 -2.81 5.83 7.19
C GLU A 76 -1.84 6.29 6.10
N ILE A 77 -2.24 6.11 4.84
CA ILE A 77 -1.43 6.51 3.70
C ILE A 77 -2.33 6.93 2.53
N ASP A 78 -2.11 8.12 2.02
CA ASP A 78 -2.91 8.63 0.91
C ASP A 78 -2.21 8.44 -0.44
N GLY A 79 -2.62 7.40 -1.15
CA GLY A 79 -2.06 7.09 -2.45
C GLY A 79 -2.40 8.13 -3.50
N ARG A 80 -3.34 9.02 -3.18
CA ARG A 80 -3.76 10.05 -4.11
C ARG A 80 -3.07 11.38 -3.84
N ALA A 81 -2.87 11.68 -2.57
CA ALA A 81 -2.24 12.92 -2.16
C ALA A 81 -0.77 12.73 -1.76
N LEU A 82 -0.35 11.48 -1.58
CA LEU A 82 1.03 11.21 -1.19
C LEU A 82 1.83 10.70 -2.39
N VAL A 83 1.48 11.19 -3.57
CA VAL A 83 2.18 10.79 -4.78
C VAL A 83 3.49 11.55 -4.93
N ALA A 84 4.60 10.88 -4.58
CA ALA A 84 5.91 11.50 -4.67
C ALA A 84 6.69 10.94 -5.86
N ARG A 85 6.74 11.71 -6.94
CA ARG A 85 7.46 11.29 -8.14
C ARG A 85 8.61 12.24 -8.45
N PRO A 86 9.83 11.91 -7.99
CA PRO A 86 11.02 12.74 -8.21
C PRO A 86 11.42 12.82 -9.69
N GLU A 87 10.81 11.97 -10.52
CA GLU A 87 11.12 11.96 -11.95
C GLU A 87 9.98 12.56 -12.76
N GLU A 88 8.78 12.56 -12.20
CA GLU A 88 7.61 13.10 -12.89
C GLU A 88 7.36 14.56 -12.49
N ARG A 89 8.33 15.16 -11.79
CA ARG A 89 8.23 16.55 -11.34
C ARG A 89 6.88 16.83 -10.67
N ILE A 90 6.92 17.01 -9.36
CA ILE A 90 5.72 17.28 -8.58
C ILE A 90 5.01 18.55 -9.09
N ARG A 13 10.84 6.56 9.10
CA ARG A 13 10.88 5.15 9.43
C ARG A 13 11.17 4.30 8.20
N HIS A 14 11.90 3.21 8.39
CA HIS A 14 12.25 2.31 7.29
C HIS A 14 11.44 1.02 7.36
N GLU A 15 11.25 0.52 8.58
CA GLU A 15 10.51 -0.72 8.79
C GLU A 15 9.01 -0.49 8.54
N LEU A 16 8.34 -1.52 8.02
CA LEU A 16 6.91 -1.43 7.74
C LEU A 16 6.38 -2.75 7.18
N ILE A 17 7.20 -3.43 6.39
CA ILE A 17 6.81 -4.71 5.79
C ILE A 17 6.31 -5.68 6.86
N GLY A 18 5.52 -6.66 6.44
CA GLY A 18 5.00 -7.64 7.37
C GLY A 18 3.64 -7.26 7.93
N LEU A 19 3.19 -6.04 7.62
CA LEU A 19 1.91 -5.56 8.10
C LEU A 19 0.82 -5.74 7.06
N SER A 20 -0.43 -5.67 7.49
CA SER A 20 -1.56 -5.82 6.57
C SER A 20 -2.02 -4.45 6.11
N VAL A 21 -2.57 -4.38 4.90
CA VAL A 21 -3.04 -3.12 4.36
C VAL A 21 -4.26 -3.33 3.47
N ARG A 22 -5.31 -2.56 3.73
CA ARG A 22 -6.55 -2.67 2.97
C ARG A 22 -6.83 -1.38 2.19
N ILE A 23 -7.28 -1.53 0.94
CA ILE A 23 -7.58 -0.39 0.09
C ILE A 23 -9.08 -0.11 0.08
N ALA A 24 -9.44 1.15 0.27
CA ALA A 24 -10.84 1.56 0.27
C ALA A 24 -11.23 2.18 -1.06
N ARG A 25 -10.25 2.78 -1.72
CA ARG A 25 -10.47 3.42 -3.01
C ARG A 25 -9.16 3.56 -3.77
N SER A 26 -9.15 3.14 -5.03
CA SER A 26 -7.95 3.21 -5.86
C SER A 26 -8.20 3.98 -7.15
N VAL A 27 -7.14 4.50 -7.73
CA VAL A 27 -7.24 5.26 -8.97
C VAL A 27 -7.86 4.41 -10.07
N HIS A 28 -7.70 3.10 -9.97
CA HIS A 28 -8.25 2.18 -10.96
C HIS A 28 -9.13 1.13 -10.30
N ARG A 29 -10.36 1.02 -10.75
CA ARG A 29 -11.30 0.05 -10.19
C ARG A 29 -10.76 -1.38 -10.29
N ASP A 30 -9.82 -1.58 -11.22
CA ASP A 30 -9.22 -2.89 -11.42
C ASP A 30 -8.45 -3.33 -10.17
N ILE A 31 -8.01 -2.36 -9.39
CA ILE A 31 -7.26 -2.64 -8.18
C ILE A 31 -8.04 -2.19 -6.94
N GLN A 32 -8.99 -1.29 -7.13
CA GLN A 32 -9.79 -0.77 -6.03
C GLN A 32 -10.48 -1.90 -5.27
N GLY A 33 -10.71 -1.70 -3.98
CA GLY A 33 -11.34 -2.71 -3.17
C GLY A 33 -10.40 -3.85 -2.84
N ILE A 34 -9.14 -3.73 -3.23
CA ILE A 34 -8.15 -4.76 -2.97
C ILE A 34 -7.74 -4.77 -1.51
N SER A 35 -7.28 -5.92 -1.04
CA SER A 35 -6.86 -6.07 0.35
C SER A 35 -5.79 -7.14 0.46
N GLY A 36 -4.78 -6.91 1.30
CA GLY A 36 -3.72 -7.89 1.47
C GLY A 36 -2.63 -7.40 2.39
N ARG A 37 -1.47 -8.05 2.30
CA ARG A 37 -0.33 -7.69 3.13
C ARG A 37 0.66 -6.80 2.35
N VAL A 38 1.64 -6.27 3.04
CA VAL A 38 2.60 -5.32 2.44
C VAL A 38 3.93 -5.95 2.04
N VAL A 39 4.63 -5.30 1.09
CA VAL A 39 5.94 -5.79 0.67
C VAL A 39 6.92 -4.64 0.56
N ASP A 40 6.50 -3.57 -0.14
CA ASP A 40 7.36 -2.40 -0.33
C ASP A 40 6.56 -1.16 -0.68
N GLU A 41 7.16 0.01 -0.41
CA GLU A 41 6.55 1.29 -0.71
C GLU A 41 7.43 2.06 -1.69
N THR A 42 6.89 2.35 -2.87
CA THR A 42 7.65 3.07 -3.90
C THR A 42 7.06 4.44 -4.18
N ARG A 43 7.94 5.37 -4.60
CA ARG A 43 7.54 6.74 -4.92
C ARG A 43 6.42 6.77 -5.97
N ASN A 44 6.17 5.64 -6.63
CA ASN A 44 5.12 5.59 -7.64
C ASN A 44 4.37 4.25 -7.65
N THR A 45 4.61 3.40 -6.66
CA THR A 45 3.92 2.11 -6.60
C THR A 45 3.91 1.52 -5.20
N LEU A 46 2.88 0.72 -4.93
CA LEU A 46 2.72 0.05 -3.66
C LEU A 46 2.52 -1.44 -3.88
N ARG A 47 3.48 -2.25 -3.46
CA ARG A 47 3.36 -3.69 -3.64
C ARG A 47 2.99 -4.37 -2.32
N ILE A 48 2.03 -5.29 -2.43
CA ILE A 48 1.48 -6.02 -1.28
C ILE A 48 2.07 -7.42 -1.13
N GLU A 49 2.67 -7.71 0.02
CA GLU A 49 3.19 -9.04 0.26
C GLU A 49 2.68 -9.56 1.59
N MET A 50 2.24 -10.82 1.55
CA MET A 50 1.71 -11.53 2.70
C MET A 50 2.54 -12.76 3.01
N ASP A 51 2.78 -12.99 4.31
CA ASP A 51 3.59 -14.12 4.80
C ASP A 51 3.28 -15.41 4.06
N ASP A 52 2.06 -15.54 3.57
CA ASP A 52 1.68 -16.74 2.82
C ASP A 52 2.58 -16.92 1.59
N GLY A 53 3.34 -15.88 1.26
CA GLY A 53 4.21 -15.92 0.11
C GLY A 53 3.56 -15.35 -1.11
N ARG A 54 2.51 -14.56 -0.90
CA ARG A 54 1.77 -13.95 -2.01
C ARG A 54 2.07 -12.46 -2.11
N GLU A 55 2.66 -12.06 -3.24
CA GLU A 55 2.99 -10.67 -3.47
C GLU A 55 2.23 -10.10 -4.66
N ILE A 56 1.35 -9.13 -4.40
CA ILE A 56 0.55 -8.51 -5.47
C ILE A 56 0.78 -7.00 -5.50
N THR A 57 1.12 -6.48 -6.68
CA THR A 57 1.38 -5.06 -6.85
C THR A 57 0.10 -4.22 -6.77
N VAL A 58 0.27 -2.95 -6.37
CA VAL A 58 -0.85 -2.02 -6.25
C VAL A 58 -0.40 -0.60 -6.60
N PRO A 59 -1.23 0.16 -7.34
CA PRO A 59 -0.88 1.53 -7.75
C PRO A 59 -1.00 2.57 -6.62
N LYS A 60 -0.02 3.48 -6.60
CA LYS A 60 0.01 4.54 -5.58
C LYS A 60 -0.49 5.88 -6.12
N GLY A 61 -0.87 5.93 -7.40
CA GLY A 61 -1.33 7.17 -7.98
C GLY A 61 -2.38 7.88 -7.15
N ILE A 62 -3.40 7.13 -6.73
CA ILE A 62 -4.47 7.67 -5.91
C ILE A 62 -5.20 6.54 -5.21
N ALA A 63 -4.52 5.85 -4.30
CA ALA A 63 -5.14 4.72 -3.61
C ALA A 63 -5.16 4.88 -2.09
N VAL A 64 -6.35 5.11 -1.53
CA VAL A 64 -6.50 5.24 -0.09
C VAL A 64 -6.49 3.87 0.57
N PHE A 65 -5.62 3.70 1.56
CA PHE A 65 -5.53 2.41 2.26
C PHE A 65 -4.95 2.57 3.66
N HIS A 66 -5.48 1.78 4.59
CA HIS A 66 -5.04 1.82 5.97
C HIS A 66 -4.38 0.49 6.34
N PHE A 67 -3.25 0.58 7.06
CA PHE A 67 -2.53 -0.62 7.47
C PHE A 67 -2.97 -1.06 8.86
N ARG A 68 -2.83 -2.35 9.14
CA ARG A 68 -3.21 -2.90 10.43
C ARG A 68 -2.22 -3.97 10.89
N THR A 69 -1.85 -3.92 12.17
CA THR A 69 -0.92 -4.89 12.73
C THR A 69 -1.63 -5.79 13.74
N PRO A 70 -1.38 -7.12 13.66
CA PRO A 70 -2.00 -8.09 14.57
C PRO A 70 -1.88 -7.68 16.03
N GLN A 71 -0.82 -6.93 16.35
CA GLN A 71 -0.60 -6.46 17.71
C GLN A 71 -1.71 -5.51 18.15
N GLY A 72 -2.47 -5.01 17.18
CA GLY A 72 -3.56 -4.10 17.49
C GLY A 72 -3.21 -2.67 17.16
N GLU A 73 -2.64 -2.45 15.97
CA GLU A 73 -2.27 -1.11 15.53
C GLU A 73 -3.03 -0.71 14.28
N LEU A 74 -3.34 0.58 14.17
CA LEU A 74 -4.08 1.10 13.02
C LEU A 74 -3.35 2.27 12.39
N VAL A 75 -2.96 2.13 11.13
CA VAL A 75 -2.26 3.18 10.42
C VAL A 75 -3.02 3.56 9.14
N GLU A 76 -2.76 4.75 8.62
CA GLU A 76 -3.42 5.22 7.41
C GLU A 76 -2.42 5.77 6.41
N ILE A 77 -2.73 5.62 5.12
CA ILE A 77 -1.86 6.10 4.06
C ILE A 77 -2.69 6.52 2.85
N ASP A 78 -2.78 7.83 2.62
CA ASP A 78 -3.55 8.35 1.50
C ASP A 78 -2.82 8.15 0.18
N GLY A 79 -3.27 7.16 -0.59
CA GLY A 79 -2.68 6.86 -1.88
C GLY A 79 -2.74 8.02 -2.86
N ARG A 80 -3.52 9.05 -2.52
CA ARG A 80 -3.66 10.20 -3.39
C ARG A 80 -2.42 11.09 -3.32
N ALA A 81 -1.62 10.90 -2.27
CA ALA A 81 -0.41 11.68 -2.08
C ALA A 81 0.84 10.90 -2.52
N LEU A 82 0.64 9.65 -2.94
CA LEU A 82 1.76 8.82 -3.39
C LEU A 82 1.82 8.79 -4.91
N VAL A 83 1.44 9.89 -5.53
CA VAL A 83 1.45 10.02 -6.98
C VAL A 83 2.78 9.54 -7.57
N ALA A 84 2.78 9.26 -8.88
CA ALA A 84 3.98 8.79 -9.56
C ALA A 84 5.18 9.66 -9.22
N ARG A 85 6.38 9.16 -9.49
CA ARG A 85 7.61 9.90 -9.20
C ARG A 85 7.62 11.19 -10.02
N PRO A 86 8.37 12.25 -9.61
CA PRO A 86 8.46 13.49 -10.41
C PRO A 86 8.50 13.13 -11.89
N GLU A 87 9.13 11.98 -12.11
CA GLU A 87 9.26 11.31 -13.40
C GLU A 87 7.93 10.64 -13.74
N GLU A 88 6.86 11.18 -13.18
CA GLU A 88 5.51 10.60 -13.24
C GLU A 88 5.18 9.96 -14.57
N ARG A 89 5.96 10.20 -15.62
CA ARG A 89 5.73 9.49 -16.86
C ARG A 89 6.11 8.04 -16.55
N ILE A 90 5.22 7.36 -15.84
CA ILE A 90 5.46 5.99 -15.38
C ILE A 90 5.82 5.07 -16.54
N ARG A 13 14.99 3.92 11.54
CA ARG A 13 14.85 2.88 10.52
C ARG A 13 13.70 1.94 10.86
N HIS A 14 12.70 1.89 9.99
CA HIS A 14 11.54 1.03 10.20
C HIS A 14 11.13 0.36 8.89
N GLU A 15 10.38 -0.74 9.01
CA GLU A 15 9.91 -1.48 7.84
C GLU A 15 8.45 -1.87 7.99
N LEU A 16 7.71 -1.76 6.89
CA LEU A 16 6.28 -2.11 6.90
C LEU A 16 6.06 -3.51 6.37
N ILE A 17 7.04 -4.39 6.58
CA ILE A 17 6.95 -5.76 6.11
C ILE A 17 6.19 -6.62 7.11
N GLY A 18 5.43 -7.59 6.60
CA GLY A 18 4.66 -8.46 7.47
C GLY A 18 3.44 -7.77 8.05
N LEU A 19 3.07 -6.63 7.47
CA LEU A 19 1.91 -5.87 7.94
C LEU A 19 0.73 -6.07 7.00
N SER A 20 -0.45 -5.67 7.47
CA SER A 20 -1.66 -5.80 6.65
C SER A 20 -2.06 -4.44 6.09
N VAL A 21 -2.64 -4.44 4.89
CA VAL A 21 -3.04 -3.19 4.25
C VAL A 21 -4.29 -3.38 3.40
N ARG A 22 -5.27 -2.49 3.59
CA ARG A 22 -6.52 -2.55 2.85
C ARG A 22 -6.69 -1.32 1.97
N ILE A 23 -6.84 -1.54 0.67
CA ILE A 23 -7.00 -0.43 -0.28
C ILE A 23 -8.45 0.06 -0.31
N ALA A 24 -8.63 1.33 0.03
CA ALA A 24 -9.97 1.93 0.05
C ALA A 24 -10.35 2.39 -1.35
N ARG A 25 -9.36 2.86 -2.10
CA ARG A 25 -9.56 3.33 -3.45
C ARG A 25 -8.27 3.28 -4.25
N SER A 26 -8.40 3.05 -5.55
CA SER A 26 -7.23 2.96 -6.42
C SER A 26 -7.50 3.67 -7.76
N VAL A 27 -6.43 3.94 -8.50
CA VAL A 27 -6.55 4.59 -9.79
C VAL A 27 -7.34 3.72 -10.77
N HIS A 28 -7.14 2.40 -10.69
CA HIS A 28 -7.85 1.48 -11.57
C HIS A 28 -9.13 0.99 -10.89
N ARG A 29 -10.21 0.93 -11.66
CA ARG A 29 -11.50 0.49 -11.14
C ARG A 29 -11.55 -1.02 -10.94
N ASP A 30 -10.49 -1.72 -11.32
CA ASP A 30 -10.45 -3.17 -11.20
C ASP A 30 -9.67 -3.62 -9.96
N ILE A 31 -8.82 -2.76 -9.44
CA ILE A 31 -8.02 -3.07 -8.27
C ILE A 31 -8.59 -2.44 -7.00
N GLN A 32 -9.36 -1.37 -7.18
CA GLN A 32 -9.94 -0.65 -6.04
C GLN A 32 -10.60 -1.62 -5.05
N GLY A 33 -10.51 -1.28 -3.76
CA GLY A 33 -11.11 -2.10 -2.74
C GLY A 33 -10.36 -3.41 -2.53
N ILE A 34 -9.12 -3.47 -3.02
CA ILE A 34 -8.32 -4.68 -2.88
C ILE A 34 -7.54 -4.69 -1.57
N SER A 35 -8.01 -5.48 -0.61
CA SER A 35 -7.34 -5.58 0.68
C SER A 35 -6.38 -6.75 0.69
N GLY A 36 -5.33 -6.66 1.48
CA GLY A 36 -4.36 -7.74 1.54
C GLY A 36 -3.17 -7.43 2.43
N ARG A 37 -2.10 -8.18 2.23
CA ARG A 37 -0.89 -8.01 3.00
C ARG A 37 0.16 -7.17 2.25
N VAL A 38 1.22 -6.81 2.93
CA VAL A 38 2.25 -5.93 2.36
C VAL A 38 3.52 -6.64 1.89
N VAL A 39 4.23 -6.02 0.93
CA VAL A 39 5.50 -6.56 0.45
C VAL A 39 6.53 -5.44 0.35
N ASP A 40 6.13 -4.35 -0.30
CA ASP A 40 7.00 -3.20 -0.49
C ASP A 40 6.20 -1.94 -0.81
N GLU A 41 6.87 -0.79 -0.73
CA GLU A 41 6.25 0.49 -1.05
C GLU A 41 7.12 1.27 -2.04
N THR A 42 6.57 1.57 -3.21
CA THR A 42 7.32 2.30 -4.23
C THR A 42 6.61 3.58 -4.65
N ARG A 43 7.38 4.50 -5.22
CA ARG A 43 6.86 5.79 -5.67
C ARG A 43 5.54 5.62 -6.43
N ASN A 44 5.53 4.73 -7.43
CA ASN A 44 4.34 4.52 -8.23
C ASN A 44 3.82 3.09 -8.15
N THR A 45 4.12 2.38 -7.07
CA THR A 45 3.66 1.01 -6.93
C THR A 45 3.63 0.58 -5.47
N LEU A 46 2.75 -0.36 -5.17
CA LEU A 46 2.61 -0.87 -3.81
C LEU A 46 2.49 -2.38 -3.81
N ARG A 47 3.54 -3.05 -3.38
CA ARG A 47 3.55 -4.50 -3.32
C ARG A 47 2.76 -5.00 -2.12
N ILE A 48 1.83 -5.92 -2.37
CA ILE A 48 0.96 -6.50 -1.32
C ILE A 48 1.27 -7.98 -1.11
N GLU A 49 1.99 -8.30 -0.02
CA GLU A 49 2.34 -9.68 0.27
C GLU A 49 1.91 -10.09 1.67
N MET A 50 1.48 -11.35 1.75
CA MET A 50 1.04 -11.98 2.99
C MET A 50 1.94 -13.16 3.33
N ASP A 51 2.23 -13.30 4.64
CA ASP A 51 3.10 -14.36 5.15
C ASP A 51 2.83 -15.70 4.49
N ASP A 52 1.61 -15.91 4.03
CA ASP A 52 1.26 -17.16 3.36
C ASP A 52 2.15 -17.37 2.13
N GLY A 53 2.81 -16.29 1.69
CA GLY A 53 3.67 -16.36 0.54
C GLY A 53 3.00 -15.84 -0.70
N ARG A 54 1.93 -15.08 -0.51
CA ARG A 54 1.17 -14.52 -1.63
C ARG A 54 1.43 -13.03 -1.77
N GLU A 55 2.05 -12.64 -2.88
CA GLU A 55 2.36 -11.23 -3.13
C GLU A 55 1.61 -10.72 -4.36
N ILE A 56 1.29 -9.42 -4.36
CA ILE A 56 0.58 -8.80 -5.47
C ILE A 56 0.78 -7.28 -5.49
N THR A 57 1.30 -6.77 -6.60
CA THR A 57 1.55 -5.34 -6.75
C THR A 57 0.26 -4.53 -6.89
N VAL A 58 0.32 -3.26 -6.48
CA VAL A 58 -0.84 -2.36 -6.56
C VAL A 58 -0.38 -0.91 -6.71
N PRO A 59 -0.75 -0.25 -7.83
CA PRO A 59 -0.37 1.16 -8.09
C PRO A 59 -0.83 2.12 -6.99
N LYS A 60 0.13 2.87 -6.43
CA LYS A 60 -0.16 3.85 -5.37
C LYS A 60 -0.23 5.28 -5.90
N GLY A 61 0.01 5.47 -7.19
CA GLY A 61 -0.03 6.81 -7.75
C GLY A 61 -1.29 7.57 -7.35
N ILE A 62 -2.36 6.82 -7.14
CA ILE A 62 -3.64 7.41 -6.73
C ILE A 62 -4.46 6.34 -6.01
N ALA A 63 -3.96 5.87 -4.87
CA ALA A 63 -4.66 4.82 -4.13
C ALA A 63 -4.63 5.02 -2.62
N VAL A 64 -5.80 5.30 -2.04
CA VAL A 64 -5.91 5.47 -0.59
C VAL A 64 -6.01 4.11 0.09
N PHE A 65 -5.31 3.94 1.21
CA PHE A 65 -5.34 2.67 1.93
C PHE A 65 -4.99 2.86 3.39
N HIS A 66 -5.22 1.80 4.17
CA HIS A 66 -4.94 1.81 5.60
C HIS A 66 -4.30 0.49 5.99
N PHE A 67 -3.15 0.54 6.68
CA PHE A 67 -2.47 -0.69 7.07
C PHE A 67 -2.44 -0.86 8.59
N ARG A 68 -2.69 -2.09 9.03
CA ARG A 68 -2.71 -2.41 10.45
C ARG A 68 -1.40 -3.11 10.86
N THR A 69 -1.00 -2.90 12.10
CA THR A 69 0.21 -3.50 12.64
C THR A 69 -0.12 -4.45 13.78
N PRO A 70 0.48 -5.66 13.79
CA PRO A 70 0.23 -6.68 14.83
C PRO A 70 0.31 -6.10 16.23
N GLN A 71 1.14 -5.08 16.41
CA GLN A 71 1.28 -4.45 17.72
C GLN A 71 -0.04 -3.84 18.17
N GLY A 72 -0.96 -3.66 17.23
CA GLY A 72 -2.26 -3.10 17.55
C GLY A 72 -2.35 -1.64 17.15
N GLU A 73 -1.75 -1.32 16.01
CA GLU A 73 -1.78 0.06 15.52
C GLU A 73 -2.32 0.14 14.09
N LEU A 74 -3.05 1.21 13.80
CA LEU A 74 -3.61 1.40 12.46
C LEU A 74 -3.17 2.75 11.89
N VAL A 75 -2.57 2.70 10.70
CA VAL A 75 -2.09 3.91 10.04
C VAL A 75 -2.83 4.14 8.73
N GLU A 76 -2.88 5.39 8.30
CA GLU A 76 -3.56 5.74 7.05
C GLU A 76 -2.63 6.51 6.11
N ILE A 77 -2.72 6.22 4.83
CA ILE A 77 -1.91 6.87 3.82
C ILE A 77 -2.68 7.00 2.51
N ASP A 78 -2.96 8.25 2.12
CA ASP A 78 -3.72 8.50 0.91
C ASP A 78 -2.83 8.46 -0.33
N GLY A 79 -2.86 7.32 -1.03
CA GLY A 79 -2.08 7.13 -2.23
C GLY A 79 -2.48 8.09 -3.33
N ARG A 80 -3.60 8.77 -3.17
CA ARG A 80 -4.09 9.70 -4.18
C ARG A 80 -3.73 11.14 -3.84
N ALA A 81 -3.76 11.45 -2.56
CA ALA A 81 -3.47 12.80 -2.10
C ALA A 81 -2.03 12.95 -1.59
N LEU A 82 -1.29 11.85 -1.53
CA LEU A 82 0.09 11.89 -1.05
C LEU A 82 1.07 11.28 -2.05
N VAL A 83 0.88 11.59 -3.33
CA VAL A 83 1.76 11.08 -4.36
C VAL A 83 3.08 11.84 -4.37
N ALA A 84 4.11 11.23 -3.78
CA ALA A 84 5.42 11.86 -3.70
C ALA A 84 6.35 11.36 -4.80
N ARG A 85 7.27 12.22 -5.21
CA ARG A 85 8.24 11.87 -6.25
C ARG A 85 9.65 11.89 -5.69
N PRO A 86 10.58 11.14 -6.32
CA PRO A 86 11.98 11.07 -5.88
C PRO A 86 12.59 12.47 -5.69
N GLU A 87 13.42 12.62 -4.68
CA GLU A 87 14.07 13.89 -4.39
C GLU A 87 14.90 14.37 -5.57
N GLU A 88 15.27 13.44 -6.45
CA GLU A 88 16.07 13.77 -7.63
C GLU A 88 15.18 14.19 -8.80
N ARG A 89 14.04 13.52 -8.93
CA ARG A 89 13.10 13.82 -10.00
C ARG A 89 11.69 14.07 -9.45
N ILE A 90 11.26 15.33 -9.51
CA ILE A 90 9.94 15.71 -9.01
C ILE A 90 9.07 16.28 -10.13
N ARG A 13 16.40 -1.97 4.33
CA ARG A 13 15.95 -2.61 5.56
C ARG A 13 14.43 -2.56 5.66
N HIS A 14 13.86 -3.54 6.38
CA HIS A 14 12.42 -3.62 6.55
C HIS A 14 11.99 -2.87 7.80
N GLU A 15 10.68 -2.73 7.99
CA GLU A 15 10.15 -2.03 9.16
C GLU A 15 8.63 -2.13 9.23
N LEU A 16 7.97 -2.07 8.07
CA LEU A 16 6.52 -2.16 8.02
C LEU A 16 6.06 -3.38 7.22
N ILE A 17 6.94 -4.37 7.09
CA ILE A 17 6.62 -5.59 6.35
C ILE A 17 6.03 -6.64 7.28
N GLY A 18 5.26 -7.57 6.71
CA GLY A 18 4.65 -8.62 7.51
C GLY A 18 3.21 -8.31 7.85
N LEU A 19 2.87 -7.03 7.91
CA LEU A 19 1.52 -6.61 8.24
C LEU A 19 0.62 -6.61 7.00
N SER A 20 -0.69 -6.54 7.22
CA SER A 20 -1.65 -6.53 6.13
C SER A 20 -1.99 -5.12 5.70
N VAL A 21 -2.48 -4.99 4.46
CA VAL A 21 -2.86 -3.68 3.92
C VAL A 21 -4.31 -3.67 3.48
N ARG A 22 -4.90 -2.48 3.39
CA ARG A 22 -6.29 -2.36 2.97
C ARG A 22 -6.50 -1.09 2.13
N ILE A 23 -6.93 -1.28 0.88
CA ILE A 23 -7.16 -0.16 -0.03
C ILE A 23 -8.58 0.38 0.14
N ALA A 24 -8.70 1.71 0.17
CA ALA A 24 -10.00 2.35 0.33
C ALA A 24 -10.41 3.12 -0.92
N ARG A 25 -9.42 3.64 -1.63
CA ARG A 25 -9.66 4.39 -2.85
C ARG A 25 -8.42 4.40 -3.73
N SER A 26 -8.61 4.12 -5.02
CA SER A 26 -7.50 4.09 -5.97
C SER A 26 -7.89 4.72 -7.30
N VAL A 27 -6.89 5.05 -8.11
CA VAL A 27 -7.12 5.66 -9.41
C VAL A 27 -7.93 4.75 -10.32
N HIS A 28 -7.74 3.44 -10.16
CA HIS A 28 -8.46 2.45 -10.97
C HIS A 28 -9.29 1.53 -10.08
N ARG A 29 -10.52 1.27 -10.51
CA ARG A 29 -11.43 0.40 -9.75
C ARG A 29 -10.93 -1.04 -9.70
N ASP A 30 -9.98 -1.38 -10.56
CA ASP A 30 -9.42 -2.73 -10.59
C ASP A 30 -8.66 -3.04 -9.31
N ILE A 31 -8.34 -2.01 -8.54
CA ILE A 31 -7.61 -2.19 -7.28
C ILE A 31 -8.23 -1.36 -6.16
N GLN A 32 -9.42 -0.82 -6.40
CA GLN A 32 -10.11 0.00 -5.41
C GLN A 32 -10.95 -0.86 -4.47
N GLY A 33 -10.66 -0.74 -3.17
CA GLY A 33 -11.41 -1.51 -2.18
C GLY A 33 -10.90 -2.93 -2.02
N ILE A 34 -9.73 -3.21 -2.57
CA ILE A 34 -9.15 -4.54 -2.47
C ILE A 34 -8.11 -4.61 -1.36
N SER A 35 -8.32 -5.52 -0.41
CA SER A 35 -7.41 -5.70 0.72
C SER A 35 -6.38 -6.77 0.39
N GLY A 36 -5.18 -6.62 0.93
CA GLY A 36 -4.13 -7.60 0.67
C GLY A 36 -3.03 -7.57 1.71
N ARG A 37 -1.89 -8.14 1.35
CA ARG A 37 -0.73 -8.20 2.25
C ARG A 37 0.41 -7.34 1.69
N VAL A 38 1.46 -7.15 2.47
CA VAL A 38 2.57 -6.27 2.07
C VAL A 38 3.82 -6.98 1.56
N VAL A 39 4.57 -6.28 0.70
CA VAL A 39 5.84 -6.80 0.19
C VAL A 39 6.89 -5.69 0.15
N ASP A 40 6.51 -4.53 -0.41
CA ASP A 40 7.43 -3.40 -0.51
C ASP A 40 6.65 -2.09 -0.71
N GLU A 41 7.34 -0.97 -0.52
CA GLU A 41 6.72 0.34 -0.71
C GLU A 41 7.55 1.18 -1.68
N THR A 42 6.89 1.74 -2.70
CA THR A 42 7.58 2.55 -3.69
C THR A 42 7.05 3.99 -3.69
N ARG A 43 7.92 4.95 -4.01
CA ARG A 43 7.55 6.35 -4.03
C ARG A 43 6.31 6.60 -4.89
N ASN A 44 6.01 5.69 -5.81
CA ASN A 44 4.84 5.86 -6.68
C ASN A 44 4.07 4.56 -6.89
N THR A 45 4.35 3.55 -6.07
CA THR A 45 3.64 2.28 -6.20
C THR A 45 3.67 1.46 -4.92
N LEU A 46 2.63 0.67 -4.72
CA LEU A 46 2.52 -0.19 -3.55
C LEU A 46 2.77 -1.63 -3.94
N ARG A 47 3.68 -2.29 -3.24
CA ARG A 47 3.98 -3.68 -3.51
C ARG A 47 3.32 -4.53 -2.43
N ILE A 48 2.59 -5.56 -2.85
CA ILE A 48 1.84 -6.42 -1.93
C ILE A 48 2.34 -7.87 -1.88
N GLU A 49 2.70 -8.34 -0.68
CA GLU A 49 3.09 -9.73 -0.50
C GLU A 49 2.35 -10.30 0.69
N MET A 50 1.95 -11.57 0.51
CA MET A 50 1.21 -12.33 1.51
C MET A 50 2.10 -13.45 2.05
N ASP A 51 2.20 -13.53 3.39
CA ASP A 51 3.01 -14.54 4.04
C ASP A 51 2.80 -15.93 3.43
N ASP A 52 1.62 -16.14 2.86
CA ASP A 52 1.29 -17.42 2.24
C ASP A 52 2.22 -17.71 1.05
N GLY A 53 2.98 -16.70 0.63
CA GLY A 53 3.89 -16.88 -0.48
C GLY A 53 3.34 -16.30 -1.77
N ARG A 54 2.42 -15.36 -1.65
CA ARG A 54 1.82 -14.72 -2.81
C ARG A 54 2.38 -13.31 -2.98
N GLU A 55 2.22 -12.75 -4.18
CA GLU A 55 2.73 -11.41 -4.45
C GLU A 55 1.89 -10.71 -5.54
N ILE A 56 1.69 -9.41 -5.34
CA ILE A 56 0.92 -8.58 -6.28
C ILE A 56 1.26 -7.11 -6.10
N THR A 57 1.09 -6.31 -7.16
CA THR A 57 1.40 -4.87 -7.09
C THR A 57 0.16 -4.01 -7.27
N VAL A 58 0.20 -2.79 -6.73
CA VAL A 58 -0.93 -1.86 -6.83
C VAL A 58 -0.43 -0.41 -6.93
N PRO A 59 -1.02 0.40 -7.84
CA PRO A 59 -0.62 1.80 -8.04
C PRO A 59 -1.12 2.73 -6.92
N LYS A 60 -0.18 3.32 -6.18
CA LYS A 60 -0.52 4.23 -5.09
C LYS A 60 -0.37 5.70 -5.50
N GLY A 61 0.09 5.95 -6.74
CA GLY A 61 0.29 7.31 -7.19
C GLY A 61 -0.90 8.21 -6.91
N ILE A 62 -2.08 7.61 -6.81
CA ILE A 62 -3.29 8.36 -6.53
C ILE A 62 -4.28 7.48 -5.77
N ALA A 63 -3.87 6.98 -4.60
CA ALA A 63 -4.74 6.10 -3.84
C ALA A 63 -4.50 6.17 -2.32
N VAL A 64 -5.59 6.10 -1.56
CA VAL A 64 -5.52 6.12 -0.10
C VAL A 64 -5.60 4.69 0.44
N PHE A 65 -4.89 4.40 1.51
CA PHE A 65 -4.91 3.06 2.07
C PHE A 65 -4.52 3.05 3.55
N HIS A 66 -4.89 1.97 4.23
CA HIS A 66 -4.59 1.82 5.64
C HIS A 66 -3.90 0.48 5.91
N PHE A 67 -2.79 0.53 6.65
CA PHE A 67 -2.04 -0.68 6.98
C PHE A 67 -2.48 -1.24 8.33
N ARG A 68 -2.93 -2.50 8.33
CA ARG A 68 -3.39 -3.15 9.54
C ARG A 68 -2.48 -4.33 9.88
N THR A 69 -1.83 -4.27 11.04
CA THR A 69 -0.94 -5.35 11.47
C THR A 69 -1.72 -6.42 12.23
N PRO A 70 -1.43 -7.71 11.94
CA PRO A 70 -2.11 -8.85 12.59
C PRO A 70 -2.15 -8.72 14.12
N GLN A 71 -1.14 -8.08 14.69
CA GLN A 71 -1.07 -7.91 16.14
C GLN A 71 -2.22 -7.06 16.65
N GLY A 72 -2.95 -6.41 15.73
CA GLY A 72 -4.08 -5.58 16.14
C GLY A 72 -3.75 -4.10 16.09
N GLU A 73 -3.20 -3.65 14.97
CA GLU A 73 -2.86 -2.24 14.79
C GLU A 73 -3.49 -1.68 13.52
N LEU A 74 -3.86 -0.41 13.56
CA LEU A 74 -4.47 0.25 12.42
C LEU A 74 -3.70 1.50 12.01
N VAL A 75 -3.20 1.50 10.78
CA VAL A 75 -2.44 2.63 10.26
C VAL A 75 -3.10 3.20 9.01
N GLU A 76 -3.08 4.53 8.87
CA GLU A 76 -3.68 5.19 7.72
C GLU A 76 -2.64 5.99 6.94
N ILE A 77 -2.62 5.80 5.63
CA ILE A 77 -1.68 6.50 4.76
C ILE A 77 -2.40 7.09 3.57
N ASP A 78 -1.94 8.25 3.12
CA ASP A 78 -2.56 8.91 1.97
C ASP A 78 -1.69 8.80 0.73
N GLY A 79 -2.04 7.86 -0.14
CA GLY A 79 -1.28 7.68 -1.37
C GLY A 79 -1.89 8.48 -2.52
N ARG A 80 -3.09 8.98 -2.32
CA ARG A 80 -3.77 9.75 -3.36
C ARG A 80 -3.48 11.23 -3.22
N ALA A 81 -3.39 11.69 -1.98
CA ALA A 81 -3.15 13.10 -1.70
C ALA A 81 -1.69 13.39 -1.32
N LEU A 82 -0.86 12.35 -1.24
CA LEU A 82 0.54 12.55 -0.88
C LEU A 82 1.48 11.87 -1.86
N VAL A 83 1.21 11.99 -3.15
CA VAL A 83 2.04 11.37 -4.17
C VAL A 83 3.36 12.13 -4.30
N ALA A 84 4.42 11.58 -3.71
CA ALA A 84 5.73 12.21 -3.75
C ALA A 84 6.69 11.42 -4.63
N ARG A 85 6.96 11.94 -5.83
CA ARG A 85 7.86 11.27 -6.75
C ARG A 85 9.09 12.13 -7.04
N PRO A 86 10.28 11.51 -7.13
CA PRO A 86 11.52 12.22 -7.39
C PRO A 86 11.69 12.58 -8.86
N GLU A 87 10.91 11.95 -9.72
CA GLU A 87 10.97 12.18 -11.16
C GLU A 87 10.00 13.29 -11.57
N GLU A 88 8.97 13.48 -10.77
CA GLU A 88 7.96 14.51 -11.04
C GLU A 88 8.21 15.75 -10.20
N ARG A 89 8.99 15.60 -9.12
CA ARG A 89 9.29 16.72 -8.24
C ARG A 89 8.04 17.23 -7.55
N ILE A 90 7.47 16.40 -6.67
CA ILE A 90 6.26 16.78 -5.95
C ILE A 90 6.52 16.81 -4.44
N ARG A 13 12.85 6.51 10.92
CA ARG A 13 12.79 5.25 10.18
C ARG A 13 12.17 4.15 11.02
N HIS A 14 10.90 3.84 10.74
CA HIS A 14 10.18 2.80 11.48
C HIS A 14 9.70 1.69 10.55
N GLU A 15 9.63 1.99 9.25
CA GLU A 15 9.19 1.00 8.25
C GLU A 15 7.77 0.52 8.55
N LEU A 16 7.11 -0.02 7.52
CA LEU A 16 5.75 -0.51 7.66
C LEU A 16 5.62 -1.94 7.17
N ILE A 17 6.72 -2.68 7.19
CA ILE A 17 6.72 -4.07 6.75
C ILE A 17 6.32 -5.00 7.89
N GLY A 18 5.58 -6.05 7.55
CA GLY A 18 5.13 -7.00 8.56
C GLY A 18 3.65 -6.82 8.90
N LEU A 19 3.06 -5.74 8.39
CA LEU A 19 1.65 -5.46 8.64
C LEU A 19 0.82 -5.63 7.37
N SER A 20 -0.50 -5.67 7.54
CA SER A 20 -1.40 -5.83 6.41
C SER A 20 -1.75 -4.48 5.81
N VAL A 21 -2.17 -4.48 4.55
CA VAL A 21 -2.52 -3.25 3.85
C VAL A 21 -3.89 -3.36 3.18
N ARG A 22 -4.80 -2.47 3.56
CA ARG A 22 -6.14 -2.46 3.00
C ARG A 22 -6.37 -1.19 2.19
N ILE A 23 -6.77 -1.36 0.93
CA ILE A 23 -7.01 -0.22 0.06
C ILE A 23 -8.45 0.26 0.16
N ALA A 24 -8.64 1.58 0.24
CA ALA A 24 -9.96 2.17 0.34
C ALA A 24 -10.42 2.71 -1.01
N ARG A 25 -9.46 3.01 -1.87
CA ARG A 25 -9.74 3.52 -3.20
C ARG A 25 -8.50 3.43 -4.08
N SER A 26 -8.71 3.20 -5.36
CA SER A 26 -7.60 3.08 -6.30
C SER A 26 -7.92 3.77 -7.62
N VAL A 27 -6.87 4.01 -8.42
CA VAL A 27 -7.04 4.65 -9.72
C VAL A 27 -7.95 3.83 -10.62
N HIS A 28 -7.88 2.51 -10.49
CA HIS A 28 -8.71 1.61 -11.29
C HIS A 28 -9.71 0.87 -10.41
N ARG A 29 -10.95 0.78 -10.88
CA ARG A 29 -12.01 0.12 -10.13
C ARG A 29 -11.77 -1.39 -9.96
N ASP A 30 -10.98 -1.96 -10.84
CA ASP A 30 -10.69 -3.39 -10.78
C ASP A 30 -9.61 -3.71 -9.75
N ILE A 31 -9.10 -2.68 -9.07
CA ILE A 31 -8.07 -2.87 -8.07
C ILE A 31 -8.40 -2.18 -6.76
N GLN A 32 -9.36 -1.26 -6.79
CA GLN A 32 -9.77 -0.53 -5.59
C GLN A 32 -10.37 -1.47 -4.55
N GLY A 33 -10.35 -1.04 -3.29
CA GLY A 33 -10.90 -1.85 -2.22
C GLY A 33 -10.17 -3.17 -2.06
N ILE A 34 -8.96 -3.25 -2.61
CA ILE A 34 -8.17 -4.46 -2.54
C ILE A 34 -7.43 -4.57 -1.21
N SER A 35 -7.84 -5.53 -0.39
CA SER A 35 -7.21 -5.75 0.91
C SER A 35 -6.17 -6.87 0.79
N GLY A 36 -5.00 -6.67 1.38
CA GLY A 36 -3.98 -7.69 1.29
C GLY A 36 -2.81 -7.46 2.23
N ARG A 37 -1.70 -8.12 1.93
CA ARG A 37 -0.49 -8.02 2.72
C ARG A 37 0.57 -7.15 2.01
N VAL A 38 1.65 -6.84 2.71
CA VAL A 38 2.69 -5.94 2.16
C VAL A 38 3.95 -6.65 1.68
N VAL A 39 4.65 -6.02 0.73
CA VAL A 39 5.94 -6.54 0.26
C VAL A 39 6.92 -5.40 0.05
N ASP A 40 6.48 -4.37 -0.68
CA ASP A 40 7.31 -3.21 -0.96
C ASP A 40 6.46 -2.00 -1.35
N GLU A 41 7.04 -0.80 -1.23
CA GLU A 41 6.34 0.42 -1.59
C GLU A 41 7.18 1.26 -2.56
N THR A 42 6.58 1.62 -3.69
CA THR A 42 7.29 2.41 -4.70
C THR A 42 6.55 3.71 -4.99
N ARG A 43 7.29 4.73 -5.40
CA ARG A 43 6.71 6.04 -5.71
C ARG A 43 5.60 5.93 -6.75
N ASN A 44 5.63 4.88 -7.57
CA ASN A 44 4.62 4.70 -8.60
C ASN A 44 3.94 3.34 -8.54
N THR A 45 4.21 2.57 -7.48
CA THR A 45 3.59 1.25 -7.34
C THR A 45 3.58 0.78 -5.89
N LEU A 46 2.74 -0.22 -5.65
CA LEU A 46 2.59 -0.80 -4.33
C LEU A 46 2.45 -2.31 -4.45
N ARG A 47 3.48 -3.04 -4.04
CA ARG A 47 3.44 -4.49 -4.13
C ARG A 47 3.00 -5.10 -2.79
N ILE A 48 2.09 -6.06 -2.88
CA ILE A 48 1.52 -6.72 -1.71
C ILE A 48 2.04 -8.14 -1.50
N GLU A 49 2.67 -8.39 -0.35
CA GLU A 49 3.13 -9.73 -0.04
C GLU A 49 2.51 -10.19 1.27
N MET A 50 2.06 -11.45 1.22
CA MET A 50 1.42 -12.13 2.35
C MET A 50 2.42 -13.04 3.06
N ASP A 51 2.43 -12.97 4.38
CA ASP A 51 3.35 -13.78 5.21
C ASP A 51 3.39 -15.23 4.73
N ASP A 52 2.29 -15.69 4.15
CA ASP A 52 2.20 -17.06 3.64
C ASP A 52 3.20 -17.29 2.52
N GLY A 53 3.77 -16.22 1.99
CA GLY A 53 4.73 -16.32 0.90
C GLY A 53 4.10 -16.00 -0.43
N ARG A 54 3.03 -15.22 -0.41
CA ARG A 54 2.34 -14.82 -1.63
C ARG A 54 2.65 -13.37 -1.98
N GLU A 55 2.61 -13.04 -3.27
CA GLU A 55 2.90 -11.68 -3.72
C GLU A 55 1.92 -11.22 -4.79
N ILE A 56 1.57 -9.93 -4.75
CA ILE A 56 0.64 -9.35 -5.72
C ILE A 56 0.84 -7.83 -5.83
N THR A 57 1.24 -7.37 -7.02
CA THR A 57 1.48 -5.95 -7.25
C THR A 57 0.18 -5.14 -7.37
N VAL A 58 0.23 -3.89 -6.92
CA VAL A 58 -0.91 -2.98 -6.97
C VAL A 58 -0.46 -1.52 -7.05
N PRO A 59 -1.09 -0.69 -7.91
CA PRO A 59 -0.72 0.71 -8.07
C PRO A 59 -1.33 1.61 -6.99
N LYS A 60 -0.47 2.15 -6.10
CA LYS A 60 -0.94 3.02 -5.03
C LYS A 60 -0.69 4.50 -5.35
N GLY A 61 -0.08 4.78 -6.51
CA GLY A 61 0.21 6.15 -6.87
C GLY A 61 -1.00 7.06 -6.72
N ILE A 62 -2.19 6.46 -6.76
CA ILE A 62 -3.43 7.17 -6.59
C ILE A 62 -4.43 6.28 -5.86
N ALA A 63 -4.06 5.84 -4.67
CA ALA A 63 -4.92 4.94 -3.90
C ALA A 63 -4.86 5.16 -2.38
N VAL A 64 -6.00 5.55 -1.81
CA VAL A 64 -6.09 5.73 -0.36
C VAL A 64 -6.14 4.37 0.31
N PHE A 65 -5.41 4.20 1.41
CA PHE A 65 -5.41 2.92 2.10
C PHE A 65 -5.05 3.08 3.57
N HIS A 66 -5.39 2.06 4.36
CA HIS A 66 -5.12 2.06 5.78
C HIS A 66 -4.29 0.84 6.17
N PHE A 67 -3.19 1.06 6.86
CA PHE A 67 -2.30 -0.02 7.28
C PHE A 67 -2.65 -0.52 8.68
N ARG A 68 -2.88 -1.83 8.79
CA ARG A 68 -3.23 -2.44 10.07
C ARG A 68 -2.04 -3.22 10.62
N THR A 69 -1.55 -2.79 11.78
CA THR A 69 -0.42 -3.46 12.42
C THR A 69 -0.90 -4.68 13.21
N PRO A 70 -0.15 -5.80 13.16
CA PRO A 70 -0.50 -7.03 13.86
C PRO A 70 -0.88 -6.79 15.32
N GLN A 71 -0.18 -5.86 15.96
CA GLN A 71 -0.46 -5.53 17.35
C GLN A 71 -1.87 -4.99 17.51
N GLY A 72 -2.48 -4.58 16.40
CA GLY A 72 -3.83 -4.04 16.44
C GLY A 72 -3.84 -2.54 16.31
N GLU A 73 -3.12 -2.02 15.32
CA GLU A 73 -3.06 -0.57 15.11
C GLU A 73 -3.71 -0.19 13.78
N LEU A 74 -4.15 1.05 13.68
CA LEU A 74 -4.79 1.55 12.47
C LEU A 74 -4.09 2.79 11.93
N VAL A 75 -3.39 2.62 10.82
CA VAL A 75 -2.67 3.73 10.20
C VAL A 75 -3.37 4.18 8.92
N GLU A 76 -3.15 5.43 8.51
CA GLU A 76 -3.78 5.97 7.31
C GLU A 76 -2.76 6.68 6.42
N ILE A 77 -2.86 6.40 5.12
CA ILE A 77 -1.96 7.02 4.15
C ILE A 77 -2.67 7.18 2.81
N ASP A 78 -2.82 8.42 2.37
CA ASP A 78 -3.50 8.71 1.12
C ASP A 78 -2.61 8.45 -0.10
N GLY A 79 -2.80 7.28 -0.73
CA GLY A 79 -2.05 6.93 -1.91
C GLY A 79 -2.30 7.87 -3.06
N ARG A 80 -3.34 8.70 -2.94
CA ARG A 80 -3.69 9.64 -3.99
C ARG A 80 -3.15 11.03 -3.67
N ALA A 81 -3.05 11.33 -2.39
CA ALA A 81 -2.56 12.62 -1.95
C ALA A 81 -1.10 12.56 -1.48
N LEU A 82 -0.50 11.37 -1.52
CA LEU A 82 0.88 11.20 -1.09
C LEU A 82 1.75 10.74 -2.26
N VAL A 83 1.49 11.30 -3.43
CA VAL A 83 2.24 10.94 -4.62
C VAL A 83 3.60 11.64 -4.65
N ALA A 84 4.64 10.91 -4.28
CA ALA A 84 6.00 11.45 -4.27
C ALA A 84 6.83 10.85 -5.39
N ARG A 85 7.43 11.70 -6.22
CA ARG A 85 8.25 11.25 -7.33
C ARG A 85 9.72 11.19 -6.94
N PRO A 86 10.44 10.14 -7.40
CA PRO A 86 11.87 9.97 -7.11
C PRO A 86 12.70 11.20 -7.48
N GLU A 87 14.02 11.02 -7.55
CA GLU A 87 14.93 12.12 -7.89
C GLU A 87 15.07 12.31 -9.40
N GLU A 88 14.40 11.47 -10.19
CA GLU A 88 14.48 11.57 -11.65
C GLU A 88 13.53 12.65 -12.16
N ARG A 89 12.33 12.70 -11.60
CA ARG A 89 11.33 13.68 -12.00
C ARG A 89 10.72 14.35 -10.77
N ILE A 90 11.26 15.50 -10.38
CA ILE A 90 10.76 16.22 -9.22
C ILE A 90 9.96 17.46 -9.64
N ARG A 13 12.41 -4.98 14.96
CA ARG A 13 12.26 -3.59 14.55
C ARG A 13 11.49 -3.49 13.24
N HIS A 14 10.21 -3.15 13.33
CA HIS A 14 9.36 -3.02 12.14
C HIS A 14 8.90 -1.58 11.97
N GLU A 15 8.05 -1.35 10.97
CA GLU A 15 7.54 -0.02 10.69
C GLU A 15 6.47 -0.07 9.61
N LEU A 16 6.71 -0.86 8.57
CA LEU A 16 5.76 -0.99 7.47
C LEU A 16 5.53 -2.46 7.12
N ILE A 17 6.62 -3.21 7.02
CA ILE A 17 6.54 -4.63 6.69
C ILE A 17 6.06 -5.45 7.88
N GLY A 18 5.11 -6.34 7.65
CA GLY A 18 4.58 -7.17 8.72
C GLY A 18 3.10 -6.92 8.98
N LEU A 19 2.65 -5.72 8.65
CA LEU A 19 1.25 -5.35 8.85
C LEU A 19 0.45 -5.50 7.56
N SER A 20 -0.88 -5.47 7.68
CA SER A 20 -1.75 -5.61 6.52
C SER A 20 -2.20 -4.24 6.00
N VAL A 21 -2.61 -4.20 4.74
CA VAL A 21 -3.05 -2.96 4.11
C VAL A 21 -4.35 -3.17 3.35
N ARG A 22 -5.31 -2.27 3.55
CA ARG A 22 -6.60 -2.36 2.89
C ARG A 22 -6.78 -1.23 1.89
N ILE A 23 -7.25 -1.56 0.69
CA ILE A 23 -7.46 -0.57 -0.35
C ILE A 23 -8.90 -0.06 -0.33
N ALA A 24 -9.05 1.26 -0.32
CA ALA A 24 -10.38 1.87 -0.30
C ALA A 24 -10.74 2.44 -1.66
N ARG A 25 -9.73 2.91 -2.37
CA ARG A 25 -9.92 3.48 -3.70
C ARG A 25 -8.61 3.45 -4.49
N SER A 26 -8.69 3.04 -5.74
CA SER A 26 -7.50 2.96 -6.59
C SER A 26 -7.80 3.45 -8.00
N VAL A 27 -6.74 3.76 -8.75
CA VAL A 27 -6.88 4.24 -10.12
C VAL A 27 -7.59 3.20 -10.99
N HIS A 28 -7.16 1.95 -10.88
CA HIS A 28 -7.74 0.86 -11.65
C HIS A 28 -8.75 0.09 -10.82
N ARG A 29 -9.89 -0.23 -11.43
CA ARG A 29 -10.95 -0.97 -10.75
C ARG A 29 -10.57 -2.45 -10.56
N ASP A 30 -9.45 -2.86 -11.17
CA ASP A 30 -9.00 -4.23 -11.06
C ASP A 30 -8.34 -4.51 -9.70
N ILE A 31 -8.03 -3.45 -8.96
CA ILE A 31 -7.40 -3.61 -7.65
C ILE A 31 -8.05 -2.70 -6.60
N GLN A 32 -9.19 -2.10 -6.96
CA GLN A 32 -9.89 -1.20 -6.06
C GLN A 32 -10.69 -1.99 -5.03
N GLY A 33 -10.63 -1.54 -3.78
CA GLY A 33 -11.36 -2.22 -2.71
C GLY A 33 -10.79 -3.58 -2.39
N ILE A 34 -9.56 -3.83 -2.82
CA ILE A 34 -8.91 -5.11 -2.57
C ILE A 34 -7.96 -5.01 -1.37
N SER A 35 -8.17 -5.88 -0.39
CA SER A 35 -7.33 -5.90 0.81
C SER A 35 -6.18 -6.89 0.65
N GLY A 36 -5.12 -6.69 1.41
CA GLY A 36 -3.98 -7.57 1.33
C GLY A 36 -2.87 -7.16 2.27
N ARG A 37 -1.66 -7.66 2.01
CA ARG A 37 -0.52 -7.34 2.85
C ARG A 37 0.55 -6.53 2.08
N VAL A 38 1.53 -6.06 2.80
CA VAL A 38 2.57 -5.20 2.22
C VAL A 38 3.89 -5.90 1.94
N VAL A 39 4.66 -5.36 0.99
CA VAL A 39 5.98 -5.90 0.70
C VAL A 39 6.98 -4.75 0.50
N ASP A 40 6.60 -3.79 -0.34
CA ASP A 40 7.43 -2.64 -0.62
C ASP A 40 6.62 -1.48 -1.20
N GLU A 41 7.18 -0.28 -1.16
CA GLU A 41 6.51 0.91 -1.68
C GLU A 41 7.35 1.55 -2.78
N THR A 42 6.73 1.81 -3.93
CA THR A 42 7.43 2.41 -5.05
C THR A 42 6.83 3.76 -5.43
N ARG A 43 7.67 4.64 -5.96
CA ARG A 43 7.24 5.98 -6.36
C ARG A 43 5.96 5.96 -7.20
N ASN A 44 5.74 4.88 -7.94
CA ASN A 44 4.55 4.79 -8.78
C ASN A 44 3.81 3.46 -8.64
N THR A 45 4.18 2.65 -7.64
CA THR A 45 3.50 1.37 -7.45
C THR A 45 3.67 0.87 -6.02
N LEU A 46 2.79 -0.03 -5.62
CA LEU A 46 2.82 -0.61 -4.29
C LEU A 46 2.70 -2.12 -4.37
N ARG A 47 3.75 -2.82 -3.95
CA ARG A 47 3.72 -4.26 -3.99
C ARG A 47 3.25 -4.81 -2.64
N ILE A 48 2.29 -5.73 -2.71
CA ILE A 48 1.66 -6.32 -1.53
C ILE A 48 2.24 -7.69 -1.18
N GLU A 49 2.71 -7.85 0.05
CA GLU A 49 3.19 -9.14 0.49
C GLU A 49 2.54 -9.49 1.82
N MET A 50 2.14 -10.76 1.90
CA MET A 50 1.48 -11.30 3.09
C MET A 50 2.31 -12.44 3.69
N ASP A 51 2.44 -12.42 5.01
CA ASP A 51 3.21 -13.41 5.75
C ASP A 51 2.96 -14.83 5.26
N ASP A 52 1.78 -15.06 4.68
CA ASP A 52 1.45 -16.37 4.16
C ASP A 52 2.47 -16.81 3.10
N GLY A 53 3.26 -15.85 2.62
CA GLY A 53 4.27 -16.14 1.62
C GLY A 53 3.82 -15.74 0.23
N ARG A 54 2.81 -14.90 0.16
CA ARG A 54 2.29 -14.44 -1.12
C ARG A 54 2.71 -13.00 -1.39
N GLU A 55 2.71 -12.61 -2.67
CA GLU A 55 3.08 -11.26 -3.05
C GLU A 55 2.39 -10.83 -4.33
N ILE A 56 1.56 -9.78 -4.24
CA ILE A 56 0.84 -9.27 -5.41
C ILE A 56 1.06 -7.76 -5.56
N THR A 57 1.34 -7.32 -6.79
CA THR A 57 1.59 -5.90 -7.06
C THR A 57 0.29 -5.09 -7.12
N VAL A 58 0.38 -3.82 -6.70
CA VAL A 58 -0.78 -2.93 -6.70
C VAL A 58 -0.33 -1.46 -6.84
N PRO A 59 -0.75 -0.76 -7.92
CA PRO A 59 -0.38 0.65 -8.16
C PRO A 59 -0.93 1.60 -7.09
N LYS A 60 -0.03 2.26 -6.36
CA LYS A 60 -0.42 3.20 -5.32
C LYS A 60 -0.34 4.66 -5.78
N GLY A 61 0.11 4.88 -7.01
CA GLY A 61 0.23 6.24 -7.51
C GLY A 61 -1.04 7.06 -7.27
N ILE A 62 -2.16 6.35 -7.16
CA ILE A 62 -3.44 6.97 -6.91
C ILE A 62 -4.32 5.99 -6.16
N ALA A 63 -3.88 5.59 -4.97
CA ALA A 63 -4.63 4.60 -4.19
C ALA A 63 -4.65 4.89 -2.69
N VAL A 64 -5.83 5.26 -2.17
CA VAL A 64 -5.98 5.51 -0.75
C VAL A 64 -6.15 4.20 0.00
N PHE A 65 -5.34 3.98 1.02
CA PHE A 65 -5.42 2.74 1.78
C PHE A 65 -4.92 2.92 3.21
N HIS A 66 -5.42 2.07 4.09
CA HIS A 66 -5.05 2.11 5.49
C HIS A 66 -4.41 0.78 5.91
N PHE A 67 -3.40 0.85 6.76
CA PHE A 67 -2.70 -0.34 7.21
C PHE A 67 -3.12 -0.72 8.63
N ARG A 68 -3.25 -2.02 8.88
CA ARG A 68 -3.64 -2.52 10.18
C ARG A 68 -2.47 -3.22 10.87
N THR A 69 -2.15 -2.78 12.08
CA THR A 69 -1.05 -3.35 12.85
C THR A 69 -1.58 -4.32 13.90
N PRO A 70 -1.08 -5.57 13.91
CA PRO A 70 -1.51 -6.60 14.86
C PRO A 70 -1.45 -6.13 16.31
N GLN A 71 -0.60 -5.15 16.57
CA GLN A 71 -0.46 -4.61 17.92
C GLN A 71 -1.72 -3.87 18.34
N GLY A 72 -2.60 -3.59 17.38
CA GLY A 72 -3.84 -2.89 17.68
C GLY A 72 -3.79 -1.44 17.26
N GLU A 73 -3.21 -1.17 16.10
CA GLU A 73 -3.10 0.19 15.60
C GLU A 73 -3.69 0.32 14.20
N LEU A 74 -4.10 1.54 13.85
CA LEU A 74 -4.69 1.79 12.54
C LEU A 74 -3.95 2.93 11.83
N VAL A 75 -3.27 2.59 10.74
CA VAL A 75 -2.52 3.58 9.97
C VAL A 75 -3.28 3.96 8.69
N GLU A 76 -2.98 5.14 8.17
CA GLU A 76 -3.63 5.62 6.95
C GLU A 76 -2.63 6.23 5.99
N ILE A 77 -2.83 5.99 4.70
CA ILE A 77 -1.94 6.53 3.67
C ILE A 77 -2.73 6.86 2.41
N ASP A 78 -2.60 8.10 1.94
CA ASP A 78 -3.31 8.54 0.75
C ASP A 78 -2.48 8.32 -0.50
N GLY A 79 -2.77 7.23 -1.21
CA GLY A 79 -2.06 6.90 -2.42
C GLY A 79 -2.32 7.91 -3.54
N ARG A 80 -3.32 8.76 -3.36
CA ARG A 80 -3.67 9.76 -4.36
C ARG A 80 -3.07 11.12 -4.05
N ALA A 81 -2.97 11.45 -2.77
CA ALA A 81 -2.45 12.73 -2.34
C ALA A 81 -1.00 12.67 -1.86
N LEU A 82 -0.44 11.47 -1.74
CA LEU A 82 0.94 11.31 -1.29
C LEU A 82 1.76 10.49 -2.26
N VAL A 83 1.62 10.79 -3.54
CA VAL A 83 2.37 10.09 -4.58
C VAL A 83 3.86 10.39 -4.47
N ALA A 84 4.65 9.35 -4.22
CA ALA A 84 6.09 9.50 -4.10
C ALA A 84 6.70 9.98 -5.42
N ARG A 85 7.17 11.22 -5.43
CA ARG A 85 7.76 11.80 -6.63
C ARG A 85 9.23 12.16 -6.41
N PRO A 86 10.02 12.21 -7.50
CA PRO A 86 11.44 12.53 -7.42
C PRO A 86 11.71 14.03 -7.34
N GLU A 87 10.67 14.82 -7.10
CA GLU A 87 10.82 16.26 -7.00
C GLU A 87 11.80 16.63 -5.90
N GLU A 88 11.64 15.98 -4.76
CA GLU A 88 12.51 16.21 -3.61
C GLU A 88 13.45 15.04 -3.40
N ARG A 89 12.89 13.83 -3.38
CA ARG A 89 13.66 12.60 -3.19
C ARG A 89 12.73 11.42 -2.89
N ILE A 90 12.95 10.31 -3.58
CA ILE A 90 12.12 9.12 -3.39
C ILE A 90 12.84 8.11 -2.51
N ARG A 13 10.02 6.15 12.70
CA ARG A 13 8.92 6.18 11.74
C ARG A 13 9.38 5.68 10.38
N HIS A 14 8.48 5.71 9.40
CA HIS A 14 8.78 5.26 8.05
C HIS A 14 9.08 3.76 8.03
N GLU A 15 8.03 2.95 8.16
CA GLU A 15 8.17 1.50 8.16
C GLU A 15 6.81 0.83 8.33
N LEU A 16 6.08 0.70 7.22
CA LEU A 16 4.77 0.08 7.23
C LEU A 16 4.83 -1.36 6.72
N ILE A 17 6.00 -1.99 6.87
CA ILE A 17 6.18 -3.36 6.44
C ILE A 17 5.87 -4.35 7.57
N GLY A 18 5.27 -5.48 7.22
CA GLY A 18 4.93 -6.47 8.22
C GLY A 18 3.46 -6.47 8.60
N LEU A 19 2.77 -5.37 8.29
CA LEU A 19 1.35 -5.25 8.59
C LEU A 19 0.51 -5.27 7.32
N SER A 20 -0.77 -5.61 7.46
CA SER A 20 -1.68 -5.69 6.32
C SER A 20 -2.06 -4.29 5.84
N VAL A 21 -2.52 -4.22 4.59
CA VAL A 21 -2.91 -2.94 4.00
C VAL A 21 -4.19 -3.09 3.17
N ARG A 22 -5.28 -2.53 3.66
CA ARG A 22 -6.56 -2.60 2.97
C ARG A 22 -6.68 -1.47 1.95
N ILE A 23 -7.22 -1.79 0.78
CA ILE A 23 -7.39 -0.80 -0.28
C ILE A 23 -8.79 -0.19 -0.26
N ALA A 24 -8.85 1.08 0.11
CA ALA A 24 -10.13 1.79 0.18
C ALA A 24 -10.56 2.25 -1.21
N ARG A 25 -9.58 2.48 -2.07
CA ARG A 25 -9.82 2.92 -3.44
C ARG A 25 -8.56 2.82 -4.27
N SER A 26 -8.71 2.47 -5.53
CA SER A 26 -7.58 2.34 -6.44
C SER A 26 -7.92 2.90 -7.82
N VAL A 27 -6.90 3.13 -8.63
CA VAL A 27 -7.08 3.65 -9.97
C VAL A 27 -7.87 2.68 -10.85
N HIS A 28 -7.50 1.40 -10.78
CA HIS A 28 -8.18 0.37 -11.58
C HIS A 28 -9.08 -0.49 -10.68
N ARG A 29 -10.27 -0.78 -11.18
CA ARG A 29 -11.25 -1.57 -10.44
C ARG A 29 -10.73 -2.96 -10.07
N ASP A 30 -9.99 -3.56 -10.99
CA ASP A 30 -9.44 -4.90 -10.76
C ASP A 30 -8.62 -4.95 -9.48
N ILE A 31 -8.13 -3.79 -9.05
CA ILE A 31 -7.32 -3.70 -7.84
C ILE A 31 -8.04 -2.90 -6.75
N GLN A 32 -9.10 -2.19 -7.13
CA GLN A 32 -9.86 -1.39 -6.18
C GLN A 32 -10.73 -2.27 -5.29
N GLY A 33 -10.79 -1.91 -4.01
CA GLY A 33 -11.60 -2.66 -3.06
C GLY A 33 -10.97 -3.98 -2.65
N ILE A 34 -9.71 -4.19 -3.01
CA ILE A 34 -9.02 -5.41 -2.66
C ILE A 34 -8.04 -5.19 -1.51
N SER A 35 -8.17 -6.01 -0.47
CA SER A 35 -7.30 -5.92 0.68
C SER A 35 -6.13 -6.88 0.54
N GLY A 36 -4.99 -6.56 1.15
CA GLY A 36 -3.83 -7.42 1.03
C GLY A 36 -2.75 -7.08 2.02
N ARG A 37 -1.56 -7.61 1.78
CA ARG A 37 -0.41 -7.39 2.65
C ARG A 37 0.63 -6.50 1.96
N VAL A 38 1.64 -6.10 2.72
CA VAL A 38 2.66 -5.15 2.25
C VAL A 38 4.00 -5.76 1.84
N VAL A 39 4.74 -5.06 0.96
CA VAL A 39 6.09 -5.46 0.54
C VAL A 39 7.00 -4.25 0.55
N ASP A 40 6.55 -3.21 -0.13
CA ASP A 40 7.31 -1.96 -0.23
C ASP A 40 6.41 -0.80 -0.65
N GLU A 41 6.88 0.41 -0.40
CA GLU A 41 6.14 1.62 -0.77
C GLU A 41 6.95 2.44 -1.77
N THR A 42 6.55 2.43 -3.03
CA THR A 42 7.27 3.16 -4.06
C THR A 42 6.55 4.45 -4.42
N ARG A 43 7.31 5.46 -4.81
CA ARG A 43 6.76 6.75 -5.19
C ARG A 43 5.67 6.61 -6.25
N ASN A 44 5.70 5.50 -6.99
CA ASN A 44 4.70 5.28 -8.04
C ASN A 44 4.17 3.85 -8.05
N THR A 45 4.44 3.08 -6.99
CA THR A 45 3.96 1.71 -6.92
C THR A 45 3.89 1.20 -5.50
N LEU A 46 3.03 0.20 -5.29
CA LEU A 46 2.84 -0.40 -3.97
C LEU A 46 2.88 -1.91 -4.09
N ARG A 47 3.93 -2.52 -3.55
CA ARG A 47 4.08 -3.96 -3.62
C ARG A 47 3.44 -4.62 -2.38
N ILE A 48 2.52 -5.55 -2.63
CA ILE A 48 1.77 -6.24 -1.57
C ILE A 48 2.32 -7.64 -1.25
N GLU A 49 2.79 -7.83 -0.02
CA GLU A 49 3.30 -9.14 0.40
C GLU A 49 2.63 -9.57 1.68
N MET A 50 2.26 -10.85 1.69
CA MET A 50 1.60 -11.49 2.82
C MET A 50 2.60 -12.34 3.61
N ASP A 51 2.58 -12.18 4.93
CA ASP A 51 3.49 -12.92 5.82
C ASP A 51 3.55 -14.40 5.45
N ASP A 52 2.48 -14.90 4.86
CA ASP A 52 2.42 -16.30 4.45
C ASP A 52 3.47 -16.62 3.39
N GLY A 53 4.09 -15.58 2.83
CA GLY A 53 5.10 -15.77 1.81
C GLY A 53 4.57 -15.53 0.41
N ARG A 54 3.50 -14.74 0.33
CA ARG A 54 2.89 -14.41 -0.95
C ARG A 54 3.25 -12.98 -1.36
N GLU A 55 3.14 -12.68 -2.66
CA GLU A 55 3.47 -11.36 -3.15
C GLU A 55 2.64 -10.97 -4.37
N ILE A 56 2.28 -9.69 -4.44
CA ILE A 56 1.48 -9.17 -5.55
C ILE A 56 1.66 -7.65 -5.65
N THR A 57 1.79 -7.14 -6.88
CA THR A 57 1.99 -5.70 -7.08
C THR A 57 0.66 -4.97 -7.28
N VAL A 58 0.62 -3.71 -6.83
CA VAL A 58 -0.58 -2.88 -6.96
C VAL A 58 -0.21 -1.39 -7.01
N PRO A 59 -0.59 -0.68 -8.08
CA PRO A 59 -0.29 0.75 -8.24
C PRO A 59 -0.97 1.63 -7.19
N LYS A 60 -0.17 2.35 -6.40
CA LYS A 60 -0.72 3.24 -5.37
C LYS A 60 -0.74 4.70 -5.81
N GLY A 61 -0.23 4.99 -7.00
CA GLY A 61 -0.20 6.36 -7.48
C GLY A 61 -1.55 7.06 -7.33
N ILE A 62 -2.61 6.28 -7.30
CA ILE A 62 -3.95 6.80 -7.12
C ILE A 62 -4.78 5.80 -6.34
N ALA A 63 -4.33 5.48 -5.13
CA ALA A 63 -5.04 4.50 -4.31
C ALA A 63 -4.92 4.75 -2.81
N VAL A 64 -6.05 5.07 -2.17
CA VAL A 64 -6.08 5.29 -0.73
C VAL A 64 -6.17 3.95 0.00
N PHE A 65 -5.32 3.75 0.99
CA PHE A 65 -5.34 2.50 1.74
C PHE A 65 -4.81 2.67 3.16
N HIS A 66 -5.31 1.83 4.06
CA HIS A 66 -4.91 1.88 5.46
C HIS A 66 -4.16 0.61 5.84
N PHE A 67 -3.09 0.75 6.63
CA PHE A 67 -2.32 -0.41 7.05
C PHE A 67 -2.73 -0.85 8.45
N ARG A 68 -3.21 -2.08 8.55
CA ARG A 68 -3.65 -2.63 9.83
C ARG A 68 -2.56 -3.52 10.43
N THR A 69 -2.14 -3.20 11.65
CA THR A 69 -1.11 -3.99 12.32
C THR A 69 -1.73 -4.96 13.32
N PRO A 70 -1.38 -6.25 13.23
CA PRO A 70 -1.91 -7.28 14.13
C PRO A 70 -1.86 -6.86 15.59
N GLN A 71 -0.86 -6.05 15.94
CA GLN A 71 -0.71 -5.57 17.30
C GLN A 71 -1.92 -4.73 17.73
N GLY A 72 -2.71 -4.30 16.74
CA GLY A 72 -3.89 -3.50 17.04
C GLY A 72 -3.67 -2.03 16.74
N GLU A 73 -3.05 -1.73 15.60
CA GLU A 73 -2.80 -0.35 15.20
C GLU A 73 -3.51 -0.02 13.90
N LEU A 74 -3.81 1.26 13.71
CA LEU A 74 -4.50 1.72 12.51
C LEU A 74 -3.70 2.82 11.82
N VAL A 75 -3.14 2.49 10.65
CA VAL A 75 -2.35 3.45 9.89
C VAL A 75 -3.08 3.85 8.61
N GLU A 76 -2.72 5.01 8.07
CA GLU A 76 -3.35 5.50 6.84
C GLU A 76 -2.32 6.00 5.83
N ILE A 77 -2.62 5.80 4.55
CA ILE A 77 -1.74 6.22 3.47
C ILE A 77 -2.55 6.59 2.24
N ASP A 78 -2.45 7.84 1.82
CA ASP A 78 -3.21 8.32 0.67
C ASP A 78 -2.46 8.11 -0.64
N GLY A 79 -2.81 7.04 -1.34
CA GLY A 79 -2.21 6.74 -2.63
C GLY A 79 -2.60 7.75 -3.69
N ARG A 80 -3.59 8.58 -3.39
CA ARG A 80 -4.08 9.57 -4.34
C ARG A 80 -3.15 10.77 -4.45
N ALA A 81 -3.08 11.53 -3.37
CA ALA A 81 -2.26 12.74 -3.34
C ALA A 81 -0.91 12.54 -2.66
N LEU A 82 -0.94 12.06 -1.43
CA LEU A 82 0.29 11.83 -0.66
C LEU A 82 1.33 11.07 -1.46
N VAL A 83 0.89 10.32 -2.46
CA VAL A 83 1.80 9.55 -3.29
C VAL A 83 2.83 10.45 -3.95
N ALA A 84 4.04 10.47 -3.40
CA ALA A 84 5.12 11.28 -3.94
C ALA A 84 5.39 10.95 -5.41
N ARG A 85 5.92 11.91 -6.15
CA ARG A 85 6.21 11.71 -7.57
C ARG A 85 7.71 11.82 -7.83
N PRO A 86 8.24 11.23 -8.93
CA PRO A 86 9.67 11.32 -9.27
C PRO A 86 10.26 12.64 -8.75
N GLU A 87 9.40 13.64 -8.84
CA GLU A 87 9.64 14.98 -8.32
C GLU A 87 9.64 14.93 -6.78
N GLU A 88 9.95 13.75 -6.25
CA GLU A 88 9.88 13.47 -4.81
C GLU A 88 10.37 14.63 -3.96
N ARG A 89 11.09 15.57 -4.55
CA ARG A 89 11.44 16.76 -3.81
C ARG A 89 10.15 17.57 -3.74
N ILE A 90 9.17 17.02 -3.01
CA ILE A 90 7.84 17.60 -2.91
C ILE A 90 7.89 19.04 -2.41
N ARG A 13 15.45 -1.66 10.74
CA ARG A 13 15.14 -0.62 9.78
C ARG A 13 13.97 -1.02 8.90
N HIS A 14 13.02 -0.10 8.72
CA HIS A 14 11.84 -0.35 7.91
C HIS A 14 10.99 -1.47 8.50
N GLU A 15 10.09 -1.10 9.41
CA GLU A 15 9.21 -2.08 10.05
C GLU A 15 7.80 -1.99 9.50
N LEU A 16 7.70 -1.64 8.22
CA LEU A 16 6.40 -1.53 7.56
C LEU A 16 5.89 -2.88 7.08
N ILE A 17 6.81 -3.83 6.91
CA ILE A 17 6.45 -5.16 6.45
C ILE A 17 5.95 -6.03 7.60
N GLY A 18 5.19 -7.06 7.27
CA GLY A 18 4.67 -7.96 8.29
C GLY A 18 3.22 -7.67 8.64
N LEU A 19 2.69 -6.57 8.13
CA LEU A 19 1.31 -6.19 8.40
C LEU A 19 0.44 -6.34 7.15
N SER A 20 -0.87 -6.30 7.34
CA SER A 20 -1.82 -6.42 6.24
C SER A 20 -2.18 -5.06 5.68
N VAL A 21 -2.66 -5.03 4.43
CA VAL A 21 -3.02 -3.79 3.78
C VAL A 21 -4.41 -3.88 3.14
N ARG A 22 -5.19 -2.81 3.27
CA ARG A 22 -6.53 -2.76 2.70
C ARG A 22 -6.76 -1.45 1.95
N ILE A 23 -7.06 -1.54 0.66
CA ILE A 23 -7.28 -0.35 -0.15
C ILE A 23 -8.76 0.02 -0.18
N ALA A 24 -9.04 1.32 -0.05
CA ALA A 24 -10.41 1.81 -0.06
C ALA A 24 -10.78 2.34 -1.45
N ARG A 25 -9.80 2.94 -2.11
CA ARG A 25 -10.00 3.48 -3.44
C ARG A 25 -8.72 3.39 -4.24
N SER A 26 -8.86 3.17 -5.54
CA SER A 26 -7.71 3.05 -6.42
C SER A 26 -7.96 3.75 -7.77
N VAL A 27 -6.88 3.98 -8.51
CA VAL A 27 -6.99 4.63 -9.81
C VAL A 27 -7.51 3.66 -10.86
N HIS A 28 -7.23 2.37 -10.67
CA HIS A 28 -7.66 1.33 -11.59
C HIS A 28 -8.73 0.45 -10.94
N ARG A 29 -9.76 0.12 -11.70
CA ARG A 29 -10.86 -0.71 -11.21
C ARG A 29 -10.43 -2.14 -10.92
N ASP A 30 -9.37 -2.60 -11.58
CA ASP A 30 -8.89 -3.96 -11.40
C ASP A 30 -8.09 -4.11 -10.10
N ILE A 31 -7.93 -3.02 -9.35
CA ILE A 31 -7.19 -3.06 -8.10
C ILE A 31 -7.95 -2.39 -6.96
N GLN A 32 -8.94 -1.55 -7.30
CA GLN A 32 -9.73 -0.86 -6.29
C GLN A 32 -10.47 -1.85 -5.40
N GLY A 33 -10.58 -1.50 -4.11
CA GLY A 33 -11.27 -2.36 -3.17
C GLY A 33 -10.60 -3.71 -3.02
N ILE A 34 -9.34 -3.81 -3.43
CA ILE A 34 -8.60 -5.05 -3.33
C ILE A 34 -7.66 -5.04 -2.12
N SER A 35 -8.00 -5.84 -1.11
CA SER A 35 -7.18 -5.93 0.10
C SER A 35 -6.18 -7.07 -0.01
N GLY A 36 -5.20 -7.10 0.88
CA GLY A 36 -4.20 -8.14 0.85
C GLY A 36 -3.05 -7.88 1.80
N ARG A 37 -1.94 -8.57 1.57
CA ARG A 37 -0.75 -8.43 2.41
C ARG A 37 0.28 -7.48 1.76
N VAL A 38 1.30 -7.13 2.52
CA VAL A 38 2.31 -6.13 2.10
C VAL A 38 3.64 -6.71 1.63
N VAL A 39 4.35 -5.94 0.77
CA VAL A 39 5.69 -6.32 0.31
C VAL A 39 6.62 -5.12 0.50
N ASP A 40 6.18 -3.97 0.00
CA ASP A 40 6.95 -2.74 0.08
C ASP A 40 6.06 -1.51 -0.12
N GLU A 41 6.61 -0.33 0.19
CA GLU A 41 5.88 0.93 0.01
C GLU A 41 6.73 1.92 -0.78
N THR A 42 6.16 2.48 -1.86
CA THR A 42 6.90 3.43 -2.69
C THR A 42 6.16 4.76 -2.81
N ARG A 43 6.94 5.83 -3.07
CA ARG A 43 6.41 7.18 -3.21
C ARG A 43 5.09 7.23 -3.98
N ASN A 44 4.94 6.37 -4.98
CA ASN A 44 3.72 6.36 -5.78
C ASN A 44 3.34 4.95 -6.24
N THR A 45 3.77 3.96 -5.48
CA THR A 45 3.46 2.58 -5.82
C THR A 45 3.49 1.68 -4.58
N LEU A 46 2.63 0.68 -4.59
CA LEU A 46 2.55 -0.26 -3.46
C LEU A 46 2.90 -1.67 -3.89
N ARG A 47 3.31 -2.45 -2.91
CA ARG A 47 3.66 -3.84 -3.12
C ARG A 47 2.92 -4.69 -2.09
N ILE A 48 2.08 -5.59 -2.57
CA ILE A 48 1.28 -6.46 -1.70
C ILE A 48 1.83 -7.89 -1.64
N GLU A 49 2.50 -8.21 -0.52
CA GLU A 49 3.06 -9.53 -0.33
C GLU A 49 2.38 -10.20 0.84
N MET A 50 2.10 -11.49 0.63
CA MET A 50 1.43 -12.35 1.60
C MET A 50 2.43 -13.32 2.21
N ASP A 51 2.36 -13.49 3.53
CA ASP A 51 3.26 -14.39 4.25
C ASP A 51 3.35 -15.76 3.57
N ASP A 52 2.31 -16.12 2.84
CA ASP A 52 2.28 -17.39 2.13
C ASP A 52 3.35 -17.44 1.04
N GLY A 53 3.95 -16.29 0.76
CA GLY A 53 4.98 -16.23 -0.27
C GLY A 53 4.47 -15.66 -1.57
N ARG A 54 3.40 -14.88 -1.49
CA ARG A 54 2.80 -14.27 -2.67
C ARG A 54 3.15 -12.79 -2.73
N GLU A 55 3.07 -12.21 -3.93
CA GLU A 55 3.39 -10.80 -4.10
C GLU A 55 2.62 -10.20 -5.28
N ILE A 56 2.13 -8.97 -5.09
CA ILE A 56 1.39 -8.27 -6.14
C ILE A 56 1.44 -6.76 -5.94
N THR A 57 1.99 -6.04 -6.92
CA THR A 57 2.10 -4.58 -6.85
C THR A 57 0.78 -3.88 -7.18
N VAL A 58 0.61 -2.67 -6.64
CA VAL A 58 -0.59 -1.89 -6.88
C VAL A 58 -0.29 -0.38 -6.82
N PRO A 59 -0.59 0.36 -7.91
CA PRO A 59 -0.33 1.81 -7.98
C PRO A 59 -1.08 2.60 -6.90
N LYS A 60 -0.33 3.22 -5.99
CA LYS A 60 -0.92 4.01 -4.91
C LYS A 60 -0.87 5.50 -5.20
N GLY A 61 -0.30 5.89 -6.34
CA GLY A 61 -0.20 7.31 -6.68
C GLY A 61 -1.51 8.06 -6.48
N ILE A 62 -2.62 7.32 -6.52
CA ILE A 62 -3.94 7.90 -6.33
C ILE A 62 -4.86 6.86 -5.73
N ALA A 63 -4.50 6.36 -4.54
CA ALA A 63 -5.32 5.33 -3.89
C ALA A 63 -5.31 5.41 -2.36
N VAL A 64 -6.45 5.74 -1.78
CA VAL A 64 -6.58 5.79 -0.32
C VAL A 64 -6.65 4.38 0.23
N PHE A 65 -5.92 4.11 1.32
CA PHE A 65 -5.92 2.78 1.90
C PHE A 65 -5.57 2.82 3.38
N HIS A 66 -5.92 1.75 4.09
CA HIS A 66 -5.67 1.66 5.52
C HIS A 66 -4.86 0.40 5.86
N PHE A 67 -3.74 0.62 6.56
CA PHE A 67 -2.88 -0.48 6.98
C PHE A 67 -3.22 -0.93 8.38
N ARG A 68 -3.05 -2.23 8.63
CA ARG A 68 -3.34 -2.80 9.94
C ARG A 68 -2.24 -3.75 10.38
N THR A 69 -1.67 -3.50 11.56
CA THR A 69 -0.60 -4.35 12.08
C THR A 69 -1.16 -5.34 13.11
N PRO A 70 -0.87 -6.64 12.93
CA PRO A 70 -1.34 -7.69 13.83
C PRO A 70 -1.00 -7.40 15.30
N GLN A 71 0.04 -6.60 15.51
CA GLN A 71 0.46 -6.24 16.86
C GLN A 71 -0.59 -5.39 17.55
N GLY A 72 -1.57 -4.90 16.79
CA GLY A 72 -2.62 -4.08 17.34
C GLY A 72 -2.43 -2.61 17.04
N GLU A 73 -1.91 -2.32 15.85
CA GLU A 73 -1.67 -0.93 15.44
C GLU A 73 -2.35 -0.63 14.11
N LEU A 74 -2.70 0.63 13.91
CA LEU A 74 -3.37 1.06 12.68
C LEU A 74 -2.57 2.16 12.00
N VAL A 75 -2.58 2.15 10.67
CA VAL A 75 -1.85 3.15 9.89
C VAL A 75 -2.60 3.55 8.62
N GLU A 76 -3.20 4.73 8.63
CA GLU A 76 -3.94 5.23 7.46
C GLU A 76 -3.02 6.02 6.53
N ILE A 77 -3.26 5.92 5.22
CA ILE A 77 -2.44 6.64 4.25
C ILE A 77 -3.27 6.99 3.02
N ASP A 78 -3.13 8.24 2.56
CA ASP A 78 -3.89 8.70 1.40
C ASP A 78 -3.08 8.56 0.11
N GLY A 79 -3.37 7.50 -0.64
CA GLY A 79 -2.69 7.26 -1.90
C GLY A 79 -2.83 8.42 -2.86
N ARG A 80 -3.73 9.35 -2.58
CA ARG A 80 -3.94 10.51 -3.43
C ARG A 80 -3.07 11.66 -2.96
N ALA A 81 -2.88 11.75 -1.66
CA ALA A 81 -2.07 12.79 -1.06
C ALA A 81 -0.63 12.32 -0.85
N LEU A 82 -0.34 11.08 -1.24
CA LEU A 82 1.00 10.51 -1.10
C LEU A 82 1.66 10.36 -2.47
N VAL A 83 1.43 11.34 -3.33
CA VAL A 83 2.00 11.34 -4.68
C VAL A 83 3.49 11.04 -4.65
N ALA A 84 4.05 10.67 -5.79
CA ALA A 84 5.48 10.33 -5.89
C ALA A 84 6.34 11.38 -5.22
N ARG A 85 7.60 11.02 -4.93
CA ARG A 85 8.53 11.92 -4.28
C ARG A 85 8.73 13.20 -5.08
N PRO A 86 8.31 14.36 -4.54
CA PRO A 86 8.46 15.64 -5.23
C PRO A 86 9.84 16.25 -5.07
N GLU A 87 10.62 15.72 -4.12
CA GLU A 87 11.97 16.23 -3.88
C GLU A 87 13.03 15.22 -4.31
N GLU A 88 12.67 13.95 -4.34
CA GLU A 88 13.61 12.90 -4.72
C GLU A 88 13.52 12.58 -6.21
N ARG A 89 12.81 13.42 -6.96
CA ARG A 89 12.64 13.23 -8.40
C ARG A 89 11.86 11.95 -8.69
N ILE A 90 11.29 11.87 -9.89
CA ILE A 90 10.50 10.71 -10.28
C ILE A 90 11.32 9.76 -11.15
N ARG A 13 16.18 4.06 6.97
CA ARG A 13 14.85 4.58 6.73
C ARG A 13 13.79 3.68 7.36
N HIS A 14 12.58 4.22 7.53
CA HIS A 14 11.47 3.46 8.12
C HIS A 14 11.30 2.11 7.41
N GLU A 15 10.60 1.20 8.07
CA GLU A 15 10.36 -0.13 7.50
C GLU A 15 8.86 -0.33 7.22
N LEU A 16 8.06 -0.36 8.28
CA LEU A 16 6.62 -0.54 8.15
C LEU A 16 6.29 -1.80 7.35
N ILE A 17 7.23 -2.75 7.32
CA ILE A 17 7.06 -4.00 6.59
C ILE A 17 6.45 -5.08 7.50
N GLY A 18 5.88 -6.11 6.87
CA GLY A 18 5.27 -7.20 7.62
C GLY A 18 3.89 -6.86 8.14
N LEU A 19 3.30 -5.80 7.59
CA LEU A 19 1.97 -5.37 8.02
C LEU A 19 0.93 -5.63 6.93
N SER A 20 -0.32 -5.80 7.34
CA SER A 20 -1.40 -6.00 6.38
C SER A 20 -1.76 -4.66 5.75
N VAL A 21 -2.30 -4.68 4.54
CA VAL A 21 -2.64 -3.44 3.85
C VAL A 21 -3.88 -3.59 2.98
N ARG A 22 -4.76 -2.60 3.06
CA ARG A 22 -5.98 -2.59 2.27
C ARG A 22 -6.25 -1.20 1.71
N ILE A 23 -6.73 -1.16 0.47
CA ILE A 23 -7.01 0.11 -0.19
C ILE A 23 -8.51 0.41 -0.20
N ALA A 24 -8.86 1.67 0.04
CA ALA A 24 -10.27 2.09 0.05
C ALA A 24 -10.67 2.67 -1.30
N ARG A 25 -9.72 3.31 -1.95
CA ARG A 25 -9.95 3.92 -3.25
C ARG A 25 -8.65 4.01 -4.04
N SER A 26 -8.69 3.59 -5.30
CA SER A 26 -7.51 3.61 -6.15
C SER A 26 -7.85 4.07 -7.57
N VAL A 27 -6.81 4.44 -8.32
CA VAL A 27 -6.99 4.89 -9.70
C VAL A 27 -7.79 3.90 -10.52
N HIS A 28 -7.44 2.62 -10.42
CA HIS A 28 -8.13 1.57 -11.16
C HIS A 28 -9.18 0.89 -10.29
N ARG A 29 -10.37 0.68 -10.84
CA ARG A 29 -11.46 0.04 -10.13
C ARG A 29 -11.17 -1.43 -9.85
N ASP A 30 -10.24 -2.00 -10.61
CA ASP A 30 -9.88 -3.40 -10.45
C ASP A 30 -8.90 -3.62 -9.30
N ILE A 31 -8.54 -2.54 -8.60
CA ILE A 31 -7.61 -2.64 -7.48
C ILE A 31 -8.08 -1.84 -6.27
N GLN A 32 -9.23 -1.18 -6.37
CA GLN A 32 -9.75 -0.39 -5.27
C GLN A 32 -10.59 -1.24 -4.32
N GLY A 33 -10.63 -0.83 -3.05
CA GLY A 33 -11.41 -1.57 -2.07
C GLY A 33 -10.92 -2.98 -1.87
N ILE A 34 -9.69 -3.26 -2.30
CA ILE A 34 -9.11 -4.59 -2.16
C ILE A 34 -8.12 -4.65 -1.01
N SER A 35 -8.39 -5.51 -0.04
CA SER A 35 -7.52 -5.68 1.11
C SER A 35 -6.52 -6.81 0.86
N GLY A 36 -5.33 -6.71 1.46
CA GLY A 36 -4.34 -7.74 1.26
C GLY A 36 -3.14 -7.61 2.16
N ARG A 37 -2.05 -8.27 1.78
CA ARG A 37 -0.81 -8.27 2.54
C ARG A 37 0.25 -7.39 1.89
N VAL A 38 1.35 -7.22 2.61
CA VAL A 38 2.44 -6.34 2.16
C VAL A 38 3.66 -7.06 1.57
N VAL A 39 4.39 -6.38 0.69
CA VAL A 39 5.64 -6.93 0.13
C VAL A 39 6.70 -5.84 0.13
N ASP A 40 6.32 -4.69 -0.44
CA ASP A 40 7.23 -3.55 -0.54
C ASP A 40 6.47 -2.25 -0.78
N GLU A 41 7.17 -1.13 -0.63
CA GLU A 41 6.58 0.20 -0.85
C GLU A 41 7.44 0.98 -1.85
N THR A 42 6.82 1.45 -2.94
CA THR A 42 7.55 2.19 -3.96
C THR A 42 7.05 3.63 -4.07
N ARG A 43 7.92 4.50 -4.59
CA ARG A 43 7.63 5.92 -4.76
C ARG A 43 6.20 6.15 -5.25
N ASN A 44 5.79 5.41 -6.27
CA ASN A 44 4.45 5.54 -6.82
C ASN A 44 3.79 4.20 -7.07
N THR A 45 4.18 3.20 -6.29
CA THR A 45 3.61 1.86 -6.44
C THR A 45 3.71 1.07 -5.15
N LEU A 46 2.81 0.12 -4.99
CA LEU A 46 2.80 -0.72 -3.80
C LEU A 46 2.98 -2.19 -4.15
N ARG A 47 3.33 -2.97 -3.14
CA ARG A 47 3.53 -4.39 -3.30
C ARG A 47 2.83 -5.13 -2.16
N ILE A 48 1.86 -5.98 -2.53
CA ILE A 48 1.06 -6.73 -1.56
C ILE A 48 1.43 -8.22 -1.49
N GLU A 49 2.12 -8.61 -0.42
CA GLU A 49 2.48 -10.00 -0.23
C GLU A 49 2.01 -10.50 1.12
N MET A 50 1.50 -11.73 1.10
CA MET A 50 0.99 -12.39 2.29
C MET A 50 1.82 -13.63 2.61
N ASP A 51 2.05 -13.86 3.91
CA ASP A 51 2.85 -14.99 4.40
C ASP A 51 2.56 -16.27 3.64
N ASP A 52 1.34 -16.40 3.13
CA ASP A 52 0.97 -17.59 2.38
C ASP A 52 1.88 -17.76 1.17
N GLY A 53 2.63 -16.72 0.83
CA GLY A 53 3.52 -16.76 -0.29
C GLY A 53 2.91 -16.13 -1.53
N ARG A 54 1.86 -15.34 -1.32
CA ARG A 54 1.17 -14.68 -2.43
C ARG A 54 1.51 -13.20 -2.48
N GLU A 55 2.07 -12.76 -3.60
CA GLU A 55 2.44 -11.37 -3.77
C GLU A 55 1.71 -10.74 -4.95
N ILE A 56 1.41 -9.44 -4.85
CA ILE A 56 0.71 -8.73 -5.93
C ILE A 56 0.92 -7.21 -5.81
N THR A 57 1.46 -6.61 -6.87
CA THR A 57 1.71 -5.16 -6.89
C THR A 57 0.44 -4.37 -7.10
N VAL A 58 0.44 -3.12 -6.62
CA VAL A 58 -0.73 -2.24 -6.76
C VAL A 58 -0.31 -0.77 -6.81
N PRO A 59 -0.66 -0.05 -7.90
CA PRO A 59 -0.32 1.38 -8.09
C PRO A 59 -0.92 2.28 -7.02
N LYS A 60 -0.05 2.93 -6.23
CA LYS A 60 -0.49 3.85 -5.18
C LYS A 60 -0.39 5.30 -5.60
N GLY A 61 0.11 5.56 -6.81
CA GLY A 61 0.26 6.93 -7.27
C GLY A 61 -1.01 7.75 -7.07
N ILE A 62 -2.15 7.06 -7.03
CA ILE A 62 -3.43 7.70 -6.83
C ILE A 62 -4.37 6.73 -6.14
N ALA A 63 -4.00 6.31 -4.93
CA ALA A 63 -4.82 5.35 -4.20
C ALA A 63 -4.72 5.48 -2.68
N VAL A 64 -5.86 5.73 -2.03
CA VAL A 64 -5.90 5.83 -0.57
C VAL A 64 -5.93 4.44 0.03
N PHE A 65 -5.21 4.25 1.14
CA PHE A 65 -5.18 2.94 1.78
C PHE A 65 -4.81 3.04 3.25
N HIS A 66 -5.00 1.94 3.97
CA HIS A 66 -4.70 1.89 5.40
C HIS A 66 -3.98 0.59 5.75
N PHE A 67 -2.85 0.70 6.45
CA PHE A 67 -2.07 -0.47 6.86
C PHE A 67 -2.45 -0.91 8.27
N ARG A 68 -2.66 -2.22 8.44
CA ARG A 68 -3.00 -2.76 9.75
C ARG A 68 -1.85 -3.58 10.32
N THR A 69 -1.69 -3.53 11.64
CA THR A 69 -0.62 -4.27 12.30
C THR A 69 -1.20 -5.37 13.19
N PRO A 70 -0.68 -6.61 13.06
CA PRO A 70 -1.16 -7.75 13.85
C PRO A 70 -1.26 -7.44 15.34
N GLN A 71 -0.39 -6.56 15.83
CA GLN A 71 -0.40 -6.18 17.23
C GLN A 71 -1.64 -5.37 17.57
N GLY A 72 -2.36 -4.92 16.55
CA GLY A 72 -3.57 -4.14 16.77
C GLY A 72 -3.36 -2.66 16.52
N GLU A 73 -2.72 -2.33 15.40
CA GLU A 73 -2.47 -0.93 15.07
C GLU A 73 -3.11 -0.58 13.72
N LEU A 74 -3.48 0.68 13.56
CA LEU A 74 -4.11 1.14 12.32
C LEU A 74 -3.37 2.36 11.76
N VAL A 75 -2.88 2.23 10.53
CA VAL A 75 -2.16 3.31 9.87
C VAL A 75 -2.94 3.77 8.64
N GLU A 76 -2.83 5.06 8.32
CA GLU A 76 -3.55 5.61 7.17
C GLU A 76 -2.62 6.46 6.31
N ILE A 77 -2.82 6.36 4.99
CA ILE A 77 -2.03 7.13 4.04
C ILE A 77 -2.86 7.44 2.80
N ASP A 78 -2.55 8.54 2.14
CA ASP A 78 -3.29 8.95 0.95
C ASP A 78 -2.46 8.79 -0.32
N GLY A 79 -2.69 7.70 -1.03
CA GLY A 79 -1.99 7.42 -2.27
C GLY A 79 -2.32 8.44 -3.35
N ARG A 80 -3.36 9.25 -3.13
CA ARG A 80 -3.76 10.24 -4.12
C ARG A 80 -3.13 11.58 -3.86
N ALA A 81 -3.09 11.99 -2.60
CA ALA A 81 -2.54 13.28 -2.22
C ALA A 81 -1.12 13.15 -1.64
N LEU A 82 -0.66 11.92 -1.42
CA LEU A 82 0.67 11.71 -0.87
C LEU A 82 1.55 10.91 -1.83
N VAL A 83 1.44 11.20 -3.12
CA VAL A 83 2.23 10.50 -4.12
C VAL A 83 3.73 10.67 -3.85
N ALA A 84 4.34 9.65 -3.26
CA ALA A 84 5.75 9.69 -2.94
C ALA A 84 6.61 9.92 -4.18
N ARG A 85 7.43 10.94 -4.15
CA ARG A 85 8.31 11.26 -5.28
C ARG A 85 9.70 10.67 -5.10
N PRO A 86 10.40 10.44 -6.23
CA PRO A 86 11.75 9.86 -6.21
C PRO A 86 12.84 10.93 -6.13
N GLU A 87 14.03 10.61 -6.61
CA GLU A 87 15.15 11.54 -6.60
C GLU A 87 14.79 12.86 -7.29
N GLU A 88 13.73 12.84 -8.09
CA GLU A 88 13.27 14.01 -8.82
C GLU A 88 12.49 14.97 -7.90
N ARG A 89 12.54 14.71 -6.59
CA ARG A 89 11.83 15.53 -5.61
C ARG A 89 10.38 15.76 -6.00
N ILE A 90 9.66 16.54 -5.21
CA ILE A 90 8.26 16.82 -5.47
C ILE A 90 8.10 17.82 -6.60
N ARG A 13 14.21 0.75 10.69
CA ARG A 13 14.01 2.17 10.37
C ARG A 13 12.53 2.52 10.41
N HIS A 14 11.75 1.87 9.54
CA HIS A 14 10.32 2.12 9.48
C HIS A 14 9.52 0.90 9.94
N GLU A 15 10.08 -0.28 9.75
CA GLU A 15 9.43 -1.53 10.16
C GLU A 15 7.94 -1.52 9.82
N LEU A 16 7.58 -0.82 8.75
CA LEU A 16 6.19 -0.74 8.31
C LEU A 16 5.77 -2.02 7.60
N ILE A 17 6.73 -2.68 6.97
CA ILE A 17 6.46 -3.92 6.24
C ILE A 17 5.82 -4.96 7.17
N GLY A 18 5.06 -5.88 6.57
CA GLY A 18 4.41 -6.93 7.35
C GLY A 18 3.01 -6.54 7.79
N LEU A 19 2.71 -5.25 7.80
CA LEU A 19 1.39 -4.77 8.21
C LEU A 19 0.33 -5.06 7.16
N SER A 20 -0.93 -4.95 7.55
CA SER A 20 -2.05 -5.20 6.63
C SER A 20 -2.48 -3.90 5.96
N VAL A 21 -3.10 -4.01 4.79
CA VAL A 21 -3.54 -2.81 4.06
C VAL A 21 -4.83 -3.05 3.27
N ARG A 22 -5.77 -2.13 3.40
CA ARG A 22 -7.04 -2.21 2.68
C ARG A 22 -7.13 -1.11 1.62
N ILE A 23 -7.47 -1.50 0.40
CA ILE A 23 -7.60 -0.55 -0.70
C ILE A 23 -9.02 0.00 -0.80
N ALA A 24 -9.16 1.31 -0.60
CA ALA A 24 -10.47 1.95 -0.66
C ALA A 24 -10.78 2.40 -2.08
N ARG A 25 -9.75 2.86 -2.78
CA ARG A 25 -9.89 3.32 -4.16
C ARG A 25 -8.55 3.22 -4.89
N SER A 26 -8.58 2.78 -6.13
CA SER A 26 -7.37 2.65 -6.93
C SER A 26 -7.60 3.11 -8.37
N VAL A 27 -6.51 3.34 -9.08
CA VAL A 27 -6.58 3.79 -10.47
C VAL A 27 -7.33 2.78 -11.33
N HIS A 28 -7.03 1.50 -11.13
CA HIS A 28 -7.67 0.44 -11.90
C HIS A 28 -8.75 -0.25 -11.07
N ARG A 29 -9.92 -0.46 -11.67
CA ARG A 29 -11.03 -1.10 -10.99
C ARG A 29 -10.76 -2.59 -10.75
N ASP A 30 -9.88 -3.16 -11.57
CA ASP A 30 -9.53 -4.58 -11.45
C ASP A 30 -8.82 -4.85 -10.13
N ILE A 31 -8.21 -3.81 -9.56
CA ILE A 31 -7.49 -3.93 -8.32
C ILE A 31 -8.19 -3.17 -7.19
N GLN A 32 -9.03 -2.21 -7.57
CA GLN A 32 -9.76 -1.41 -6.59
C GLN A 32 -10.61 -2.28 -5.67
N GLY A 33 -10.87 -1.76 -4.47
CA GLY A 33 -11.67 -2.48 -3.50
C GLY A 33 -11.05 -3.79 -3.06
N ILE A 34 -9.76 -3.98 -3.34
CA ILE A 34 -9.08 -5.21 -2.97
C ILE A 34 -8.18 -4.98 -1.76
N SER A 35 -8.34 -5.84 -0.75
CA SER A 35 -7.53 -5.74 0.46
C SER A 35 -6.34 -6.71 0.38
N GLY A 36 -5.32 -6.46 1.19
CA GLY A 36 -4.16 -7.33 1.18
C GLY A 36 -3.17 -7.00 2.28
N ARG A 37 -1.94 -7.48 2.12
CA ARG A 37 -0.89 -7.24 3.09
C ARG A 37 0.29 -6.51 2.45
N VAL A 38 1.23 -6.06 3.26
CA VAL A 38 2.36 -5.25 2.76
C VAL A 38 3.68 -6.00 2.63
N VAL A 39 4.55 -5.53 1.72
CA VAL A 39 5.87 -6.11 1.56
C VAL A 39 6.91 -5.00 1.37
N ASP A 40 6.62 -4.08 0.45
CA ASP A 40 7.51 -2.97 0.16
C ASP A 40 6.76 -1.82 -0.51
N GLU A 41 7.38 -0.65 -0.57
CA GLU A 41 6.76 0.52 -1.20
C GLU A 41 7.68 1.09 -2.27
N THR A 42 7.10 1.41 -3.43
CA THR A 42 7.88 1.95 -4.54
C THR A 42 7.36 3.33 -4.94
N ARG A 43 8.26 4.18 -5.41
CA ARG A 43 7.90 5.54 -5.82
C ARG A 43 6.76 5.54 -6.85
N ASN A 44 6.58 4.42 -7.54
CA ASN A 44 5.53 4.33 -8.54
C ASN A 44 4.73 3.03 -8.43
N THR A 45 4.93 2.28 -7.35
CA THR A 45 4.21 1.03 -7.17
C THR A 45 4.17 0.61 -5.71
N LEU A 46 3.24 -0.28 -5.39
CA LEU A 46 3.08 -0.77 -4.03
C LEU A 46 3.18 -2.30 -4.04
N ARG A 47 4.09 -2.82 -3.23
CA ARG A 47 4.29 -4.25 -3.15
C ARG A 47 3.56 -4.79 -1.92
N ILE A 48 2.74 -5.82 -2.12
CA ILE A 48 1.92 -6.42 -1.07
C ILE A 48 2.38 -7.80 -0.62
N GLU A 49 2.72 -7.94 0.66
CA GLU A 49 3.07 -9.25 1.20
C GLU A 49 2.32 -9.49 2.49
N MET A 50 1.89 -10.74 2.64
CA MET A 50 1.13 -11.18 3.80
C MET A 50 1.89 -12.28 4.56
N ASP A 51 1.92 -12.14 5.89
CA ASP A 51 2.60 -13.07 6.78
C ASP A 51 2.35 -14.53 6.39
N ASP A 52 1.24 -14.79 5.73
CA ASP A 52 0.93 -16.14 5.29
C ASP A 52 2.02 -16.67 4.37
N GLY A 53 2.85 -15.77 3.87
CA GLY A 53 3.94 -16.15 2.98
C GLY A 53 3.60 -15.87 1.54
N ARG A 54 2.60 -15.03 1.31
CA ARG A 54 2.18 -14.68 -0.04
C ARG A 54 2.64 -13.28 -0.41
N GLU A 55 2.65 -12.99 -1.70
CA GLU A 55 3.07 -11.67 -2.18
C GLU A 55 2.38 -11.32 -3.50
N ILE A 56 2.11 -10.03 -3.68
CA ILE A 56 1.46 -9.53 -4.88
C ILE A 56 1.73 -8.04 -5.08
N THR A 57 1.72 -7.57 -6.31
CA THR A 57 1.98 -6.16 -6.60
C THR A 57 0.71 -5.38 -6.92
N VAL A 58 0.70 -4.09 -6.55
CA VAL A 58 -0.45 -3.23 -6.81
C VAL A 58 -0.03 -1.76 -6.95
N PRO A 59 -0.41 -1.10 -8.06
CA PRO A 59 -0.05 0.31 -8.32
C PRO A 59 -0.68 1.27 -7.30
N LYS A 60 0.17 1.97 -6.55
CA LYS A 60 -0.29 2.94 -5.55
C LYS A 60 -0.20 4.37 -6.06
N GLY A 61 0.29 4.57 -7.28
CA GLY A 61 0.43 5.93 -7.82
C GLY A 61 -0.84 6.73 -7.64
N ILE A 62 -1.98 6.05 -7.56
CA ILE A 62 -3.26 6.70 -7.36
C ILE A 62 -4.20 5.74 -6.64
N ALA A 63 -3.83 5.35 -5.42
CA ALA A 63 -4.65 4.41 -4.67
C ALA A 63 -4.72 4.72 -3.17
N VAL A 64 -5.90 5.15 -2.71
CA VAL A 64 -6.09 5.44 -1.29
C VAL A 64 -6.28 4.14 -0.51
N PHE A 65 -5.48 3.96 0.54
CA PHE A 65 -5.57 2.76 1.34
C PHE A 65 -5.08 2.99 2.76
N HIS A 66 -5.64 2.24 3.70
CA HIS A 66 -5.28 2.34 5.11
C HIS A 66 -4.66 1.03 5.59
N PHE A 67 -3.58 1.13 6.37
CA PHE A 67 -2.91 -0.07 6.86
C PHE A 67 -3.14 -0.25 8.36
N ARG A 68 -3.38 -1.49 8.77
CA ARG A 68 -3.61 -1.80 10.17
C ARG A 68 -2.42 -2.53 10.77
N THR A 69 -2.11 -2.21 12.03
CA THR A 69 -1.00 -2.84 12.74
C THR A 69 -1.51 -3.81 13.79
N PRO A 70 -0.99 -5.05 13.80
CA PRO A 70 -1.41 -6.08 14.76
C PRO A 70 -1.52 -5.55 16.19
N GLN A 71 -0.67 -4.58 16.52
CA GLN A 71 -0.68 -3.98 17.85
C GLN A 71 -2.03 -3.33 18.15
N GLY A 72 -2.81 -3.08 17.11
CA GLY A 72 -4.11 -2.46 17.27
C GLY A 72 -4.10 -1.00 16.88
N GLU A 73 -3.49 -0.70 15.73
CA GLU A 73 -3.41 0.67 15.25
C GLU A 73 -3.95 0.79 13.83
N LEU A 74 -4.46 1.97 13.49
CA LEU A 74 -5.01 2.23 12.17
C LEU A 74 -4.36 3.46 11.54
N VAL A 75 -3.83 3.30 10.34
CA VAL A 75 -3.19 4.41 9.63
C VAL A 75 -3.78 4.59 8.24
N GLU A 76 -3.71 5.81 7.72
CA GLU A 76 -4.25 6.12 6.40
C GLU A 76 -3.15 6.61 5.46
N ILE A 77 -3.22 6.19 4.21
CA ILE A 77 -2.25 6.59 3.20
C ILE A 77 -2.96 6.89 1.88
N ASP A 78 -2.75 8.09 1.36
CA ASP A 78 -3.39 8.49 0.10
C ASP A 78 -2.51 8.15 -1.09
N GLY A 79 -2.84 7.04 -1.75
CA GLY A 79 -2.10 6.61 -2.92
C GLY A 79 -2.13 7.62 -4.04
N ARG A 80 -3.01 8.62 -3.93
CA ARG A 80 -3.14 9.61 -4.99
C ARG A 80 -2.29 10.85 -4.71
N ALA A 81 -2.39 11.37 -3.49
CA ALA A 81 -1.66 12.57 -3.11
C ALA A 81 -0.41 12.28 -2.27
N LEU A 82 -0.37 11.11 -1.63
CA LEU A 82 0.76 10.76 -0.77
C LEU A 82 1.97 10.31 -1.58
N VAL A 83 1.72 9.73 -2.75
CA VAL A 83 2.80 9.25 -3.60
C VAL A 83 3.80 10.36 -3.89
N ALA A 84 4.91 10.35 -3.16
CA ALA A 84 5.96 11.35 -3.34
C ALA A 84 7.21 10.73 -3.97
N ARG A 85 7.49 11.09 -5.22
CA ARG A 85 8.66 10.57 -5.91
C ARG A 85 9.64 11.68 -6.29
N PRO A 86 10.66 11.91 -5.44
CA PRO A 86 11.67 12.95 -5.70
C PRO A 86 12.68 12.50 -6.77
N GLU A 87 13.98 12.53 -6.45
CA GLU A 87 15.00 12.12 -7.42
C GLU A 87 15.67 10.81 -7.02
N GLU A 88 15.66 10.51 -5.73
CA GLU A 88 16.29 9.28 -5.23
C GLU A 88 15.32 8.10 -5.28
N ARG A 89 14.13 8.32 -4.73
CA ARG A 89 13.09 7.28 -4.70
C ARG A 89 11.80 7.84 -4.13
N ILE A 90 11.77 8.06 -2.82
CA ILE A 90 10.60 8.62 -2.16
C ILE A 90 10.96 9.93 -1.48
N ARG A 13 12.03 1.51 17.22
CA ARG A 13 10.77 1.84 16.55
C ARG A 13 10.14 0.61 15.91
N HIS A 14 8.82 0.60 15.83
CA HIS A 14 8.09 -0.53 15.24
C HIS A 14 8.42 -0.67 13.76
N GLU A 15 7.91 -1.73 13.15
CA GLU A 15 8.16 -2.00 11.74
C GLU A 15 6.86 -1.93 10.94
N LEU A 16 6.91 -1.26 9.79
CA LEU A 16 5.74 -1.12 8.94
C LEU A 16 5.50 -2.39 8.14
N ILE A 17 6.58 -3.07 7.77
CA ILE A 17 6.48 -4.30 7.01
C ILE A 17 5.82 -5.41 7.84
N GLY A 18 5.31 -6.43 7.16
CA GLY A 18 4.64 -7.52 7.86
C GLY A 18 3.23 -7.18 8.27
N LEU A 19 2.79 -5.96 7.95
CA LEU A 19 1.45 -5.50 8.29
C LEU A 19 0.49 -5.73 7.12
N SER A 20 -0.80 -5.62 7.40
CA SER A 20 -1.82 -5.79 6.38
C SER A 20 -2.17 -4.46 5.74
N VAL A 21 -2.71 -4.52 4.53
CA VAL A 21 -3.09 -3.31 3.81
C VAL A 21 -4.55 -3.36 3.38
N ARG A 22 -5.18 -2.18 3.30
CA ARG A 22 -6.59 -2.11 2.93
C ARG A 22 -6.81 -0.96 1.93
N ILE A 23 -7.21 -1.31 0.71
CA ILE A 23 -7.46 -0.32 -0.33
C ILE A 23 -8.94 0.08 -0.34
N ALA A 24 -9.19 1.38 -0.40
CA ALA A 24 -10.55 1.90 -0.43
C ALA A 24 -10.91 2.46 -1.80
N ARG A 25 -9.91 3.01 -2.48
CA ARG A 25 -10.10 3.57 -3.80
C ARG A 25 -8.79 3.55 -4.58
N SER A 26 -8.87 3.21 -5.86
CA SER A 26 -7.68 3.16 -6.71
C SER A 26 -7.96 3.72 -8.09
N VAL A 27 -6.89 4.02 -8.82
CA VAL A 27 -7.02 4.57 -10.18
C VAL A 27 -7.76 3.60 -11.10
N HIS A 28 -7.36 2.34 -11.06
CA HIS A 28 -7.98 1.32 -11.91
C HIS A 28 -8.91 0.43 -11.10
N ARG A 29 -10.07 0.12 -11.66
CA ARG A 29 -11.06 -0.72 -11.00
C ARG A 29 -10.58 -2.17 -10.91
N ASP A 30 -9.62 -2.52 -11.78
CA ASP A 30 -9.08 -3.88 -11.79
C ASP A 30 -8.35 -4.21 -10.48
N ILE A 31 -8.01 -3.17 -9.73
CA ILE A 31 -7.33 -3.35 -8.46
C ILE A 31 -7.94 -2.47 -7.36
N GLN A 32 -9.12 -1.92 -7.63
CA GLN A 32 -9.80 -1.06 -6.68
C GLN A 32 -10.58 -1.88 -5.65
N GLY A 33 -10.65 -1.37 -4.43
CA GLY A 33 -11.38 -2.05 -3.38
C GLY A 33 -10.78 -3.42 -3.05
N ILE A 34 -9.55 -3.64 -3.50
CA ILE A 34 -8.87 -4.90 -3.25
C ILE A 34 -7.83 -4.76 -2.14
N SER A 35 -8.04 -5.50 -1.05
CA SER A 35 -7.12 -5.46 0.08
C SER A 35 -6.07 -6.54 -0.04
N GLY A 36 -5.05 -6.51 0.82
CA GLY A 36 -4.01 -7.51 0.76
C GLY A 36 -2.95 -7.33 1.83
N ARG A 37 -1.87 -8.10 1.69
CA ARG A 37 -0.76 -8.06 2.64
C ARG A 37 0.39 -7.20 2.08
N VAL A 38 1.38 -6.90 2.90
CA VAL A 38 2.48 -6.00 2.50
C VAL A 38 3.78 -6.72 2.15
N VAL A 39 4.59 -6.08 1.30
CA VAL A 39 5.92 -6.60 0.96
C VAL A 39 6.93 -5.45 0.93
N ASP A 40 6.57 -4.38 0.21
CA ASP A 40 7.42 -3.20 0.11
C ASP A 40 6.60 -1.98 -0.31
N GLU A 41 7.18 -0.80 -0.19
CA GLU A 41 6.48 0.44 -0.55
C GLU A 41 7.34 1.29 -1.48
N THR A 42 6.74 1.76 -2.58
CA THR A 42 7.46 2.60 -3.53
C THR A 42 6.77 3.95 -3.65
N ARG A 43 7.56 5.00 -3.86
CA ARG A 43 7.03 6.35 -3.99
C ARG A 43 5.97 6.46 -5.08
N ASN A 44 5.86 5.45 -5.94
CA ASN A 44 4.87 5.48 -7.01
C ASN A 44 4.11 4.16 -7.17
N THR A 45 4.37 3.19 -6.29
CA THR A 45 3.66 1.91 -6.39
C THR A 45 3.68 1.16 -5.06
N LEU A 46 2.75 0.23 -4.92
CA LEU A 46 2.65 -0.58 -3.71
C LEU A 46 2.96 -2.04 -4.02
N ARG A 47 3.59 -2.72 -3.08
CA ARG A 47 3.92 -4.11 -3.27
C ARG A 47 3.34 -4.90 -2.10
N ILE A 48 2.50 -5.87 -2.42
CA ILE A 48 1.80 -6.67 -1.40
C ILE A 48 2.38 -8.08 -1.21
N GLU A 49 2.75 -8.39 0.02
CA GLU A 49 3.23 -9.73 0.34
C GLU A 49 2.50 -10.24 1.58
N MET A 50 2.14 -11.52 1.50
CA MET A 50 1.42 -12.23 2.54
C MET A 50 2.32 -13.23 3.25
N ASP A 51 2.30 -13.20 4.58
CA ASP A 51 3.12 -14.11 5.39
C ASP A 51 3.06 -15.53 4.88
N ASP A 52 1.95 -15.89 4.25
CA ASP A 52 1.77 -17.23 3.71
C ASP A 52 2.80 -17.53 2.62
N GLY A 53 3.51 -16.49 2.16
CA GLY A 53 4.51 -16.67 1.14
C GLY A 53 4.00 -16.24 -0.23
N ARG A 54 3.00 -15.37 -0.24
CA ARG A 54 2.43 -14.88 -1.49
C ARG A 54 2.89 -13.46 -1.77
N GLU A 55 2.79 -13.02 -3.03
CA GLU A 55 3.20 -11.68 -3.40
C GLU A 55 2.41 -11.16 -4.60
N ILE A 56 2.08 -9.87 -4.55
CA ILE A 56 1.33 -9.22 -5.62
C ILE A 56 1.55 -7.70 -5.58
N THR A 57 1.63 -7.07 -6.76
CA THR A 57 1.86 -5.63 -6.83
C THR A 57 0.55 -4.86 -7.01
N VAL A 58 0.54 -3.59 -6.58
CA VAL A 58 -0.64 -2.74 -6.70
C VAL A 58 -0.25 -1.28 -6.94
N PRO A 59 -0.97 -0.56 -7.83
CA PRO A 59 -0.68 0.85 -8.15
C PRO A 59 -1.24 1.82 -7.12
N LYS A 60 -0.35 2.53 -6.41
CA LYS A 60 -0.76 3.49 -5.39
C LYS A 60 -0.70 4.93 -5.90
N GLY A 61 -0.27 5.14 -7.13
CA GLY A 61 -0.15 6.50 -7.65
C GLY A 61 -1.40 7.32 -7.41
N ILE A 62 -2.55 6.66 -7.29
CA ILE A 62 -3.80 7.33 -7.02
C ILE A 62 -4.74 6.38 -6.30
N ALA A 63 -4.33 5.94 -5.11
CA ALA A 63 -5.15 5.01 -4.34
C ALA A 63 -5.02 5.17 -2.83
N VAL A 64 -6.12 5.51 -2.17
CA VAL A 64 -6.14 5.66 -0.72
C VAL A 64 -6.25 4.29 -0.06
N PHE A 65 -5.49 4.07 1.00
CA PHE A 65 -5.50 2.80 1.69
C PHE A 65 -5.06 2.95 3.14
N HIS A 66 -5.27 1.90 3.93
CA HIS A 66 -4.90 1.91 5.33
C HIS A 66 -4.21 0.61 5.72
N PHE A 67 -3.04 0.72 6.36
CA PHE A 67 -2.29 -0.45 6.80
C PHE A 67 -2.64 -0.81 8.23
N ARG A 68 -3.19 -2.00 8.43
CA ARG A 68 -3.57 -2.47 9.76
C ARG A 68 -2.45 -3.27 10.39
N THR A 69 -2.32 -3.17 11.71
CA THR A 69 -1.28 -3.90 12.44
C THR A 69 -1.91 -4.82 13.48
N PRO A 70 -1.59 -6.12 13.44
CA PRO A 70 -2.12 -7.10 14.39
C PRO A 70 -2.00 -6.63 15.83
N GLN A 71 -0.94 -5.89 16.12
CA GLN A 71 -0.72 -5.37 17.47
C GLN A 71 -1.85 -4.42 17.88
N GLY A 72 -2.63 -3.97 16.90
CA GLY A 72 -3.72 -3.06 17.18
C GLY A 72 -3.40 -1.63 16.81
N GLU A 73 -2.84 -1.43 15.63
CA GLU A 73 -2.49 -0.10 15.15
C GLU A 73 -3.17 0.21 13.82
N LEU A 74 -3.36 1.49 13.54
CA LEU A 74 -4.00 1.92 12.30
C LEU A 74 -3.15 2.94 11.56
N VAL A 75 -2.76 2.60 10.34
CA VAL A 75 -1.94 3.51 9.52
C VAL A 75 -2.71 3.93 8.27
N GLU A 76 -2.57 5.19 7.88
CA GLU A 76 -3.27 5.70 6.70
C GLU A 76 -2.34 6.45 5.76
N ILE A 77 -2.47 6.15 4.47
CA ILE A 77 -1.66 6.81 3.44
C ILE A 77 -2.52 7.07 2.21
N ASP A 78 -2.52 8.31 1.73
CA ASP A 78 -3.32 8.67 0.57
C ASP A 78 -2.57 8.45 -0.73
N GLY A 79 -2.87 7.34 -1.38
CA GLY A 79 -2.25 7.01 -2.64
C GLY A 79 -2.50 8.07 -3.71
N ARG A 80 -3.43 8.98 -3.45
CA ARG A 80 -3.77 10.02 -4.40
C ARG A 80 -2.81 11.19 -4.35
N ALA A 81 -2.85 11.92 -3.25
CA ALA A 81 -2.01 13.10 -3.08
C ALA A 81 -0.77 12.87 -2.23
N LEU A 82 -0.94 12.15 -1.13
CA LEU A 82 0.17 11.87 -0.22
C LEU A 82 1.37 11.25 -0.93
N VAL A 83 1.14 10.67 -2.10
CA VAL A 83 2.23 10.04 -2.85
C VAL A 83 3.31 11.07 -3.19
N ALA A 84 4.39 11.05 -2.42
CA ALA A 84 5.50 11.97 -2.64
C ALA A 84 6.59 11.32 -3.47
N ARG A 85 6.76 11.80 -4.70
CA ARG A 85 7.79 11.26 -5.60
C ARG A 85 9.03 12.16 -5.61
N PRO A 86 10.10 11.74 -4.94
CA PRO A 86 11.35 12.52 -4.88
C PRO A 86 12.21 12.34 -6.11
N GLU A 87 11.63 12.56 -7.28
CA GLU A 87 12.35 12.44 -8.54
C GLU A 87 12.56 13.80 -9.18
N GLU A 88 11.53 14.63 -9.12
CA GLU A 88 11.58 15.97 -9.68
C GLU A 88 11.65 17.01 -8.56
N ARG A 89 10.75 16.89 -7.59
CA ARG A 89 10.71 17.82 -6.46
C ARG A 89 9.58 17.45 -5.50
N ILE A 90 9.75 17.79 -4.23
CA ILE A 90 8.74 17.49 -3.22
C ILE A 90 8.00 18.75 -2.79
N ARG A 13 7.60 -0.72 15.90
CA ARG A 13 7.43 0.28 14.86
C ARG A 13 8.61 0.27 13.89
N HIS A 14 9.25 -0.88 13.75
CA HIS A 14 10.39 -1.02 12.84
C HIS A 14 10.04 -1.90 11.64
N GLU A 15 10.55 -1.52 10.48
CA GLU A 15 10.28 -2.27 9.25
C GLU A 15 8.80 -2.27 8.92
N LEU A 16 8.46 -1.75 7.74
CA LEU A 16 7.08 -1.69 7.29
C LEU A 16 6.64 -3.03 6.69
N ILE A 17 7.60 -3.80 6.20
CA ILE A 17 7.32 -5.10 5.59
C ILE A 17 6.81 -6.09 6.64
N GLY A 18 5.78 -6.85 6.28
CA GLY A 18 5.22 -7.82 7.19
C GLY A 18 3.92 -7.35 7.83
N LEU A 19 3.36 -6.27 7.30
CA LEU A 19 2.11 -5.73 7.82
C LEU A 19 0.97 -5.94 6.83
N SER A 20 -0.27 -5.75 7.30
CA SER A 20 -1.44 -5.92 6.46
C SER A 20 -1.86 -4.58 5.86
N VAL A 21 -2.61 -4.64 4.76
CA VAL A 21 -3.07 -3.43 4.09
C VAL A 21 -4.58 -3.48 3.83
N ARG A 22 -5.18 -2.30 3.72
CA ARG A 22 -6.61 -2.18 3.46
C ARG A 22 -6.87 -0.97 2.57
N ILE A 23 -6.97 -1.21 1.26
CA ILE A 23 -7.20 -0.14 0.30
C ILE A 23 -8.66 0.29 0.28
N ALA A 24 -8.87 1.62 0.24
CA ALA A 24 -10.22 2.18 0.20
C ALA A 24 -10.51 2.72 -1.19
N ARG A 25 -9.45 3.12 -1.89
CA ARG A 25 -9.57 3.65 -3.25
C ARG A 25 -8.34 3.27 -4.07
N SER A 26 -8.57 3.00 -5.33
CA SER A 26 -7.48 2.62 -6.24
C SER A 26 -7.65 3.28 -7.61
N VAL A 27 -6.57 3.26 -8.39
CA VAL A 27 -6.60 3.85 -9.73
C VAL A 27 -7.66 3.19 -10.61
N HIS A 28 -7.56 1.88 -10.77
CA HIS A 28 -8.51 1.12 -11.58
C HIS A 28 -9.52 0.39 -10.70
N ARG A 29 -10.79 0.44 -11.12
CA ARG A 29 -11.86 -0.22 -10.36
C ARG A 29 -11.55 -1.68 -10.08
N ASP A 30 -10.69 -2.26 -10.90
CA ASP A 30 -10.31 -3.66 -10.74
C ASP A 30 -9.35 -3.86 -9.56
N ILE A 31 -8.83 -2.75 -9.03
CA ILE A 31 -7.91 -2.81 -7.91
C ILE A 31 -8.42 -2.00 -6.71
N GLN A 32 -9.62 -1.44 -6.84
CA GLN A 32 -10.21 -0.65 -5.77
C GLN A 32 -10.97 -1.52 -4.77
N GLY A 33 -11.04 -1.06 -3.53
CA GLY A 33 -11.76 -1.79 -2.50
C GLY A 33 -11.16 -3.16 -2.23
N ILE A 34 -9.91 -3.36 -2.65
CA ILE A 34 -9.24 -4.64 -2.44
C ILE A 34 -8.24 -4.56 -1.30
N SER A 35 -8.34 -5.50 -0.37
CA SER A 35 -7.43 -5.56 0.77
C SER A 35 -6.35 -6.62 0.53
N GLY A 36 -5.24 -6.51 1.24
CA GLY A 36 -4.17 -7.47 1.08
C GLY A 36 -3.04 -7.31 2.07
N ARG A 37 -1.89 -7.89 1.74
CA ARG A 37 -0.72 -7.83 2.60
C ARG A 37 0.44 -7.09 1.93
N VAL A 38 1.49 -6.87 2.69
CA VAL A 38 2.62 -6.08 2.20
C VAL A 38 3.80 -6.92 1.71
N VAL A 39 4.56 -6.36 0.77
CA VAL A 39 5.75 -7.01 0.25
C VAL A 39 6.88 -6.00 0.08
N ASP A 40 6.56 -4.86 -0.54
CA ASP A 40 7.54 -3.80 -0.78
C ASP A 40 6.83 -2.47 -1.01
N GLU A 41 7.57 -1.37 -0.88
CA GLU A 41 7.00 -0.04 -1.09
C GLU A 41 7.86 0.78 -2.05
N THR A 42 7.22 1.36 -3.07
CA THR A 42 7.93 2.17 -4.04
C THR A 42 7.38 3.59 -4.07
N ARG A 43 8.23 4.56 -4.38
CA ARG A 43 7.82 5.96 -4.42
C ARG A 43 6.67 6.19 -5.40
N ASN A 44 6.41 5.24 -6.29
CA ASN A 44 5.32 5.39 -7.25
C ASN A 44 4.47 4.13 -7.38
N THR A 45 4.69 3.14 -6.50
CA THR A 45 3.90 1.91 -6.56
C THR A 45 3.91 1.17 -5.23
N LEU A 46 2.86 0.37 -5.02
CA LEU A 46 2.74 -0.42 -3.81
C LEU A 46 2.87 -1.90 -4.13
N ARG A 47 3.67 -2.60 -3.35
CA ARG A 47 3.88 -4.02 -3.54
C ARG A 47 3.21 -4.76 -2.37
N ILE A 48 2.33 -5.70 -2.69
CA ILE A 48 1.55 -6.42 -1.66
C ILE A 48 1.90 -7.92 -1.55
N GLU A 49 2.36 -8.34 -0.36
CA GLU A 49 2.62 -9.75 -0.12
C GLU A 49 1.98 -10.17 1.19
N MET A 50 1.43 -11.39 1.16
CA MET A 50 0.79 -12.00 2.31
C MET A 50 1.51 -13.29 2.71
N ASP A 51 1.73 -13.45 4.02
CA ASP A 51 2.44 -14.60 4.56
C ASP A 51 2.01 -15.91 3.91
N ASP A 52 0.79 -15.94 3.40
CA ASP A 52 0.30 -17.14 2.72
C ASP A 52 1.20 -17.51 1.55
N GLY A 53 2.05 -16.56 1.14
CA GLY A 53 2.95 -16.78 0.03
C GLY A 53 2.42 -16.18 -1.25
N ARG A 54 1.46 -15.28 -1.12
CA ARG A 54 0.85 -14.63 -2.27
C ARG A 54 1.33 -13.19 -2.41
N GLU A 55 1.84 -12.85 -3.59
CA GLU A 55 2.33 -11.50 -3.85
C GLU A 55 1.57 -10.87 -5.01
N ILE A 56 1.36 -9.56 -4.91
CA ILE A 56 0.64 -8.81 -5.96
C ILE A 56 0.97 -7.33 -5.87
N THR A 57 0.95 -6.65 -7.02
CA THR A 57 1.26 -5.22 -7.07
C THR A 57 -0.01 -4.37 -7.10
N VAL A 58 0.10 -3.13 -6.62
CA VAL A 58 -1.03 -2.20 -6.59
C VAL A 58 -0.57 -0.75 -6.76
N PRO A 59 -1.19 0.00 -7.70
CA PRO A 59 -0.84 1.41 -7.97
C PRO A 59 -1.10 2.33 -6.77
N LYS A 60 -0.06 3.07 -6.38
CA LYS A 60 -0.15 4.00 -5.25
C LYS A 60 -0.30 5.45 -5.72
N GLY A 61 -0.31 5.67 -7.03
CA GLY A 61 -0.41 7.03 -7.55
C GLY A 61 -1.51 7.85 -6.91
N ILE A 62 -2.70 7.30 -6.82
CA ILE A 62 -3.81 7.97 -6.23
C ILE A 62 -4.74 6.97 -5.55
N ALA A 63 -4.20 6.26 -4.57
CA ALA A 63 -4.98 5.24 -3.88
C ALA A 63 -4.90 5.32 -2.36
N VAL A 64 -6.03 5.68 -1.74
CA VAL A 64 -6.10 5.75 -0.28
C VAL A 64 -6.07 4.35 0.31
N PHE A 65 -5.09 4.08 1.17
CA PHE A 65 -4.96 2.75 1.77
C PHE A 65 -4.53 2.82 3.22
N HIS A 66 -5.04 1.88 4.02
CA HIS A 66 -4.72 1.82 5.45
C HIS A 66 -3.92 0.55 5.77
N PHE A 67 -2.85 0.71 6.54
CA PHE A 67 -2.01 -0.43 6.90
C PHE A 67 -2.31 -0.90 8.34
N ARG A 68 -2.79 -2.13 8.46
CA ARG A 68 -3.09 -2.69 9.77
C ARG A 68 -1.85 -3.32 10.40
N THR A 69 -1.65 -3.06 11.69
CA THR A 69 -0.49 -3.59 12.40
C THR A 69 -0.94 -4.56 13.49
N PRO A 70 -0.39 -5.81 13.47
CA PRO A 70 -0.73 -6.84 14.45
C PRO A 70 -0.84 -6.32 15.88
N GLN A 71 -0.10 -5.25 16.18
CA GLN A 71 -0.12 -4.66 17.51
C GLN A 71 -1.52 -4.19 17.86
N GLY A 72 -2.38 -4.04 16.84
CA GLY A 72 -3.74 -3.60 17.07
C GLY A 72 -3.94 -2.15 16.69
N GLU A 73 -3.13 -1.68 15.74
CA GLU A 73 -3.23 -0.29 15.29
C GLU A 73 -3.41 -0.22 13.77
N LEU A 74 -3.98 0.88 13.30
CA LEU A 74 -4.20 1.07 11.87
C LEU A 74 -3.59 2.38 11.38
N VAL A 75 -2.74 2.27 10.37
CA VAL A 75 -2.10 3.44 9.78
C VAL A 75 -2.81 3.86 8.49
N GLU A 76 -2.87 5.15 8.24
CA GLU A 76 -3.54 5.66 7.03
C GLU A 76 -2.58 6.46 6.16
N ILE A 77 -2.58 6.15 4.86
CA ILE A 77 -1.73 6.84 3.90
C ILE A 77 -2.49 7.09 2.61
N ASP A 78 -2.84 8.36 2.38
CA ASP A 78 -3.60 8.72 1.18
C ASP A 78 -2.76 8.58 -0.08
N GLY A 79 -2.96 7.47 -0.78
CA GLY A 79 -2.26 7.21 -2.02
C GLY A 79 -2.41 8.31 -3.05
N ARG A 80 -3.32 9.25 -2.79
CA ARG A 80 -3.59 10.34 -3.72
C ARG A 80 -2.54 11.46 -3.64
N ALA A 81 -2.47 12.12 -2.50
CA ALA A 81 -1.57 13.25 -2.33
C ALA A 81 -0.29 12.89 -1.56
N LEU A 82 -0.12 11.64 -1.15
CA LEU A 82 1.07 11.26 -0.40
C LEU A 82 2.13 10.61 -1.28
N VAL A 83 1.89 10.55 -2.59
CA VAL A 83 2.85 9.95 -3.50
C VAL A 83 4.03 10.90 -3.76
N ALA A 84 5.19 10.54 -3.24
CA ALA A 84 6.39 11.36 -3.41
C ALA A 84 7.30 10.77 -4.48
N ARG A 85 7.39 11.47 -5.61
CA ARG A 85 8.23 11.02 -6.72
C ARG A 85 9.68 11.49 -6.54
N PRO A 86 10.64 10.75 -7.11
CA PRO A 86 12.06 11.07 -7.01
C PRO A 86 12.51 12.15 -8.01
N GLU A 87 12.99 11.72 -9.17
CA GLU A 87 13.47 12.65 -10.20
C GLU A 87 12.45 13.74 -10.51
N GLU A 88 11.18 13.45 -10.26
CA GLU A 88 10.11 14.41 -10.51
C GLU A 88 10.11 15.51 -9.46
N ARG A 89 10.78 15.26 -8.33
CA ARG A 89 10.86 16.24 -7.25
C ARG A 89 9.47 16.53 -6.67
N ILE A 90 9.43 17.26 -5.57
CA ILE A 90 8.18 17.60 -4.91
C ILE A 90 7.89 19.09 -5.02
#